data_1ZV1
# 
_entry.id   1ZV1 
# 
_audit_conform.dict_name       mmcif_pdbx.dic 
_audit_conform.dict_version    5.387 
_audit_conform.dict_location   http://mmcif.pdb.org/dictionaries/ascii/mmcif_pdbx.dic 
# 
loop_
_database_2.database_id 
_database_2.database_code 
_database_2.pdbx_database_accession 
_database_2.pdbx_DOI 
PDB   1ZV1         pdb_00001zv1 10.2210/pdb1zv1/pdb 
RCSB  RCSB033152   ?            ?                   
WWPDB D_1000033152 ?            ?                   
# 
loop_
_pdbx_audit_revision_history.ordinal 
_pdbx_audit_revision_history.data_content_type 
_pdbx_audit_revision_history.major_revision 
_pdbx_audit_revision_history.minor_revision 
_pdbx_audit_revision_history.revision_date 
1 'Structure model' 1 0 2005-08-09 
2 'Structure model' 1 1 2008-04-30 
3 'Structure model' 1 2 2011-07-13 
4 'Structure model' 1 3 2019-07-24 
5 'Structure model' 1 4 2024-02-14 
# 
_pdbx_audit_revision_details.ordinal             1 
_pdbx_audit_revision_details.revision_ordinal    1 
_pdbx_audit_revision_details.data_content_type   'Structure model' 
_pdbx_audit_revision_details.provider            repository 
_pdbx_audit_revision_details.type                'Initial release' 
_pdbx_audit_revision_details.description         ? 
_pdbx_audit_revision_details.details             ? 
# 
loop_
_pdbx_audit_revision_group.ordinal 
_pdbx_audit_revision_group.revision_ordinal 
_pdbx_audit_revision_group.data_content_type 
_pdbx_audit_revision_group.group 
1 2 'Structure model' 'Version format compliance' 
2 3 'Structure model' 'Version format compliance' 
3 4 'Structure model' 'Data collection'           
4 4 'Structure model' 'Refinement description'    
5 5 'Structure model' 'Data collection'           
6 5 'Structure model' 'Database references'       
# 
loop_
_pdbx_audit_revision_category.ordinal 
_pdbx_audit_revision_category.revision_ordinal 
_pdbx_audit_revision_category.data_content_type 
_pdbx_audit_revision_category.category 
1 4 'Structure model' software           
2 5 'Structure model' chem_comp_atom     
3 5 'Structure model' chem_comp_bond     
4 5 'Structure model' database_2         
5 5 'Structure model' struct_ref_seq_dif 
# 
loop_
_pdbx_audit_revision_item.ordinal 
_pdbx_audit_revision_item.revision_ordinal 
_pdbx_audit_revision_item.data_content_type 
_pdbx_audit_revision_item.item 
1 4 'Structure model' '_software.name'                      
2 4 'Structure model' '_software.version'                   
3 5 'Structure model' '_database_2.pdbx_DOI'                
4 5 'Structure model' '_database_2.pdbx_database_accession' 
5 5 'Structure model' '_struct_ref_seq_dif.details'         
# 
_pdbx_database_status.status_code                     REL 
_pdbx_database_status.entry_id                        1ZV1 
_pdbx_database_status.recvd_initial_deposition_date   2005-06-01 
_pdbx_database_status.deposit_site                    RCSB 
_pdbx_database_status.process_site                    RCSB 
_pdbx_database_status.status_code_sf                  REL 
_pdbx_database_status.status_code_mr                  ? 
_pdbx_database_status.SG_entry                        ? 
_pdbx_database_status.pdb_format_compatible           Y 
_pdbx_database_status.status_code_cs                  ? 
_pdbx_database_status.methods_development_category    ? 
_pdbx_database_status.status_code_nmr_data            ? 
# 
loop_
_audit_author.name 
_audit_author.pdbx_ordinal 
'Weiss, M.A.'    1 
'Bayrer, J.R.'   2 
'Wan, Z.'        3 
'Li, B.'         4 
'Phillips, N.B.' 5 
# 
_citation.id                        primary 
_citation.title                     
'Dimerization of doublesex is mediated by a cryptic ubiquitin-associated domain fold: implications for sex-specific gene regulation' 
_citation.journal_abbrev            J.Biol.Chem. 
_citation.journal_volume            280 
_citation.page_first                32989 
_citation.page_last                 32996 
_citation.year                      2005 
_citation.journal_id_ASTM           JBCHA3 
_citation.country                   US 
_citation.journal_id_ISSN           0021-9258 
_citation.journal_id_CSD            0071 
_citation.book_publisher            ? 
_citation.pdbx_database_id_PubMed   16049008 
_citation.pdbx_database_id_DOI      10.1074/jbc.M507990200 
# 
loop_
_citation_author.citation_id 
_citation_author.name 
_citation_author.ordinal 
_citation_author.identifier_ORCID 
primary 'Bayrer, J.R.' 1 ? 
primary 'Zhang, W.'    2 ? 
primary 'Weiss, M.A.'  3 ? 
# 
loop_
_entity.id 
_entity.type 
_entity.src_method 
_entity.pdbx_description 
_entity.formula_weight 
_entity.pdbx_number_of_molecules 
_entity.pdbx_ec 
_entity.pdbx_mutation 
_entity.pdbx_fragment 
_entity.details 
1 polymer man 'Doublesex protein' 7745.735 2   ? ? 'DIMERIZATION DOMAIN' ? 
2 water   nat water               18.015   126 ? ? ?                     ? 
# 
_entity_poly.entity_id                      1 
_entity_poly.type                           'polypeptide(L)' 
_entity_poly.nstd_linkage                   no 
_entity_poly.nstd_monomer                   no 
_entity_poly.pdbx_seq_one_letter_code       GSPLGQDVFLDYCQKLLEKFRYPWELMPLMYVILKDADANIEEASRRIEEGQYVVNEYSRQHNLN 
_entity_poly.pdbx_seq_one_letter_code_can   GSPLGQDVFLDYCQKLLEKFRYPWELMPLMYVILKDADANIEEASRRIEEGQYVVNEYSRQHNLN 
_entity_poly.pdbx_strand_id                 A,B 
_entity_poly.pdbx_target_identifier         ? 
# 
_pdbx_entity_nonpoly.entity_id   2 
_pdbx_entity_nonpoly.name        water 
_pdbx_entity_nonpoly.comp_id     HOH 
# 
loop_
_entity_poly_seq.entity_id 
_entity_poly_seq.num 
_entity_poly_seq.mon_id 
_entity_poly_seq.hetero 
1 1  GLY n 
1 2  SER n 
1 3  PRO n 
1 4  LEU n 
1 5  GLY n 
1 6  GLN n 
1 7  ASP n 
1 8  VAL n 
1 9  PHE n 
1 10 LEU n 
1 11 ASP n 
1 12 TYR n 
1 13 CYS n 
1 14 GLN n 
1 15 LYS n 
1 16 LEU n 
1 17 LEU n 
1 18 GLU n 
1 19 LYS n 
1 20 PHE n 
1 21 ARG n 
1 22 TYR n 
1 23 PRO n 
1 24 TRP n 
1 25 GLU n 
1 26 LEU n 
1 27 MET n 
1 28 PRO n 
1 29 LEU n 
1 30 MET n 
1 31 TYR n 
1 32 VAL n 
1 33 ILE n 
1 34 LEU n 
1 35 LYS n 
1 36 ASP n 
1 37 ALA n 
1 38 ASP n 
1 39 ALA n 
1 40 ASN n 
1 41 ILE n 
1 42 GLU n 
1 43 GLU n 
1 44 ALA n 
1 45 SER n 
1 46 ARG n 
1 47 ARG n 
1 48 ILE n 
1 49 GLU n 
1 50 GLU n 
1 51 GLY n 
1 52 GLN n 
1 53 TYR n 
1 54 VAL n 
1 55 VAL n 
1 56 ASN n 
1 57 GLU n 
1 58 TYR n 
1 59 SER n 
1 60 ARG n 
1 61 GLN n 
1 62 HIS n 
1 63 ASN n 
1 64 LEU n 
1 65 ASN n 
# 
_entity_src_gen.entity_id                          1 
_entity_src_gen.pdbx_src_id                        1 
_entity_src_gen.pdbx_alt_source_flag               sample 
_entity_src_gen.pdbx_seq_type                      ? 
_entity_src_gen.pdbx_beg_seq_num                   ? 
_entity_src_gen.pdbx_end_seq_num                   ? 
_entity_src_gen.gene_src_common_name               'fruit fly' 
_entity_src_gen.gene_src_genus                     Drosophila 
_entity_src_gen.pdbx_gene_src_gene                 dsx 
_entity_src_gen.gene_src_species                   ? 
_entity_src_gen.gene_src_strain                    ? 
_entity_src_gen.gene_src_tissue                    ? 
_entity_src_gen.gene_src_tissue_fraction           ? 
_entity_src_gen.gene_src_details                   ? 
_entity_src_gen.pdbx_gene_src_fragment             ? 
_entity_src_gen.pdbx_gene_src_scientific_name      'Drosophila melanogaster' 
_entity_src_gen.pdbx_gene_src_ncbi_taxonomy_id     7227 
_entity_src_gen.pdbx_gene_src_variant              ? 
_entity_src_gen.pdbx_gene_src_cell_line            ? 
_entity_src_gen.pdbx_gene_src_atcc                 ? 
_entity_src_gen.pdbx_gene_src_organ                ? 
_entity_src_gen.pdbx_gene_src_organelle            ? 
_entity_src_gen.pdbx_gene_src_cell                 ? 
_entity_src_gen.pdbx_gene_src_cellular_location    ? 
_entity_src_gen.host_org_common_name               ? 
_entity_src_gen.pdbx_host_org_scientific_name      'Escherichia coli' 
_entity_src_gen.pdbx_host_org_ncbi_taxonomy_id     562 
_entity_src_gen.host_org_genus                     Escherichia 
_entity_src_gen.pdbx_host_org_gene                 ? 
_entity_src_gen.pdbx_host_org_organ                ? 
_entity_src_gen.host_org_species                   ? 
_entity_src_gen.pdbx_host_org_tissue               ? 
_entity_src_gen.pdbx_host_org_tissue_fraction      ? 
_entity_src_gen.pdbx_host_org_strain               ? 
_entity_src_gen.pdbx_host_org_variant              ? 
_entity_src_gen.pdbx_host_org_cell_line            ? 
_entity_src_gen.pdbx_host_org_atcc                 ? 
_entity_src_gen.pdbx_host_org_culture_collection   ? 
_entity_src_gen.pdbx_host_org_cell                 ? 
_entity_src_gen.pdbx_host_org_organelle            ? 
_entity_src_gen.pdbx_host_org_cellular_location    ? 
_entity_src_gen.pdbx_host_org_vector_type          ? 
_entity_src_gen.pdbx_host_org_vector               ? 
_entity_src_gen.host_org_details                   ? 
_entity_src_gen.expression_system_id               ? 
_entity_src_gen.plasmid_name                       ? 
_entity_src_gen.plasmid_details                    ? 
_entity_src_gen.pdbx_description                   ? 
# 
loop_
_chem_comp.id 
_chem_comp.type 
_chem_comp.mon_nstd_flag 
_chem_comp.name 
_chem_comp.pdbx_synonyms 
_chem_comp.formula 
_chem_comp.formula_weight 
ALA 'L-peptide linking' y ALANINE         ? 'C3 H7 N O2'     89.093  
ARG 'L-peptide linking' y ARGININE        ? 'C6 H15 N4 O2 1' 175.209 
ASN 'L-peptide linking' y ASPARAGINE      ? 'C4 H8 N2 O3'    132.118 
ASP 'L-peptide linking' y 'ASPARTIC ACID' ? 'C4 H7 N O4'     133.103 
CYS 'L-peptide linking' y CYSTEINE        ? 'C3 H7 N O2 S'   121.158 
GLN 'L-peptide linking' y GLUTAMINE       ? 'C5 H10 N2 O3'   146.144 
GLU 'L-peptide linking' y 'GLUTAMIC ACID' ? 'C5 H9 N O4'     147.129 
GLY 'peptide linking'   y GLYCINE         ? 'C2 H5 N O2'     75.067  
HIS 'L-peptide linking' y HISTIDINE       ? 'C6 H10 N3 O2 1' 156.162 
HOH non-polymer         . WATER           ? 'H2 O'           18.015  
ILE 'L-peptide linking' y ISOLEUCINE      ? 'C6 H13 N O2'    131.173 
LEU 'L-peptide linking' y LEUCINE         ? 'C6 H13 N O2'    131.173 
LYS 'L-peptide linking' y LYSINE          ? 'C6 H15 N2 O2 1' 147.195 
MET 'L-peptide linking' y METHIONINE      ? 'C5 H11 N O2 S'  149.211 
PHE 'L-peptide linking' y PHENYLALANINE   ? 'C9 H11 N O2'    165.189 
PRO 'L-peptide linking' y PROLINE         ? 'C5 H9 N O2'     115.130 
SER 'L-peptide linking' y SERINE          ? 'C3 H7 N O3'     105.093 
TRP 'L-peptide linking' y TRYPTOPHAN      ? 'C11 H12 N2 O2'  204.225 
TYR 'L-peptide linking' y TYROSINE        ? 'C9 H11 N O3'    181.189 
VAL 'L-peptide linking' y VALINE          ? 'C5 H11 N O2'    117.146 
# 
loop_
_pdbx_poly_seq_scheme.asym_id 
_pdbx_poly_seq_scheme.entity_id 
_pdbx_poly_seq_scheme.seq_id 
_pdbx_poly_seq_scheme.mon_id 
_pdbx_poly_seq_scheme.ndb_seq_num 
_pdbx_poly_seq_scheme.pdb_seq_num 
_pdbx_poly_seq_scheme.auth_seq_num 
_pdbx_poly_seq_scheme.pdb_mon_id 
_pdbx_poly_seq_scheme.auth_mon_id 
_pdbx_poly_seq_scheme.pdb_strand_id 
_pdbx_poly_seq_scheme.pdb_ins_code 
_pdbx_poly_seq_scheme.hetero 
A 1 1  GLY 1  1  ?  ?   ?   A . n 
A 1 2  SER 2  2  ?  ?   ?   A . n 
A 1 3  PRO 3  3  ?  ?   ?   A . n 
A 1 4  LEU 4  4  ?  ?   ?   A . n 
A 1 5  GLY 5  5  ?  ?   ?   A . n 
A 1 6  GLN 6  6  6  GLN GLN A . n 
A 1 7  ASP 7  7  7  ASP ASP A . n 
A 1 8  VAL 8  8  8  VAL VAL A . n 
A 1 9  PHE 9  9  9  PHE PHE A . n 
A 1 10 LEU 10 10 10 LEU LEU A . n 
A 1 11 ASP 11 11 11 ASP ASP A . n 
A 1 12 TYR 12 12 12 TYR TYR A . n 
A 1 13 CYS 13 13 13 CYS CYS A . n 
A 1 14 GLN 14 14 14 GLN GLN A . n 
A 1 15 LYS 15 15 15 LYS LYS A . n 
A 1 16 LEU 16 16 16 LEU LEU A . n 
A 1 17 LEU 17 17 17 LEU LEU A . n 
A 1 18 GLU 18 18 18 GLU GLU A . n 
A 1 19 LYS 19 19 19 LYS LYS A . n 
A 1 20 PHE 20 20 20 PHE PHE A . n 
A 1 21 ARG 21 21 21 ARG ARG A . n 
A 1 22 TYR 22 22 22 TYR TYR A . n 
A 1 23 PRO 23 23 23 PRO PRO A . n 
A 1 24 TRP 24 24 24 TRP TRP A . n 
A 1 25 GLU 25 25 25 GLU GLU A . n 
A 1 26 LEU 26 26 26 LEU LEU A . n 
A 1 27 MET 27 27 27 MET MET A . n 
A 1 28 PRO 28 28 28 PRO PRO A . n 
A 1 29 LEU 29 29 29 LEU LEU A . n 
A 1 30 MET 30 30 30 MET MET A . n 
A 1 31 TYR 31 31 31 TYR TYR A . n 
A 1 32 VAL 32 32 32 VAL VAL A . n 
A 1 33 ILE 33 33 33 ILE ILE A . n 
A 1 34 LEU 34 34 34 LEU LEU A . n 
A 1 35 LYS 35 35 35 LYS LYS A . n 
A 1 36 ASP 36 36 36 ASP ASP A . n 
A 1 37 ALA 37 37 37 ALA ALA A . n 
A 1 38 ASP 38 38 38 ASP ASP A . n 
A 1 39 ALA 39 39 39 ALA ALA A . n 
A 1 40 ASN 40 40 40 ASN ASN A . n 
A 1 41 ILE 41 41 41 ILE ILE A . n 
A 1 42 GLU 42 42 42 GLU GLU A . n 
A 1 43 GLU 43 43 43 GLU GLU A . n 
A 1 44 ALA 44 44 44 ALA ALA A . n 
A 1 45 SER 45 45 45 SER SER A . n 
A 1 46 ARG 46 46 46 ARG ARG A . n 
A 1 47 ARG 47 47 47 ARG ARG A . n 
A 1 48 ILE 48 48 48 ILE ILE A . n 
A 1 49 GLU 49 49 49 GLU GLU A . n 
A 1 50 GLU 50 50 50 GLU GLU A . n 
A 1 51 GLY 51 51 51 GLY GLY A . n 
A 1 52 GLN 52 52 52 GLN GLN A . n 
A 1 53 TYR 53 53 53 TYR TYR A . n 
A 1 54 VAL 54 54 54 VAL VAL A . n 
A 1 55 VAL 55 55 55 VAL VAL A . n 
A 1 56 ASN 56 56 56 ASN ASN A . n 
A 1 57 GLU 57 57 57 GLU GLU A . n 
A 1 58 TYR 58 58 58 TYR TYR A . n 
A 1 59 SER 59 59 59 SER SER A . n 
A 1 60 ARG 60 60 60 ARG ALA A . n 
A 1 61 GLN 61 61 61 GLN ALA A . n 
A 1 62 HIS 62 62 62 HIS ALA A . n 
A 1 63 ASN 63 63 63 ASN ALA A . n 
A 1 64 LEU 64 64 64 LEU ALA A . n 
A 1 65 ASN 65 65 ?  ?   ?   A . n 
B 1 1  GLY 1  1  ?  ?   ?   B . n 
B 1 2  SER 2  2  ?  ?   ?   B . n 
B 1 3  PRO 3  3  ?  ?   ?   B . n 
B 1 4  LEU 4  4  ?  ?   ?   B . n 
B 1 5  GLY 5  5  ?  ?   ?   B . n 
B 1 6  GLN 6  6  6  GLN GLN B . n 
B 1 7  ASP 7  7  7  ASP ASP B . n 
B 1 8  VAL 8  8  8  VAL VAL B . n 
B 1 9  PHE 9  9  9  PHE PHE B . n 
B 1 10 LEU 10 10 10 LEU LEU B . n 
B 1 11 ASP 11 11 11 ASP ASP B . n 
B 1 12 TYR 12 12 12 TYR TYR B . n 
B 1 13 CYS 13 13 13 CYS CYS B . n 
B 1 14 GLN 14 14 14 GLN GLN B . n 
B 1 15 LYS 15 15 15 LYS LYS B . n 
B 1 16 LEU 16 16 16 LEU LEU B . n 
B 1 17 LEU 17 17 17 LEU LEU B . n 
B 1 18 GLU 18 18 18 GLU GLU B . n 
B 1 19 LYS 19 19 19 LYS LYS B . n 
B 1 20 PHE 20 20 20 PHE PHE B . n 
B 1 21 ARG 21 21 21 ARG ARG B . n 
B 1 22 TYR 22 22 22 TYR TYR B . n 
B 1 23 PRO 23 23 23 PRO PRO B . n 
B 1 24 TRP 24 24 24 TRP TRP B . n 
B 1 25 GLU 25 25 25 GLU GLU B . n 
B 1 26 LEU 26 26 26 LEU LEU B . n 
B 1 27 MET 27 27 27 MET MET B . n 
B 1 28 PRO 28 28 28 PRO PRO B . n 
B 1 29 LEU 29 29 29 LEU LEU B . n 
B 1 30 MET 30 30 30 MET MET B . n 
B 1 31 TYR 31 31 31 TYR TYR B . n 
B 1 32 VAL 32 32 32 VAL VAL B . n 
B 1 33 ILE 33 33 33 ILE ILE B . n 
B 1 34 LEU 34 34 34 LEU LEU B . n 
B 1 35 LYS 35 35 35 LYS LYS B . n 
B 1 36 ASP 36 36 36 ASP ASP B . n 
B 1 37 ALA 37 37 37 ALA ALA B . n 
B 1 38 ASP 38 38 38 ASP ASP B . n 
B 1 39 ALA 39 39 39 ALA ALA B . n 
B 1 40 ASN 40 40 40 ASN ASN B . n 
B 1 41 ILE 41 41 41 ILE ILE B . n 
B 1 42 GLU 42 42 42 GLU GLU B . n 
B 1 43 GLU 43 43 43 GLU GLU B . n 
B 1 44 ALA 44 44 44 ALA ALA B . n 
B 1 45 SER 45 45 45 SER SER B . n 
B 1 46 ARG 46 46 46 ARG ARG B . n 
B 1 47 ARG 47 47 47 ARG ARG B . n 
B 1 48 ILE 48 48 48 ILE ILE B . n 
B 1 49 GLU 49 49 49 GLU GLU B . n 
B 1 50 GLU 50 50 50 GLU GLU B . n 
B 1 51 GLY 51 51 51 GLY GLY B . n 
B 1 52 GLN 52 52 52 GLN GLN B . n 
B 1 53 TYR 53 53 53 TYR TYR B . n 
B 1 54 VAL 54 54 54 VAL VAL B . n 
B 1 55 VAL 55 55 55 VAL VAL B . n 
B 1 56 ASN 56 56 56 ASN ASN B . n 
B 1 57 GLU 57 57 57 GLU GLU B . n 
B 1 58 TYR 58 58 58 TYR TYR B . n 
B 1 59 SER 59 59 59 SER SER B . n 
B 1 60 ARG 60 60 60 ARG ALA B . n 
B 1 61 GLN 61 61 61 GLN ALA B . n 
B 1 62 HIS 62 62 62 HIS ALA B . n 
B 1 63 ASN 63 63 63 ASN ALA B . n 
B 1 64 LEU 64 64 64 LEU ALA B . n 
B 1 65 ASN 65 65 ?  ?   ?   B . n 
# 
loop_
_pdbx_nonpoly_scheme.asym_id 
_pdbx_nonpoly_scheme.entity_id 
_pdbx_nonpoly_scheme.mon_id 
_pdbx_nonpoly_scheme.ndb_seq_num 
_pdbx_nonpoly_scheme.pdb_seq_num 
_pdbx_nonpoly_scheme.auth_seq_num 
_pdbx_nonpoly_scheme.pdb_mon_id 
_pdbx_nonpoly_scheme.auth_mon_id 
_pdbx_nonpoly_scheme.pdb_strand_id 
_pdbx_nonpoly_scheme.pdb_ins_code 
C 2 HOH 1  124 124 HOH HOH A . 
C 2 HOH 2  125 125 HOH HOH A . 
C 2 HOH 3  126 126 HOH HOH A . 
C 2 HOH 4  127 3   HOH HOH A . 
C 2 HOH 5  128 4   HOH HOH A . 
C 2 HOH 6  129 6   HOH HOH A . 
C 2 HOH 7  130 8   HOH HOH A . 
C 2 HOH 8  131 9   HOH HOH A . 
C 2 HOH 9  132 13  HOH HOH A . 
C 2 HOH 10 133 15  HOH HOH A . 
C 2 HOH 11 134 16  HOH HOH A . 
C 2 HOH 12 135 17  HOH HOH A . 
C 2 HOH 13 136 21  HOH HOH A . 
C 2 HOH 14 137 23  HOH HOH A . 
C 2 HOH 15 138 25  HOH HOH A . 
C 2 HOH 16 139 26  HOH HOH A . 
C 2 HOH 17 140 27  HOH HOH A . 
C 2 HOH 18 141 29  HOH HOH A . 
C 2 HOH 19 142 30  HOH HOH A . 
C 2 HOH 20 143 34  HOH HOH A . 
C 2 HOH 21 144 36  HOH HOH A . 
C 2 HOH 22 145 38  HOH HOH A . 
C 2 HOH 23 146 39  HOH HOH A . 
C 2 HOH 24 147 40  HOH HOH A . 
C 2 HOH 25 148 44  HOH HOH A . 
C 2 HOH 26 149 48  HOH HOH A . 
C 2 HOH 27 150 49  HOH HOH A . 
C 2 HOH 28 151 52  HOH HOH A . 
C 2 HOH 29 152 54  HOH HOH A . 
C 2 HOH 30 153 56  HOH HOH A . 
C 2 HOH 31 154 58  HOH HOH A . 
C 2 HOH 32 155 61  HOH HOH A . 
C 2 HOH 33 156 63  HOH HOH A . 
C 2 HOH 34 157 67  HOH HOH A . 
C 2 HOH 35 158 69  HOH HOH A . 
C 2 HOH 36 159 70  HOH HOH A . 
C 2 HOH 37 160 75  HOH HOH A . 
C 2 HOH 38 161 76  HOH HOH A . 
C 2 HOH 39 162 79  HOH HOH A . 
C 2 HOH 40 163 80  HOH HOH A . 
C 2 HOH 41 164 82  HOH HOH A . 
C 2 HOH 42 165 83  HOH HOH A . 
C 2 HOH 43 166 84  HOH HOH A . 
C 2 HOH 44 167 85  HOH HOH A . 
C 2 HOH 45 168 87  HOH HOH A . 
C 2 HOH 46 169 88  HOH HOH A . 
C 2 HOH 47 170 89  HOH HOH A . 
C 2 HOH 48 171 91  HOH HOH A . 
C 2 HOH 49 172 92  HOH HOH A . 
C 2 HOH 50 173 94  HOH HOH A . 
C 2 HOH 51 174 95  HOH HOH A . 
C 2 HOH 52 175 96  HOH HOH A . 
C 2 HOH 53 176 97  HOH HOH A . 
C 2 HOH 54 177 101 HOH HOH A . 
C 2 HOH 55 178 102 HOH HOH A . 
C 2 HOH 56 179 104 HOH HOH A . 
C 2 HOH 57 180 105 HOH HOH A . 
C 2 HOH 58 181 106 HOH HOH A . 
C 2 HOH 59 182 107 HOH HOH A . 
C 2 HOH 60 183 109 HOH HOH A . 
C 2 HOH 61 184 111 HOH HOH A . 
C 2 HOH 62 185 116 HOH HOH A . 
C 2 HOH 63 186 119 HOH HOH A . 
C 2 HOH 64 187 120 HOH HOH A . 
C 2 HOH 65 188 121 HOH HOH A . 
C 2 HOH 66 189 122 HOH HOH A . 
C 2 HOH 67 190 123 HOH HOH A . 
D 2 HOH 1  66  1   HOH HOH B . 
D 2 HOH 2  67  2   HOH HOH B . 
D 2 HOH 3  68  5   HOH HOH B . 
D 2 HOH 4  69  7   HOH HOH B . 
D 2 HOH 5  70  10  HOH HOH B . 
D 2 HOH 6  71  11  HOH HOH B . 
D 2 HOH 7  72  12  HOH HOH B . 
D 2 HOH 8  73  14  HOH HOH B . 
D 2 HOH 9  74  18  HOH HOH B . 
D 2 HOH 10 75  19  HOH HOH B . 
D 2 HOH 11 76  20  HOH HOH B . 
D 2 HOH 12 77  22  HOH HOH B . 
D 2 HOH 13 78  24  HOH HOH B . 
D 2 HOH 14 79  28  HOH HOH B . 
D 2 HOH 15 80  31  HOH HOH B . 
D 2 HOH 16 81  32  HOH HOH B . 
D 2 HOH 17 82  33  HOH HOH B . 
D 2 HOH 18 83  35  HOH HOH B . 
D 2 HOH 19 84  37  HOH HOH B . 
D 2 HOH 20 85  41  HOH HOH B . 
D 2 HOH 21 86  42  HOH HOH B . 
D 2 HOH 22 87  43  HOH HOH B . 
D 2 HOH 23 88  45  HOH HOH B . 
D 2 HOH 24 89  46  HOH HOH B . 
D 2 HOH 25 90  47  HOH HOH B . 
D 2 HOH 26 91  50  HOH HOH B . 
D 2 HOH 27 92  51  HOH HOH B . 
D 2 HOH 28 93  53  HOH HOH B . 
D 2 HOH 29 94  55  HOH HOH B . 
D 2 HOH 30 95  57  HOH HOH B . 
D 2 HOH 31 96  59  HOH HOH B . 
D 2 HOH 32 97  60  HOH HOH B . 
D 2 HOH 33 98  62  HOH HOH B . 
D 2 HOH 34 99  64  HOH HOH B . 
D 2 HOH 35 100 65  HOH HOH B . 
D 2 HOH 36 101 66  HOH HOH B . 
D 2 HOH 37 102 68  HOH HOH B . 
D 2 HOH 38 103 71  HOH HOH B . 
D 2 HOH 39 104 72  HOH HOH B . 
D 2 HOH 40 105 73  HOH HOH B . 
D 2 HOH 41 106 74  HOH HOH B . 
D 2 HOH 42 107 77  HOH HOH B . 
D 2 HOH 43 108 78  HOH HOH B . 
D 2 HOH 44 109 81  HOH HOH B . 
D 2 HOH 45 110 86  HOH HOH B . 
D 2 HOH 46 111 90  HOH HOH B . 
D 2 HOH 47 112 93  HOH HOH B . 
D 2 HOH 48 113 98  HOH HOH B . 
D 2 HOH 49 114 99  HOH HOH B . 
D 2 HOH 50 115 100 HOH HOH B . 
D 2 HOH 51 116 103 HOH HOH B . 
D 2 HOH 52 117 108 HOH HOH B . 
D 2 HOH 53 118 110 HOH HOH B . 
D 2 HOH 54 119 112 HOH HOH B . 
D 2 HOH 55 120 113 HOH HOH B . 
D 2 HOH 56 121 114 HOH HOH B . 
D 2 HOH 57 122 115 HOH HOH B . 
D 2 HOH 58 123 117 HOH HOH B . 
D 2 HOH 59 124 118 HOH HOH B . 
# 
loop_
_pdbx_unobs_or_zero_occ_atoms.id 
_pdbx_unobs_or_zero_occ_atoms.PDB_model_num 
_pdbx_unobs_or_zero_occ_atoms.polymer_flag 
_pdbx_unobs_or_zero_occ_atoms.occupancy_flag 
_pdbx_unobs_or_zero_occ_atoms.auth_asym_id 
_pdbx_unobs_or_zero_occ_atoms.auth_comp_id 
_pdbx_unobs_or_zero_occ_atoms.auth_seq_id 
_pdbx_unobs_or_zero_occ_atoms.PDB_ins_code 
_pdbx_unobs_or_zero_occ_atoms.auth_atom_id 
_pdbx_unobs_or_zero_occ_atoms.label_alt_id 
_pdbx_unobs_or_zero_occ_atoms.label_asym_id 
_pdbx_unobs_or_zero_occ_atoms.label_comp_id 
_pdbx_unobs_or_zero_occ_atoms.label_seq_id 
_pdbx_unobs_or_zero_occ_atoms.label_atom_id 
1  1 Y 1 A ARG 60 ? CG  ? A ARG 60 CG  
2  1 Y 1 A ARG 60 ? CD  ? A ARG 60 CD  
3  1 Y 1 A ARG 60 ? NE  ? A ARG 60 NE  
4  1 Y 1 A ARG 60 ? CZ  ? A ARG 60 CZ  
5  1 Y 1 A ARG 60 ? NH1 ? A ARG 60 NH1 
6  1 Y 1 A ARG 60 ? NH2 ? A ARG 60 NH2 
7  1 Y 1 A GLN 61 ? CG  ? A GLN 61 CG  
8  1 Y 1 A GLN 61 ? CD  ? A GLN 61 CD  
9  1 Y 1 A GLN 61 ? OE1 ? A GLN 61 OE1 
10 1 Y 1 A GLN 61 ? NE2 ? A GLN 61 NE2 
11 1 Y 1 A HIS 62 ? CG  ? A HIS 62 CG  
12 1 Y 1 A HIS 62 ? ND1 ? A HIS 62 ND1 
13 1 Y 1 A HIS 62 ? CD2 ? A HIS 62 CD2 
14 1 Y 1 A HIS 62 ? CE1 ? A HIS 62 CE1 
15 1 Y 1 A HIS 62 ? NE2 ? A HIS 62 NE2 
16 1 Y 1 A ASN 63 ? CG  ? A ASN 63 CG  
17 1 Y 1 A ASN 63 ? OD1 ? A ASN 63 OD1 
18 1 Y 1 A ASN 63 ? ND2 ? A ASN 63 ND2 
19 1 Y 1 A LEU 64 ? CG  ? A LEU 64 CG  
20 1 Y 1 A LEU 64 ? CD1 ? A LEU 64 CD1 
21 1 Y 1 A LEU 64 ? CD2 ? A LEU 64 CD2 
22 1 Y 1 B ARG 60 ? CG  ? B ARG 60 CG  
23 1 Y 1 B ARG 60 ? CD  ? B ARG 60 CD  
24 1 Y 1 B ARG 60 ? NE  ? B ARG 60 NE  
25 1 Y 1 B ARG 60 ? CZ  ? B ARG 60 CZ  
26 1 Y 1 B ARG 60 ? NH1 ? B ARG 60 NH1 
27 1 Y 1 B ARG 60 ? NH2 ? B ARG 60 NH2 
28 1 Y 1 B GLN 61 ? CG  ? B GLN 61 CG  
29 1 Y 1 B GLN 61 ? CD  ? B GLN 61 CD  
30 1 Y 1 B GLN 61 ? OE1 ? B GLN 61 OE1 
31 1 Y 1 B GLN 61 ? NE2 ? B GLN 61 NE2 
32 1 Y 1 B HIS 62 ? CG  ? B HIS 62 CG  
33 1 Y 1 B HIS 62 ? ND1 ? B HIS 62 ND1 
34 1 Y 1 B HIS 62 ? CD2 ? B HIS 62 CD2 
35 1 Y 1 B HIS 62 ? CE1 ? B HIS 62 CE1 
36 1 Y 1 B HIS 62 ? NE2 ? B HIS 62 NE2 
37 1 Y 1 B ASN 63 ? CG  ? B ASN 63 CG  
38 1 Y 1 B ASN 63 ? OD1 ? B ASN 63 OD1 
39 1 Y 1 B ASN 63 ? ND2 ? B ASN 63 ND2 
40 1 Y 1 B LEU 64 ? CG  ? B LEU 64 CG  
41 1 Y 1 B LEU 64 ? CD1 ? B LEU 64 CD1 
42 1 Y 1 B LEU 64 ? CD2 ? B LEU 64 CD2 
# 
loop_
_software.name 
_software.classification 
_software.version 
_software.citation_id 
_software.pdbx_ordinal 
REFMAC    refinement       5.2.0005 ? 1 
HKL-2000  'data reduction' .        ? 2 
SCALEPACK 'data scaling'   .        ? 3 
SHELXS    phasing          .        ? 4 
CNS       refinement       1.1      ? 5 
# 
_cell.entry_id           1ZV1 
_cell.length_a           39.773 
_cell.length_b           46.623 
_cell.length_c           59.771 
_cell.angle_alpha        90.00 
_cell.angle_beta         90.00 
_cell.angle_gamma        90.00 
_cell.Z_PDB              8 
_cell.pdbx_unique_axis   ? 
# 
_symmetry.entry_id                         1ZV1 
_symmetry.space_group_name_H-M             'P 21 21 21' 
_symmetry.pdbx_full_space_group_name_H-M   ? 
_symmetry.cell_setting                     ? 
_symmetry.Int_Tables_number                19 
_symmetry.space_group_name_Hall            ? 
# 
_exptl.entry_id          1ZV1 
_exptl.method            'X-RAY DIFFRACTION' 
_exptl.crystals_number   2 
# 
_exptl_crystal.id                    1 
_exptl_crystal.density_meas          ? 
_exptl_crystal.density_Matthews      1.787 
_exptl_crystal.density_percent_sol   28.53 
_exptl_crystal.description           ? 
_exptl_crystal.F_000                 ? 
_exptl_crystal.preparation           ? 
# 
_exptl_crystal_grow.crystal_id      1 
_exptl_crystal_grow.method          'VAPOR DIFFUSION, HANGING DROP' 
_exptl_crystal_grow.temp            298 
_exptl_crystal_grow.temp_details    ? 
_exptl_crystal_grow.pH              7.4 
_exptl_crystal_grow.pdbx_details    
'ammonium sulfate, isopropanol, tris, sodium chloride , pH 7.4, VAPOR DIFFUSION, HANGING DROP, temperature 298K' 
_exptl_crystal_grow.pdbx_pH_range   . 
# 
loop_
_diffrn.id 
_diffrn.ambient_temp 
_diffrn.ambient_temp_details 
_diffrn.crystal_id 
1 200 ? 1 
2 ?   ? 1 
# 
loop_
_diffrn_detector.diffrn_id 
_diffrn_detector.detector 
_diffrn_detector.type 
_diffrn_detector.pdbx_collection_date 
_diffrn_detector.details 
1 CCD 'ADSC QUANTUM 4' 2003-04-11 ? 
2 CCD 'ADSC QUANTUM 4' 2002-11-26 ? 
# 
loop_
_diffrn_radiation.diffrn_id 
_diffrn_radiation.wavelength_id 
_diffrn_radiation.pdbx_monochromatic_or_laue_m_l 
_diffrn_radiation.monochromator 
_diffrn_radiation.pdbx_diffrn_protocol 
_diffrn_radiation.pdbx_scattering_type 
1 1 M ? 'SINGLE WAVELENGTH' x-ray 
2 1 M ? ?                   x-ray 
# 
loop_
_diffrn_radiation_wavelength.id 
_diffrn_radiation_wavelength.wavelength 
_diffrn_radiation_wavelength.wt 
1 0.9788  1.0 
2 0.90000 1.0 
# 
loop_
_diffrn_source.diffrn_id 
_diffrn_source.source 
_diffrn_source.type 
_diffrn_source.pdbx_synchrotron_site 
_diffrn_source.pdbx_synchrotron_beamline 
_diffrn_source.pdbx_wavelength 
_diffrn_source.pdbx_wavelength_list 
1 SYNCHROTRON 'NSLS BEAMLINE X9B'    NSLS X9B     0.9788  0.9788  
2 SYNCHROTRON 'APS BEAMLINE 14-BM-C' APS  14-BM-C 0.90000 0.90000 
# 
_reflns.entry_id                     1ZV1 
_reflns.observed_criterion_sigma_I   -3 
_reflns.observed_criterion_sigma_F   0 
_reflns.d_resolution_low             20 
_reflns.d_resolution_high            1.6 
_reflns.number_obs                   15159 
_reflns.number_all                   15159 
_reflns.percent_possible_obs         ? 
_reflns.pdbx_Rmerge_I_obs            0.038 
_reflns.pdbx_Rsym_value              ? 
_reflns.pdbx_netI_over_sigmaI        62.3 
_reflns.B_iso_Wilson_estimate        ? 
_reflns.pdbx_redundancy              10.9 
_reflns.R_free_details               ? 
_reflns.limit_h_max                  ? 
_reflns.limit_h_min                  ? 
_reflns.limit_k_max                  ? 
_reflns.limit_k_min                  ? 
_reflns.limit_l_max                  ? 
_reflns.limit_l_min                  ? 
_reflns.observed_criterion_F_max     ? 
_reflns.observed_criterion_F_min     ? 
_reflns.pdbx_chi_squared             ? 
_reflns.pdbx_scaling_rejects         ? 
_reflns.pdbx_diffrn_id               1,2 
_reflns.pdbx_ordinal                 1 
# 
_reflns_shell.d_res_high             1.60 
_reflns_shell.d_res_low              1.66 
_reflns_shell.percent_possible_all   96.9 
_reflns_shell.Rmerge_I_obs           0.182 
_reflns_shell.pdbx_Rsym_value        ? 
_reflns_shell.meanI_over_sigI_obs    11 
_reflns_shell.pdbx_redundancy        ? 
_reflns_shell.percent_possible_obs   ? 
_reflns_shell.number_unique_all      ? 
_reflns_shell.number_measured_all    ? 
_reflns_shell.number_measured_obs    ? 
_reflns_shell.number_unique_obs      ? 
_reflns_shell.pdbx_chi_squared       ? 
_reflns_shell.pdbx_diffrn_id         ? 
_reflns_shell.pdbx_ordinal           1 
# 
_refine.entry_id                                 1ZV1 
_refine.ls_number_reflns_obs                     14294 
_refine.ls_number_reflns_all                     14844 
_refine.pdbx_ls_sigma_I                          ? 
_refine.pdbx_ls_sigma_F                          ? 
_refine.pdbx_data_cutoff_high_absF               ? 
_refine.pdbx_data_cutoff_low_absF                ? 
_refine.pdbx_data_cutoff_high_rms_absF           ? 
_refine.ls_d_res_low                             10.86 
_refine.ls_d_res_high                            1.60 
_refine.ls_percent_reflns_obs                    99.21 
_refine.ls_R_factor_obs                          0.21084 
_refine.ls_R_factor_all                          ? 
_refine.ls_R_factor_R_work                       0.2085 
_refine.ls_R_factor_R_free                       0.25722 
_refine.ls_R_factor_R_free_error                 ? 
_refine.ls_R_factor_R_free_error_details         ? 
_refine.ls_percent_reflns_R_free                 5.0 
_refine.ls_number_reflns_R_free                  752 
_refine.ls_number_parameters                     ? 
_refine.ls_number_restraints                     ? 
_refine.occupancy_min                            ? 
_refine.occupancy_max                            ? 
_refine.correlation_coeff_Fo_to_Fc               0.947 
_refine.correlation_coeff_Fo_to_Fc_free          0.925 
_refine.B_iso_mean                               27.969 
_refine.aniso_B[1][1]                            0.00 
_refine.aniso_B[2][2]                            -0.01 
_refine.aniso_B[3][3]                            0.01 
_refine.aniso_B[1][2]                            0.00 
_refine.aniso_B[1][3]                            0.00 
_refine.aniso_B[2][3]                            0.00 
_refine.solvent_model_details                    MASK 
_refine.solvent_model_param_ksol                 ? 
_refine.solvent_model_param_bsol                 ? 
_refine.pdbx_solvent_vdw_probe_radii             1.20 
_refine.pdbx_solvent_ion_probe_radii             0.80 
_refine.pdbx_solvent_shrinkage_radii             0.80 
_refine.pdbx_ls_cross_valid_method               THROUGHOUT 
_refine.details                                  'HYDROGENS HAVE BEEN ADDED IN THE RIDING POSITIONS' 
_refine.pdbx_starting_model                      ? 
_refine.pdbx_method_to_determine_struct          SAD 
_refine.pdbx_isotropic_thermal_model             RESTRAINED 
_refine.pdbx_stereochemistry_target_values       'MAXIMUM LIKELIHOOD WITH PHASES' 
_refine.pdbx_stereochem_target_val_spec_case     ? 
_refine.pdbx_R_Free_selection_details            RANDOM 
_refine.pdbx_overall_ESU_R                       0.115 
_refine.pdbx_overall_ESU_R_Free                  0.118 
_refine.overall_SU_ML                            0.063 
_refine.overall_SU_B                             1.707 
_refine.ls_redundancy_reflns_obs                 ? 
_refine.B_iso_min                                ? 
_refine.B_iso_max                                ? 
_refine.overall_SU_R_Cruickshank_DPI             ? 
_refine.overall_SU_R_free                        ? 
_refine.ls_wR_factor_R_free                      ? 
_refine.ls_wR_factor_R_work                      ? 
_refine.overall_FOM_free_R_set                   ? 
_refine.overall_FOM_work_R_set                   ? 
_refine.pdbx_refine_id                           'X-RAY DIFFRACTION' 
_refine.pdbx_diffrn_id                           1 
_refine.pdbx_TLS_residual_ADP_flag               ? 
_refine.pdbx_overall_phase_error                 ? 
_refine.pdbx_overall_SU_R_free_Cruickshank_DPI   ? 
_refine.pdbx_overall_SU_R_Blow_DPI               ? 
_refine.pdbx_overall_SU_R_free_Blow_DPI          ? 
# 
_refine_analyze.entry_id                        1ZV1 
_refine_analyze.Luzzati_coordinate_error_obs    0.19 
_refine_analyze.Luzzati_sigma_a_obs             0.09 
_refine_analyze.Luzzati_d_res_low_obs           5.00 
_refine_analyze.Luzzati_coordinate_error_free   0.23 
_refine_analyze.Luzzati_sigma_a_free            ? 
_refine_analyze.Luzzati_d_res_low_free          ? 
_refine_analyze.number_disordered_residues      ? 
_refine_analyze.occupancy_sum_hydrogen          ? 
_refine_analyze.occupancy_sum_non_hydrogen      ? 
_refine_analyze.pdbx_Luzzati_d_res_high_obs     ? 
_refine_analyze.pdbx_refine_id                  'X-RAY DIFFRACTION' 
# 
_refine_hist.pdbx_refine_id                   'X-RAY DIFFRACTION' 
_refine_hist.cycle_id                         LAST 
_refine_hist.pdbx_number_atoms_protein        994 
_refine_hist.pdbx_number_atoms_nucleic_acid   0 
_refine_hist.pdbx_number_atoms_ligand         0 
_refine_hist.number_atoms_solvent             126 
_refine_hist.number_atoms_total               1120 
_refine_hist.d_res_high                       1.60 
_refine_hist.d_res_low                        10.86 
# 
loop_
_refine_ls_restr.type 
_refine_ls_restr.dev_ideal 
_refine_ls_restr.dev_ideal_target 
_refine_ls_restr.weight 
_refine_ls_restr.number 
_refine_ls_restr.pdbx_refine_id 
_refine_ls_restr.pdbx_restraint_function 
r_bond_refined_d             0.013  0.022  ? 1015 'X-RAY DIFFRACTION' ? 
r_bond_other_d               ?      ?      ? ?    'X-RAY DIFFRACTION' ? 
r_angle_refined_deg          1.394  1.970  ? 1372 'X-RAY DIFFRACTION' ? 
r_angle_other_deg            ?      ?      ? ?    'X-RAY DIFFRACTION' ? 
r_dihedral_angle_1_deg       3.880  5.000  ? 116  'X-RAY DIFFRACTION' ? 
r_dihedral_angle_2_deg       32.613 25.000 ? 58   'X-RAY DIFFRACTION' ? 
r_dihedral_angle_3_deg       13.672 15.000 ? 181  'X-RAY DIFFRACTION' ? 
r_dihedral_angle_4_deg       16.551 15.000 ? 6    'X-RAY DIFFRACTION' ? 
r_chiral_restr               0.092  0.200  ? 143  'X-RAY DIFFRACTION' ? 
r_gen_planes_refined         0.007  0.020  ? 786  'X-RAY DIFFRACTION' ? 
r_gen_planes_other           ?      ?      ? ?    'X-RAY DIFFRACTION' ? 
r_nbd_refined                0.240  0.200  ? 568  'X-RAY DIFFRACTION' ? 
r_nbd_other                  ?      ?      ? ?    'X-RAY DIFFRACTION' ? 
r_nbtor_refined              0.322  0.200  ? 707  'X-RAY DIFFRACTION' ? 
r_nbtor_other                ?      ?      ? ?    'X-RAY DIFFRACTION' ? 
r_xyhbond_nbd_refined        0.290  0.200  ? 112  'X-RAY DIFFRACTION' ? 
r_xyhbond_nbd_other          ?      ?      ? ?    'X-RAY DIFFRACTION' ? 
r_metal_ion_refined          ?      ?      ? ?    'X-RAY DIFFRACTION' ? 
r_metal_ion_other            ?      ?      ? ?    'X-RAY DIFFRACTION' ? 
r_symmetry_vdw_refined       0.225  0.200  ? 33   'X-RAY DIFFRACTION' ? 
r_symmetry_vdw_other         ?      ?      ? ?    'X-RAY DIFFRACTION' ? 
r_symmetry_hbond_refined     0.214  0.200  ? 21   'X-RAY DIFFRACTION' ? 
r_symmetry_hbond_other       ?      ?      ? ?    'X-RAY DIFFRACTION' ? 
r_symmetry_metal_ion_refined ?      ?      ? ?    'X-RAY DIFFRACTION' ? 
r_symmetry_metal_ion_other   ?      ?      ? ?    'X-RAY DIFFRACTION' ? 
r_mcbond_it                  1.319  1.500  ? 608  'X-RAY DIFFRACTION' ? 
r_mcbond_other               ?      ?      ? ?    'X-RAY DIFFRACTION' ? 
r_mcangle_it                 2.190  2.000  ? 945  'X-RAY DIFFRACTION' ? 
r_scbond_it                  2.775  3.000  ? 479  'X-RAY DIFFRACTION' ? 
r_scangle_it                 3.980  4.500  ? 427  'X-RAY DIFFRACTION' ? 
r_rigid_bond_restr           ?      ?      ? ?    'X-RAY DIFFRACTION' ? 
r_sphericity_free            ?      ?      ? ?    'X-RAY DIFFRACTION' ? 
r_sphericity_bonded          ?      ?      ? ?    'X-RAY DIFFRACTION' ? 
# 
_refine_ls_shell.pdbx_total_number_of_bins_used   20 
_refine_ls_shell.d_res_high                       1.600 
_refine_ls_shell.d_res_low                        1.641 
_refine_ls_shell.number_reflns_R_work             1003 
_refine_ls_shell.R_factor_R_work                  0.242 
_refine_ls_shell.percent_reflns_obs               96.85 
_refine_ls_shell.R_factor_R_free                  0.337 
_refine_ls_shell.R_factor_R_free_error            ? 
_refine_ls_shell.percent_reflns_R_free            ? 
_refine_ls_shell.number_reflns_R_free             44 
_refine_ls_shell.redundancy_reflns_obs            ? 
_refine_ls_shell.number_reflns_all                ? 
_refine_ls_shell.number_reflns_obs                ? 
_refine_ls_shell.pdbx_refine_id                   'X-RAY DIFFRACTION' 
_refine_ls_shell.R_factor_all                     ? 
# 
loop_
_pdbx_xplor_file.serial_no 
_pdbx_xplor_file.param_file 
_pdbx_xplor_file.topol_file 
_pdbx_xplor_file.pdbx_refine_id 
1 protein_rep.param protein.top 'X-RAY DIFFRACTION' 
2 water_rep.param   water.param 'X-RAY DIFFRACTION' 
# 
_struct.entry_id                  1ZV1 
_struct.title                     'Crystal structure of the dimerization domain of doublesex protein from D. melanogaster' 
_struct.pdbx_model_details        ? 
_struct.pdbx_CASP_flag            ? 
_struct.pdbx_model_type_details   ? 
# 
_struct_keywords.entry_id        1ZV1 
_struct_keywords.pdbx_keywords   'PROTEIN BINDING' 
_struct_keywords.text            'doublesex, uba domain, dimerization, sex determination, transcription factor, PROTEIN BINDING' 
# 
loop_
_struct_asym.id 
_struct_asym.pdbx_blank_PDB_chainid_flag 
_struct_asym.pdbx_modified 
_struct_asym.entity_id 
_struct_asym.details 
A N N 1 ? 
B N N 1 ? 
C N N 2 ? 
D N N 2 ? 
# 
_struct_ref.id                         1 
_struct_ref.db_name                    UNP 
_struct_ref.db_code                    DSX_DROME 
_struct_ref.pdbx_db_accession          P23023 
_struct_ref.entity_id                  1 
_struct_ref.pdbx_seq_one_letter_code   PLGQDVFLDYCQKLLEKFRYPWELMPLMYVILKDADANIEEASRRIEEGQYVVNEYSRQHNLN 
_struct_ref.pdbx_align_begin           350 
_struct_ref.pdbx_db_isoform            ? 
# 
loop_
_struct_ref_seq.align_id 
_struct_ref_seq.ref_id 
_struct_ref_seq.pdbx_PDB_id_code 
_struct_ref_seq.pdbx_strand_id 
_struct_ref_seq.seq_align_beg 
_struct_ref_seq.pdbx_seq_align_beg_ins_code 
_struct_ref_seq.seq_align_end 
_struct_ref_seq.pdbx_seq_align_end_ins_code 
_struct_ref_seq.pdbx_db_accession 
_struct_ref_seq.db_align_beg 
_struct_ref_seq.pdbx_db_align_beg_ins_code 
_struct_ref_seq.db_align_end 
_struct_ref_seq.pdbx_db_align_end_ins_code 
_struct_ref_seq.pdbx_auth_seq_align_beg 
_struct_ref_seq.pdbx_auth_seq_align_end 
1 1 1ZV1 A 3 ? 65 ? P23023 350 ? 412 ? 3 65 
2 1 1ZV1 B 3 ? 65 ? P23023 350 ? 412 ? 3 65 
# 
loop_
_struct_ref_seq_dif.align_id 
_struct_ref_seq_dif.pdbx_pdb_id_code 
_struct_ref_seq_dif.mon_id 
_struct_ref_seq_dif.pdbx_pdb_strand_id 
_struct_ref_seq_dif.seq_num 
_struct_ref_seq_dif.pdbx_pdb_ins_code 
_struct_ref_seq_dif.pdbx_seq_db_name 
_struct_ref_seq_dif.pdbx_seq_db_accession_code 
_struct_ref_seq_dif.db_mon_id 
_struct_ref_seq_dif.pdbx_seq_db_seq_num 
_struct_ref_seq_dif.details 
_struct_ref_seq_dif.pdbx_auth_seq_num 
_struct_ref_seq_dif.pdbx_ordinal 
1 1ZV1 GLY A 1 ? UNP P23023 ? ? 'cloning artifact' 1 1 
1 1ZV1 SER A 2 ? UNP P23023 ? ? 'cloning artifact' 2 2 
2 1ZV1 GLY B 1 ? UNP P23023 ? ? 'cloning artifact' 1 3 
2 1ZV1 SER B 2 ? UNP P23023 ? ? 'cloning artifact' 2 4 
# 
_pdbx_struct_assembly.id                   1 
_pdbx_struct_assembly.details              author_and_software_defined_assembly 
_pdbx_struct_assembly.method_details       PISA 
_pdbx_struct_assembly.oligomeric_details   dimeric 
_pdbx_struct_assembly.oligomeric_count     2 
# 
loop_
_pdbx_struct_assembly_prop.biol_id 
_pdbx_struct_assembly_prop.type 
_pdbx_struct_assembly_prop.value 
_pdbx_struct_assembly_prop.details 
1 'ABSA (A^2)' 2260 ? 
1 MORE         -20  ? 
1 'SSA (A^2)'  6780 ? 
# 
_pdbx_struct_assembly_gen.assembly_id       1 
_pdbx_struct_assembly_gen.oper_expression   1 
_pdbx_struct_assembly_gen.asym_id_list      A,B,C,D 
# 
_pdbx_struct_oper_list.id                   1 
_pdbx_struct_oper_list.type                 'identity operation' 
_pdbx_struct_oper_list.name                 1_555 
_pdbx_struct_oper_list.symmetry_operation   x,y,z 
_pdbx_struct_oper_list.matrix[1][1]         1.0000000000 
_pdbx_struct_oper_list.matrix[1][2]         0.0000000000 
_pdbx_struct_oper_list.matrix[1][3]         0.0000000000 
_pdbx_struct_oper_list.vector[1]            0.0000000000 
_pdbx_struct_oper_list.matrix[2][1]         0.0000000000 
_pdbx_struct_oper_list.matrix[2][2]         1.0000000000 
_pdbx_struct_oper_list.matrix[2][3]         0.0000000000 
_pdbx_struct_oper_list.vector[2]            0.0000000000 
_pdbx_struct_oper_list.matrix[3][1]         0.0000000000 
_pdbx_struct_oper_list.matrix[3][2]         0.0000000000 
_pdbx_struct_oper_list.matrix[3][3]         1.0000000000 
_pdbx_struct_oper_list.vector[3]            0.0000000000 
# 
_struct_biol.id                    1 
_struct_biol.details               'The biological assembly is a dimer found entirely in the asymmetric unit.' 
_struct_biol.pdbx_parent_biol_id   ? 
# 
loop_
_struct_conf.conf_type_id 
_struct_conf.id 
_struct_conf.pdbx_PDB_helix_id 
_struct_conf.beg_label_comp_id 
_struct_conf.beg_label_asym_id 
_struct_conf.beg_label_seq_id 
_struct_conf.pdbx_beg_PDB_ins_code 
_struct_conf.end_label_comp_id 
_struct_conf.end_label_asym_id 
_struct_conf.end_label_seq_id 
_struct_conf.pdbx_end_PDB_ins_code 
_struct_conf.beg_auth_comp_id 
_struct_conf.beg_auth_asym_id 
_struct_conf.beg_auth_seq_id 
_struct_conf.end_auth_comp_id 
_struct_conf.end_auth_asym_id 
_struct_conf.end_auth_seq_id 
_struct_conf.pdbx_PDB_helix_class 
_struct_conf.details 
_struct_conf.pdbx_PDB_helix_length 
HELX_P HELX_P1 1 GLN A 6  ? PHE A 20 ? GLN A 6  PHE A 20 1 ? 15 
HELX_P HELX_P2 2 PRO A 23 ? GLU A 25 ? PRO A 23 GLU A 25 5 ? 3  
HELX_P HELX_P3 3 LEU A 26 ? ALA A 37 ? LEU A 26 ALA A 37 1 ? 12 
HELX_P HELX_P4 4 ASN A 40 ? SER A 59 ? ASN A 40 SER A 59 1 ? 20 
HELX_P HELX_P5 5 GLN B 6  ? PHE B 20 ? GLN B 6  PHE B 20 1 ? 15 
HELX_P HELX_P6 6 PRO B 23 ? GLU B 25 ? PRO B 23 GLU B 25 5 ? 3  
HELX_P HELX_P7 7 LEU B 26 ? ALA B 37 ? LEU B 26 ALA B 37 1 ? 12 
HELX_P HELX_P8 8 ASN B 40 ? SER B 59 ? ASN B 40 SER B 59 1 ? 20 
# 
_struct_conf_type.id          HELX_P 
_struct_conf_type.criteria    ? 
_struct_conf_type.reference   ? 
# 
loop_
_pdbx_validate_close_contact.id 
_pdbx_validate_close_contact.PDB_model_num 
_pdbx_validate_close_contact.auth_atom_id_1 
_pdbx_validate_close_contact.auth_asym_id_1 
_pdbx_validate_close_contact.auth_comp_id_1 
_pdbx_validate_close_contact.auth_seq_id_1 
_pdbx_validate_close_contact.PDB_ins_code_1 
_pdbx_validate_close_contact.label_alt_id_1 
_pdbx_validate_close_contact.auth_atom_id_2 
_pdbx_validate_close_contact.auth_asym_id_2 
_pdbx_validate_close_contact.auth_comp_id_2 
_pdbx_validate_close_contact.auth_seq_id_2 
_pdbx_validate_close_contact.PDB_ins_code_2 
_pdbx_validate_close_contact.label_alt_id_2 
_pdbx_validate_close_contact.dist 
1 1 O   A HOH 164 ? ? O B HOH 122 ? ? 1.52 
2 1 NH1 A ARG 47  ? ? O A HOH 185 ? ? 1.82 
3 1 O   A HOH 124 ? ? O A HOH 183 ? ? 1.93 
4 1 O   B HOH 79  ? ? O B HOH 117 ? ? 2.01 
5 1 NH1 B ARG 47  ? ? O B HOH 122 ? ? 2.06 
6 1 O   B ARG 47  ? ? O B HOH 117 ? ? 2.07 
7 1 O   A HOH 176 ? ? O A HOH 190 ? ? 2.19 
# 
loop_
_pdbx_validate_torsion.id 
_pdbx_validate_torsion.PDB_model_num 
_pdbx_validate_torsion.auth_comp_id 
_pdbx_validate_torsion.auth_asym_id 
_pdbx_validate_torsion.auth_seq_id 
_pdbx_validate_torsion.PDB_ins_code 
_pdbx_validate_torsion.label_alt_id 
_pdbx_validate_torsion.phi 
_pdbx_validate_torsion.psi 
1 1 ASN A 63 ? ? 60.75 72.62 
2 1 ASN B 63 ? ? 60.74 73.19 
# 
loop_
_pdbx_unobs_or_zero_occ_residues.id 
_pdbx_unobs_or_zero_occ_residues.PDB_model_num 
_pdbx_unobs_or_zero_occ_residues.polymer_flag 
_pdbx_unobs_or_zero_occ_residues.occupancy_flag 
_pdbx_unobs_or_zero_occ_residues.auth_asym_id 
_pdbx_unobs_or_zero_occ_residues.auth_comp_id 
_pdbx_unobs_or_zero_occ_residues.auth_seq_id 
_pdbx_unobs_or_zero_occ_residues.PDB_ins_code 
_pdbx_unobs_or_zero_occ_residues.label_asym_id 
_pdbx_unobs_or_zero_occ_residues.label_comp_id 
_pdbx_unobs_or_zero_occ_residues.label_seq_id 
1  1 Y 1 A GLY 1  ? A GLY 1  
2  1 Y 1 A SER 2  ? A SER 2  
3  1 Y 1 A PRO 3  ? A PRO 3  
4  1 Y 1 A LEU 4  ? A LEU 4  
5  1 Y 1 A GLY 5  ? A GLY 5  
6  1 Y 1 A ASN 65 ? A ASN 65 
7  1 Y 1 B GLY 1  ? B GLY 1  
8  1 Y 1 B SER 2  ? B SER 2  
9  1 Y 1 B PRO 3  ? B PRO 3  
10 1 Y 1 B LEU 4  ? B LEU 4  
11 1 Y 1 B GLY 5  ? B GLY 5  
12 1 Y 1 B ASN 65 ? B ASN 65 
# 
loop_
_chem_comp_atom.comp_id 
_chem_comp_atom.atom_id 
_chem_comp_atom.type_symbol 
_chem_comp_atom.pdbx_aromatic_flag 
_chem_comp_atom.pdbx_stereo_config 
_chem_comp_atom.pdbx_ordinal 
ALA N    N N N 1   
ALA CA   C N S 2   
ALA C    C N N 3   
ALA O    O N N 4   
ALA CB   C N N 5   
ALA OXT  O N N 6   
ALA H    H N N 7   
ALA H2   H N N 8   
ALA HA   H N N 9   
ALA HB1  H N N 10  
ALA HB2  H N N 11  
ALA HB3  H N N 12  
ALA HXT  H N N 13  
ARG N    N N N 14  
ARG CA   C N S 15  
ARG C    C N N 16  
ARG O    O N N 17  
ARG CB   C N N 18  
ARG CG   C N N 19  
ARG CD   C N N 20  
ARG NE   N N N 21  
ARG CZ   C N N 22  
ARG NH1  N N N 23  
ARG NH2  N N N 24  
ARG OXT  O N N 25  
ARG H    H N N 26  
ARG H2   H N N 27  
ARG HA   H N N 28  
ARG HB2  H N N 29  
ARG HB3  H N N 30  
ARG HG2  H N N 31  
ARG HG3  H N N 32  
ARG HD2  H N N 33  
ARG HD3  H N N 34  
ARG HE   H N N 35  
ARG HH11 H N N 36  
ARG HH12 H N N 37  
ARG HH21 H N N 38  
ARG HH22 H N N 39  
ARG HXT  H N N 40  
ASN N    N N N 41  
ASN CA   C N S 42  
ASN C    C N N 43  
ASN O    O N N 44  
ASN CB   C N N 45  
ASN CG   C N N 46  
ASN OD1  O N N 47  
ASN ND2  N N N 48  
ASN OXT  O N N 49  
ASN H    H N N 50  
ASN H2   H N N 51  
ASN HA   H N N 52  
ASN HB2  H N N 53  
ASN HB3  H N N 54  
ASN HD21 H N N 55  
ASN HD22 H N N 56  
ASN HXT  H N N 57  
ASP N    N N N 58  
ASP CA   C N S 59  
ASP C    C N N 60  
ASP O    O N N 61  
ASP CB   C N N 62  
ASP CG   C N N 63  
ASP OD1  O N N 64  
ASP OD2  O N N 65  
ASP OXT  O N N 66  
ASP H    H N N 67  
ASP H2   H N N 68  
ASP HA   H N N 69  
ASP HB2  H N N 70  
ASP HB3  H N N 71  
ASP HD2  H N N 72  
ASP HXT  H N N 73  
CYS N    N N N 74  
CYS CA   C N R 75  
CYS C    C N N 76  
CYS O    O N N 77  
CYS CB   C N N 78  
CYS SG   S N N 79  
CYS OXT  O N N 80  
CYS H    H N N 81  
CYS H2   H N N 82  
CYS HA   H N N 83  
CYS HB2  H N N 84  
CYS HB3  H N N 85  
CYS HG   H N N 86  
CYS HXT  H N N 87  
GLN N    N N N 88  
GLN CA   C N S 89  
GLN C    C N N 90  
GLN O    O N N 91  
GLN CB   C N N 92  
GLN CG   C N N 93  
GLN CD   C N N 94  
GLN OE1  O N N 95  
GLN NE2  N N N 96  
GLN OXT  O N N 97  
GLN H    H N N 98  
GLN H2   H N N 99  
GLN HA   H N N 100 
GLN HB2  H N N 101 
GLN HB3  H N N 102 
GLN HG2  H N N 103 
GLN HG3  H N N 104 
GLN HE21 H N N 105 
GLN HE22 H N N 106 
GLN HXT  H N N 107 
GLU N    N N N 108 
GLU CA   C N S 109 
GLU C    C N N 110 
GLU O    O N N 111 
GLU CB   C N N 112 
GLU CG   C N N 113 
GLU CD   C N N 114 
GLU OE1  O N N 115 
GLU OE2  O N N 116 
GLU OXT  O N N 117 
GLU H    H N N 118 
GLU H2   H N N 119 
GLU HA   H N N 120 
GLU HB2  H N N 121 
GLU HB3  H N N 122 
GLU HG2  H N N 123 
GLU HG3  H N N 124 
GLU HE2  H N N 125 
GLU HXT  H N N 126 
GLY N    N N N 127 
GLY CA   C N N 128 
GLY C    C N N 129 
GLY O    O N N 130 
GLY OXT  O N N 131 
GLY H    H N N 132 
GLY H2   H N N 133 
GLY HA2  H N N 134 
GLY HA3  H N N 135 
GLY HXT  H N N 136 
HIS N    N N N 137 
HIS CA   C N S 138 
HIS C    C N N 139 
HIS O    O N N 140 
HIS CB   C N N 141 
HIS CG   C Y N 142 
HIS ND1  N Y N 143 
HIS CD2  C Y N 144 
HIS CE1  C Y N 145 
HIS NE2  N Y N 146 
HIS OXT  O N N 147 
HIS H    H N N 148 
HIS H2   H N N 149 
HIS HA   H N N 150 
HIS HB2  H N N 151 
HIS HB3  H N N 152 
HIS HD1  H N N 153 
HIS HD2  H N N 154 
HIS HE1  H N N 155 
HIS HE2  H N N 156 
HIS HXT  H N N 157 
HOH O    O N N 158 
HOH H1   H N N 159 
HOH H2   H N N 160 
ILE N    N N N 161 
ILE CA   C N S 162 
ILE C    C N N 163 
ILE O    O N N 164 
ILE CB   C N S 165 
ILE CG1  C N N 166 
ILE CG2  C N N 167 
ILE CD1  C N N 168 
ILE OXT  O N N 169 
ILE H    H N N 170 
ILE H2   H N N 171 
ILE HA   H N N 172 
ILE HB   H N N 173 
ILE HG12 H N N 174 
ILE HG13 H N N 175 
ILE HG21 H N N 176 
ILE HG22 H N N 177 
ILE HG23 H N N 178 
ILE HD11 H N N 179 
ILE HD12 H N N 180 
ILE HD13 H N N 181 
ILE HXT  H N N 182 
LEU N    N N N 183 
LEU CA   C N S 184 
LEU C    C N N 185 
LEU O    O N N 186 
LEU CB   C N N 187 
LEU CG   C N N 188 
LEU CD1  C N N 189 
LEU CD2  C N N 190 
LEU OXT  O N N 191 
LEU H    H N N 192 
LEU H2   H N N 193 
LEU HA   H N N 194 
LEU HB2  H N N 195 
LEU HB3  H N N 196 
LEU HG   H N N 197 
LEU HD11 H N N 198 
LEU HD12 H N N 199 
LEU HD13 H N N 200 
LEU HD21 H N N 201 
LEU HD22 H N N 202 
LEU HD23 H N N 203 
LEU HXT  H N N 204 
LYS N    N N N 205 
LYS CA   C N S 206 
LYS C    C N N 207 
LYS O    O N N 208 
LYS CB   C N N 209 
LYS CG   C N N 210 
LYS CD   C N N 211 
LYS CE   C N N 212 
LYS NZ   N N N 213 
LYS OXT  O N N 214 
LYS H    H N N 215 
LYS H2   H N N 216 
LYS HA   H N N 217 
LYS HB2  H N N 218 
LYS HB3  H N N 219 
LYS HG2  H N N 220 
LYS HG3  H N N 221 
LYS HD2  H N N 222 
LYS HD3  H N N 223 
LYS HE2  H N N 224 
LYS HE3  H N N 225 
LYS HZ1  H N N 226 
LYS HZ2  H N N 227 
LYS HZ3  H N N 228 
LYS HXT  H N N 229 
MET N    N N N 230 
MET CA   C N S 231 
MET C    C N N 232 
MET O    O N N 233 
MET CB   C N N 234 
MET CG   C N N 235 
MET SD   S N N 236 
MET CE   C N N 237 
MET OXT  O N N 238 
MET H    H N N 239 
MET H2   H N N 240 
MET HA   H N N 241 
MET HB2  H N N 242 
MET HB3  H N N 243 
MET HG2  H N N 244 
MET HG3  H N N 245 
MET HE1  H N N 246 
MET HE2  H N N 247 
MET HE3  H N N 248 
MET HXT  H N N 249 
PHE N    N N N 250 
PHE CA   C N S 251 
PHE C    C N N 252 
PHE O    O N N 253 
PHE CB   C N N 254 
PHE CG   C Y N 255 
PHE CD1  C Y N 256 
PHE CD2  C Y N 257 
PHE CE1  C Y N 258 
PHE CE2  C Y N 259 
PHE CZ   C Y N 260 
PHE OXT  O N N 261 
PHE H    H N N 262 
PHE H2   H N N 263 
PHE HA   H N N 264 
PHE HB2  H N N 265 
PHE HB3  H N N 266 
PHE HD1  H N N 267 
PHE HD2  H N N 268 
PHE HE1  H N N 269 
PHE HE2  H N N 270 
PHE HZ   H N N 271 
PHE HXT  H N N 272 
PRO N    N N N 273 
PRO CA   C N S 274 
PRO C    C N N 275 
PRO O    O N N 276 
PRO CB   C N N 277 
PRO CG   C N N 278 
PRO CD   C N N 279 
PRO OXT  O N N 280 
PRO H    H N N 281 
PRO HA   H N N 282 
PRO HB2  H N N 283 
PRO HB3  H N N 284 
PRO HG2  H N N 285 
PRO HG3  H N N 286 
PRO HD2  H N N 287 
PRO HD3  H N N 288 
PRO HXT  H N N 289 
SER N    N N N 290 
SER CA   C N S 291 
SER C    C N N 292 
SER O    O N N 293 
SER CB   C N N 294 
SER OG   O N N 295 
SER OXT  O N N 296 
SER H    H N N 297 
SER H2   H N N 298 
SER HA   H N N 299 
SER HB2  H N N 300 
SER HB3  H N N 301 
SER HG   H N N 302 
SER HXT  H N N 303 
TRP N    N N N 304 
TRP CA   C N S 305 
TRP C    C N N 306 
TRP O    O N N 307 
TRP CB   C N N 308 
TRP CG   C Y N 309 
TRP CD1  C Y N 310 
TRP CD2  C Y N 311 
TRP NE1  N Y N 312 
TRP CE2  C Y N 313 
TRP CE3  C Y N 314 
TRP CZ2  C Y N 315 
TRP CZ3  C Y N 316 
TRP CH2  C Y N 317 
TRP OXT  O N N 318 
TRP H    H N N 319 
TRP H2   H N N 320 
TRP HA   H N N 321 
TRP HB2  H N N 322 
TRP HB3  H N N 323 
TRP HD1  H N N 324 
TRP HE1  H N N 325 
TRP HE3  H N N 326 
TRP HZ2  H N N 327 
TRP HZ3  H N N 328 
TRP HH2  H N N 329 
TRP HXT  H N N 330 
TYR N    N N N 331 
TYR CA   C N S 332 
TYR C    C N N 333 
TYR O    O N N 334 
TYR CB   C N N 335 
TYR CG   C Y N 336 
TYR CD1  C Y N 337 
TYR CD2  C Y N 338 
TYR CE1  C Y N 339 
TYR CE2  C Y N 340 
TYR CZ   C Y N 341 
TYR OH   O N N 342 
TYR OXT  O N N 343 
TYR H    H N N 344 
TYR H2   H N N 345 
TYR HA   H N N 346 
TYR HB2  H N N 347 
TYR HB3  H N N 348 
TYR HD1  H N N 349 
TYR HD2  H N N 350 
TYR HE1  H N N 351 
TYR HE2  H N N 352 
TYR HH   H N N 353 
TYR HXT  H N N 354 
VAL N    N N N 355 
VAL CA   C N S 356 
VAL C    C N N 357 
VAL O    O N N 358 
VAL CB   C N N 359 
VAL CG1  C N N 360 
VAL CG2  C N N 361 
VAL OXT  O N N 362 
VAL H    H N N 363 
VAL H2   H N N 364 
VAL HA   H N N 365 
VAL HB   H N N 366 
VAL HG11 H N N 367 
VAL HG12 H N N 368 
VAL HG13 H N N 369 
VAL HG21 H N N 370 
VAL HG22 H N N 371 
VAL HG23 H N N 372 
VAL HXT  H N N 373 
# 
loop_
_chem_comp_bond.comp_id 
_chem_comp_bond.atom_id_1 
_chem_comp_bond.atom_id_2 
_chem_comp_bond.value_order 
_chem_comp_bond.pdbx_aromatic_flag 
_chem_comp_bond.pdbx_stereo_config 
_chem_comp_bond.pdbx_ordinal 
ALA N   CA   sing N N 1   
ALA N   H    sing N N 2   
ALA N   H2   sing N N 3   
ALA CA  C    sing N N 4   
ALA CA  CB   sing N N 5   
ALA CA  HA   sing N N 6   
ALA C   O    doub N N 7   
ALA C   OXT  sing N N 8   
ALA CB  HB1  sing N N 9   
ALA CB  HB2  sing N N 10  
ALA CB  HB3  sing N N 11  
ALA OXT HXT  sing N N 12  
ARG N   CA   sing N N 13  
ARG N   H    sing N N 14  
ARG N   H2   sing N N 15  
ARG CA  C    sing N N 16  
ARG CA  CB   sing N N 17  
ARG CA  HA   sing N N 18  
ARG C   O    doub N N 19  
ARG C   OXT  sing N N 20  
ARG CB  CG   sing N N 21  
ARG CB  HB2  sing N N 22  
ARG CB  HB3  sing N N 23  
ARG CG  CD   sing N N 24  
ARG CG  HG2  sing N N 25  
ARG CG  HG3  sing N N 26  
ARG CD  NE   sing N N 27  
ARG CD  HD2  sing N N 28  
ARG CD  HD3  sing N N 29  
ARG NE  CZ   sing N N 30  
ARG NE  HE   sing N N 31  
ARG CZ  NH1  sing N N 32  
ARG CZ  NH2  doub N N 33  
ARG NH1 HH11 sing N N 34  
ARG NH1 HH12 sing N N 35  
ARG NH2 HH21 sing N N 36  
ARG NH2 HH22 sing N N 37  
ARG OXT HXT  sing N N 38  
ASN N   CA   sing N N 39  
ASN N   H    sing N N 40  
ASN N   H2   sing N N 41  
ASN CA  C    sing N N 42  
ASN CA  CB   sing N N 43  
ASN CA  HA   sing N N 44  
ASN C   O    doub N N 45  
ASN C   OXT  sing N N 46  
ASN CB  CG   sing N N 47  
ASN CB  HB2  sing N N 48  
ASN CB  HB3  sing N N 49  
ASN CG  OD1  doub N N 50  
ASN CG  ND2  sing N N 51  
ASN ND2 HD21 sing N N 52  
ASN ND2 HD22 sing N N 53  
ASN OXT HXT  sing N N 54  
ASP N   CA   sing N N 55  
ASP N   H    sing N N 56  
ASP N   H2   sing N N 57  
ASP CA  C    sing N N 58  
ASP CA  CB   sing N N 59  
ASP CA  HA   sing N N 60  
ASP C   O    doub N N 61  
ASP C   OXT  sing N N 62  
ASP CB  CG   sing N N 63  
ASP CB  HB2  sing N N 64  
ASP CB  HB3  sing N N 65  
ASP CG  OD1  doub N N 66  
ASP CG  OD2  sing N N 67  
ASP OD2 HD2  sing N N 68  
ASP OXT HXT  sing N N 69  
CYS N   CA   sing N N 70  
CYS N   H    sing N N 71  
CYS N   H2   sing N N 72  
CYS CA  C    sing N N 73  
CYS CA  CB   sing N N 74  
CYS CA  HA   sing N N 75  
CYS C   O    doub N N 76  
CYS C   OXT  sing N N 77  
CYS CB  SG   sing N N 78  
CYS CB  HB2  sing N N 79  
CYS CB  HB3  sing N N 80  
CYS SG  HG   sing N N 81  
CYS OXT HXT  sing N N 82  
GLN N   CA   sing N N 83  
GLN N   H    sing N N 84  
GLN N   H2   sing N N 85  
GLN CA  C    sing N N 86  
GLN CA  CB   sing N N 87  
GLN CA  HA   sing N N 88  
GLN C   O    doub N N 89  
GLN C   OXT  sing N N 90  
GLN CB  CG   sing N N 91  
GLN CB  HB2  sing N N 92  
GLN CB  HB3  sing N N 93  
GLN CG  CD   sing N N 94  
GLN CG  HG2  sing N N 95  
GLN CG  HG3  sing N N 96  
GLN CD  OE1  doub N N 97  
GLN CD  NE2  sing N N 98  
GLN NE2 HE21 sing N N 99  
GLN NE2 HE22 sing N N 100 
GLN OXT HXT  sing N N 101 
GLU N   CA   sing N N 102 
GLU N   H    sing N N 103 
GLU N   H2   sing N N 104 
GLU CA  C    sing N N 105 
GLU CA  CB   sing N N 106 
GLU CA  HA   sing N N 107 
GLU C   O    doub N N 108 
GLU C   OXT  sing N N 109 
GLU CB  CG   sing N N 110 
GLU CB  HB2  sing N N 111 
GLU CB  HB3  sing N N 112 
GLU CG  CD   sing N N 113 
GLU CG  HG2  sing N N 114 
GLU CG  HG3  sing N N 115 
GLU CD  OE1  doub N N 116 
GLU CD  OE2  sing N N 117 
GLU OE2 HE2  sing N N 118 
GLU OXT HXT  sing N N 119 
GLY N   CA   sing N N 120 
GLY N   H    sing N N 121 
GLY N   H2   sing N N 122 
GLY CA  C    sing N N 123 
GLY CA  HA2  sing N N 124 
GLY CA  HA3  sing N N 125 
GLY C   O    doub N N 126 
GLY C   OXT  sing N N 127 
GLY OXT HXT  sing N N 128 
HIS N   CA   sing N N 129 
HIS N   H    sing N N 130 
HIS N   H2   sing N N 131 
HIS CA  C    sing N N 132 
HIS CA  CB   sing N N 133 
HIS CA  HA   sing N N 134 
HIS C   O    doub N N 135 
HIS C   OXT  sing N N 136 
HIS CB  CG   sing N N 137 
HIS CB  HB2  sing N N 138 
HIS CB  HB3  sing N N 139 
HIS CG  ND1  sing Y N 140 
HIS CG  CD2  doub Y N 141 
HIS ND1 CE1  doub Y N 142 
HIS ND1 HD1  sing N N 143 
HIS CD2 NE2  sing Y N 144 
HIS CD2 HD2  sing N N 145 
HIS CE1 NE2  sing Y N 146 
HIS CE1 HE1  sing N N 147 
HIS NE2 HE2  sing N N 148 
HIS OXT HXT  sing N N 149 
HOH O   H1   sing N N 150 
HOH O   H2   sing N N 151 
ILE N   CA   sing N N 152 
ILE N   H    sing N N 153 
ILE N   H2   sing N N 154 
ILE CA  C    sing N N 155 
ILE CA  CB   sing N N 156 
ILE CA  HA   sing N N 157 
ILE C   O    doub N N 158 
ILE C   OXT  sing N N 159 
ILE CB  CG1  sing N N 160 
ILE CB  CG2  sing N N 161 
ILE CB  HB   sing N N 162 
ILE CG1 CD1  sing N N 163 
ILE CG1 HG12 sing N N 164 
ILE CG1 HG13 sing N N 165 
ILE CG2 HG21 sing N N 166 
ILE CG2 HG22 sing N N 167 
ILE CG2 HG23 sing N N 168 
ILE CD1 HD11 sing N N 169 
ILE CD1 HD12 sing N N 170 
ILE CD1 HD13 sing N N 171 
ILE OXT HXT  sing N N 172 
LEU N   CA   sing N N 173 
LEU N   H    sing N N 174 
LEU N   H2   sing N N 175 
LEU CA  C    sing N N 176 
LEU CA  CB   sing N N 177 
LEU CA  HA   sing N N 178 
LEU C   O    doub N N 179 
LEU C   OXT  sing N N 180 
LEU CB  CG   sing N N 181 
LEU CB  HB2  sing N N 182 
LEU CB  HB3  sing N N 183 
LEU CG  CD1  sing N N 184 
LEU CG  CD2  sing N N 185 
LEU CG  HG   sing N N 186 
LEU CD1 HD11 sing N N 187 
LEU CD1 HD12 sing N N 188 
LEU CD1 HD13 sing N N 189 
LEU CD2 HD21 sing N N 190 
LEU CD2 HD22 sing N N 191 
LEU CD2 HD23 sing N N 192 
LEU OXT HXT  sing N N 193 
LYS N   CA   sing N N 194 
LYS N   H    sing N N 195 
LYS N   H2   sing N N 196 
LYS CA  C    sing N N 197 
LYS CA  CB   sing N N 198 
LYS CA  HA   sing N N 199 
LYS C   O    doub N N 200 
LYS C   OXT  sing N N 201 
LYS CB  CG   sing N N 202 
LYS CB  HB2  sing N N 203 
LYS CB  HB3  sing N N 204 
LYS CG  CD   sing N N 205 
LYS CG  HG2  sing N N 206 
LYS CG  HG3  sing N N 207 
LYS CD  CE   sing N N 208 
LYS CD  HD2  sing N N 209 
LYS CD  HD3  sing N N 210 
LYS CE  NZ   sing N N 211 
LYS CE  HE2  sing N N 212 
LYS CE  HE3  sing N N 213 
LYS NZ  HZ1  sing N N 214 
LYS NZ  HZ2  sing N N 215 
LYS NZ  HZ3  sing N N 216 
LYS OXT HXT  sing N N 217 
MET N   CA   sing N N 218 
MET N   H    sing N N 219 
MET N   H2   sing N N 220 
MET CA  C    sing N N 221 
MET CA  CB   sing N N 222 
MET CA  HA   sing N N 223 
MET C   O    doub N N 224 
MET C   OXT  sing N N 225 
MET CB  CG   sing N N 226 
MET CB  HB2  sing N N 227 
MET CB  HB3  sing N N 228 
MET CG  SD   sing N N 229 
MET CG  HG2  sing N N 230 
MET CG  HG3  sing N N 231 
MET SD  CE   sing N N 232 
MET CE  HE1  sing N N 233 
MET CE  HE2  sing N N 234 
MET CE  HE3  sing N N 235 
MET OXT HXT  sing N N 236 
PHE N   CA   sing N N 237 
PHE N   H    sing N N 238 
PHE N   H2   sing N N 239 
PHE CA  C    sing N N 240 
PHE CA  CB   sing N N 241 
PHE CA  HA   sing N N 242 
PHE C   O    doub N N 243 
PHE C   OXT  sing N N 244 
PHE CB  CG   sing N N 245 
PHE CB  HB2  sing N N 246 
PHE CB  HB3  sing N N 247 
PHE CG  CD1  doub Y N 248 
PHE CG  CD2  sing Y N 249 
PHE CD1 CE1  sing Y N 250 
PHE CD1 HD1  sing N N 251 
PHE CD2 CE2  doub Y N 252 
PHE CD2 HD2  sing N N 253 
PHE CE1 CZ   doub Y N 254 
PHE CE1 HE1  sing N N 255 
PHE CE2 CZ   sing Y N 256 
PHE CE2 HE2  sing N N 257 
PHE CZ  HZ   sing N N 258 
PHE OXT HXT  sing N N 259 
PRO N   CA   sing N N 260 
PRO N   CD   sing N N 261 
PRO N   H    sing N N 262 
PRO CA  C    sing N N 263 
PRO CA  CB   sing N N 264 
PRO CA  HA   sing N N 265 
PRO C   O    doub N N 266 
PRO C   OXT  sing N N 267 
PRO CB  CG   sing N N 268 
PRO CB  HB2  sing N N 269 
PRO CB  HB3  sing N N 270 
PRO CG  CD   sing N N 271 
PRO CG  HG2  sing N N 272 
PRO CG  HG3  sing N N 273 
PRO CD  HD2  sing N N 274 
PRO CD  HD3  sing N N 275 
PRO OXT HXT  sing N N 276 
SER N   CA   sing N N 277 
SER N   H    sing N N 278 
SER N   H2   sing N N 279 
SER CA  C    sing N N 280 
SER CA  CB   sing N N 281 
SER CA  HA   sing N N 282 
SER C   O    doub N N 283 
SER C   OXT  sing N N 284 
SER CB  OG   sing N N 285 
SER CB  HB2  sing N N 286 
SER CB  HB3  sing N N 287 
SER OG  HG   sing N N 288 
SER OXT HXT  sing N N 289 
TRP N   CA   sing N N 290 
TRP N   H    sing N N 291 
TRP N   H2   sing N N 292 
TRP CA  C    sing N N 293 
TRP CA  CB   sing N N 294 
TRP CA  HA   sing N N 295 
TRP C   O    doub N N 296 
TRP C   OXT  sing N N 297 
TRP CB  CG   sing N N 298 
TRP CB  HB2  sing N N 299 
TRP CB  HB3  sing N N 300 
TRP CG  CD1  doub Y N 301 
TRP CG  CD2  sing Y N 302 
TRP CD1 NE1  sing Y N 303 
TRP CD1 HD1  sing N N 304 
TRP CD2 CE2  doub Y N 305 
TRP CD2 CE3  sing Y N 306 
TRP NE1 CE2  sing Y N 307 
TRP NE1 HE1  sing N N 308 
TRP CE2 CZ2  sing Y N 309 
TRP CE3 CZ3  doub Y N 310 
TRP CE3 HE3  sing N N 311 
TRP CZ2 CH2  doub Y N 312 
TRP CZ2 HZ2  sing N N 313 
TRP CZ3 CH2  sing Y N 314 
TRP CZ3 HZ3  sing N N 315 
TRP CH2 HH2  sing N N 316 
TRP OXT HXT  sing N N 317 
TYR N   CA   sing N N 318 
TYR N   H    sing N N 319 
TYR N   H2   sing N N 320 
TYR CA  C    sing N N 321 
TYR CA  CB   sing N N 322 
TYR CA  HA   sing N N 323 
TYR C   O    doub N N 324 
TYR C   OXT  sing N N 325 
TYR CB  CG   sing N N 326 
TYR CB  HB2  sing N N 327 
TYR CB  HB3  sing N N 328 
TYR CG  CD1  doub Y N 329 
TYR CG  CD2  sing Y N 330 
TYR CD1 CE1  sing Y N 331 
TYR CD1 HD1  sing N N 332 
TYR CD2 CE2  doub Y N 333 
TYR CD2 HD2  sing N N 334 
TYR CE1 CZ   doub Y N 335 
TYR CE1 HE1  sing N N 336 
TYR CE2 CZ   sing Y N 337 
TYR CE2 HE2  sing N N 338 
TYR CZ  OH   sing N N 339 
TYR OH  HH   sing N N 340 
TYR OXT HXT  sing N N 341 
VAL N   CA   sing N N 342 
VAL N   H    sing N N 343 
VAL N   H2   sing N N 344 
VAL CA  C    sing N N 345 
VAL CA  CB   sing N N 346 
VAL CA  HA   sing N N 347 
VAL C   O    doub N N 348 
VAL C   OXT  sing N N 349 
VAL CB  CG1  sing N N 350 
VAL CB  CG2  sing N N 351 
VAL CB  HB   sing N N 352 
VAL CG1 HG11 sing N N 353 
VAL CG1 HG12 sing N N 354 
VAL CG1 HG13 sing N N 355 
VAL CG2 HG21 sing N N 356 
VAL CG2 HG22 sing N N 357 
VAL CG2 HG23 sing N N 358 
VAL OXT HXT  sing N N 359 
# 
_atom_sites.entry_id                    1ZV1 
_atom_sites.fract_transf_matrix[1][1]   -0.02508330 
_atom_sites.fract_transf_matrix[1][2]   0.00172771 
_atom_sites.fract_transf_matrix[1][3]   -0.00011704 
_atom_sites.fract_transf_matrix[2][1]   -0.00146937 
_atom_sites.fract_transf_matrix[2][2]   -0.02138476 
_atom_sites.fract_transf_matrix[2][3]   -0.00076987 
_atom_sites.fract_transf_matrix[3][1]   -0.00011891 
_atom_sites.fract_transf_matrix[3][2]   -0.00059377 
_atom_sites.fract_transf_matrix[3][3]   0.01672004 
_atom_sites.fract_transf_vector[1]      0.749168 
_atom_sites.fract_transf_vector[2]      0.590282 
_atom_sites.fract_transf_vector[3]      0.249770 
# 
loop_
_atom_type.symbol 
C 
N 
O 
S 
# 
loop_
_atom_site.group_PDB 
_atom_site.id 
_atom_site.type_symbol 
_atom_site.label_atom_id 
_atom_site.label_alt_id 
_atom_site.label_comp_id 
_atom_site.label_asym_id 
_atom_site.label_entity_id 
_atom_site.label_seq_id 
_atom_site.pdbx_PDB_ins_code 
_atom_site.Cartn_x 
_atom_site.Cartn_y 
_atom_site.Cartn_z 
_atom_site.occupancy 
_atom_site.B_iso_or_equiv 
_atom_site.pdbx_formal_charge 
_atom_site.auth_seq_id 
_atom_site.auth_comp_id 
_atom_site.auth_asym_id 
_atom_site.auth_atom_id 
_atom_site.pdbx_PDB_model_num 
ATOM   1    N N   . GLN A 1 6  ? -15.790 8.334   7.836   1.00 38.91  ? 6   GLN A N   1 
ATOM   2    C CA  . GLN A 1 6  ? -14.924 7.162   8.141   1.00 38.56  ? 6   GLN A CA  1 
ATOM   3    C C   . GLN A 1 6  ? -15.464 5.906   7.458   1.00 37.68  ? 6   GLN A C   1 
ATOM   4    O O   . GLN A 1 6  ? -14.715 5.151   6.819   1.00 37.28  ? 6   GLN A O   1 
ATOM   5    C CB  . GLN A 1 6  ? -14.825 6.968   9.658   1.00 39.16  ? 6   GLN A CB  1 
ATOM   6    C CG  . GLN A 1 6  ? -14.424 5.563   10.107  1.00 41.75  ? 6   GLN A CG  1 
ATOM   7    C CD  . GLN A 1 6  ? -12.944 5.251   9.912   1.00 43.70  ? 6   GLN A CD  1 
ATOM   8    O OE1 . GLN A 1 6  ? -12.228 5.931   9.168   1.00 45.89  ? 6   GLN A OE1 1 
ATOM   9    N NE2 . GLN A 1 6  ? -12.482 4.205   10.584  1.00 45.57  ? 6   GLN A NE2 1 
ATOM   10   N N   . ASP A 1 7  ? -16.768 5.689   7.602   1.00 36.43  ? 7   ASP A N   1 
ATOM   11   C CA  . ASP A 1 7  ? -17.453 4.549   7.000   1.00 35.24  ? 7   ASP A CA  1 
ATOM   12   C C   . ASP A 1 7  ? -17.359 4.578   5.478   1.00 33.34  ? 7   ASP A C   1 
ATOM   13   O O   . ASP A 1 7  ? -17.091 3.542   4.842   1.00 33.60  ? 7   ASP A O   1 
ATOM   14   C CB  . ASP A 1 7  ? -18.929 4.522   7.434   1.00 35.92  ? 7   ASP A CB  1 
ATOM   15   C CG  . ASP A 1 7  ? -19.578 3.173   7.213   1.00 38.57  ? 7   ASP A CG  1 
ATOM   16   O OD1 . ASP A 1 7  ? -20.810 3.149   7.011   1.00 42.38  ? 7   ASP A OD1 1 
ATOM   17   O OD2 . ASP A 1 7  ? -18.864 2.144   7.235   1.00 41.08  ? 7   ASP A OD2 1 
ATOM   18   N N   . VAL A 1 8  ? -17.569 5.762   4.896   1.00 30.76  ? 8   VAL A N   1 
ATOM   19   C CA  . VAL A 1 8  ? -17.468 5.980   3.444   1.00 28.38  ? 8   VAL A CA  1 
ATOM   20   C C   . VAL A 1 8  ? -16.025 5.817   2.943   1.00 26.34  ? 8   VAL A C   1 
ATOM   21   O O   . VAL A 1 8  ? -15.781 5.268   1.878   1.00 25.50  ? 8   VAL A O   1 
ATOM   22   C CB  . VAL A 1 8  ? -17.947 7.401   3.053   1.00 29.11  ? 8   VAL A CB  1 
ATOM   23   C CG1 . VAL A 1 8  ? -17.475 7.807   1.655   1.00 29.78  ? 8   VAL A CG1 1 
ATOM   24   C CG2 . VAL A 1 8  ? -19.464 7.492   3.149   1.00 29.92  ? 8   VAL A CG2 1 
ATOM   25   N N   . PHE A 1 9  ? -15.076 6.330   3.716   1.00 23.54  ? 9   PHE A N   1 
ATOM   26   C CA  . PHE A 1 9  ? -13.682 6.145   3.393   1.00 21.47  ? 9   PHE A CA  1 
ATOM   27   C C   . PHE A 1 9  ? -13.305 4.667   3.262   1.00 20.46  ? 9   PHE A C   1 
ATOM   28   O O   . PHE A 1 9  ? -12.601 4.278   2.315   1.00 19.50  ? 9   PHE A O   1 
ATOM   29   C CB  . PHE A 1 9  ? -12.810 6.823   4.449   1.00 19.72  ? 9   PHE A CB  1 
ATOM   30   C CG  . PHE A 1 9  ? -11.351 6.741   4.144   1.00 16.55  ? 9   PHE A CG  1 
ATOM   31   C CD1 . PHE A 1 9  ? -10.785 7.640   3.278   1.00 16.79  ? 9   PHE A CD1 1 
ATOM   32   C CD2 . PHE A 1 9  ? -10.560 5.753   4.716   1.00 15.97  ? 9   PHE A CD2 1 
ATOM   33   C CE1 . PHE A 1 9  ? -9.443  7.560   2.970   1.00 19.30  ? 9   PHE A CE1 1 
ATOM   34   C CE2 . PHE A 1 9  ? -9.210  5.669   4.416   1.00 13.95  ? 9   PHE A CE2 1 
ATOM   35   C CZ  . PHE A 1 9  ? -8.651  6.559   3.554   1.00 16.86  ? 9   PHE A CZ  1 
ATOM   36   N N   . LEU A 1 10 ? -13.757 3.843   4.199   1.00 20.02  ? 10  LEU A N   1 
ATOM   37   C CA  . LEU A 1 10 ? -13.455 2.405   4.143   1.00 20.43  ? 10  LEU A CA  1 
ATOM   38   C C   . LEU A 1 10 ? -14.173 1.753   2.958   1.00 19.94  ? 10  LEU A C   1 
ATOM   39   O O   . LEU A 1 10 ? -13.670 0.828   2.329   1.00 18.47  ? 10  LEU A O   1 
ATOM   40   C CB  . LEU A 1 10 ? -13.769 1.700   5.454   1.00 21.12  ? 10  LEU A CB  1 
ATOM   41   C CG  . LEU A 1 10 ? -12.778 2.002   6.585   1.00 22.10  ? 10  LEU A CG  1 
ATOM   42   C CD1 . LEU A 1 10 ? -13.243 1.344   7.861   1.00 25.20  ? 10  LEU A CD1 1 
ATOM   43   C CD2 . LEU A 1 10 ? -11.322 1.570   6.274   1.00 23.10  ? 10  LEU A CD2 1 
ATOM   44   N N   . ASP A 1 11 ? -15.348 2.280   2.604   1.00 20.24  ? 11  ASP A N   1 
ATOM   45   C CA  . ASP A 1 11 ? -15.950 1.895   1.330   1.00 20.89  ? 11  ASP A CA  1 
ATOM   46   C C   . ASP A 1 11 ? -15.057 2.169   0.096   1.00 20.45  ? 11  ASP A C   1 
ATOM   47   O O   . ASP A 1 11 ? -14.897 1.300   -0.774  1.00 20.51  ? 11  ASP A O   1 
ATOM   48   C CB  . ASP A 1 11 ? -17.327 2.584   1.151   1.00 21.58  ? 11  ASP A CB  1 
ATOM   49   C CG  . ASP A 1 11 ? -18.219 1.841   0.182   1.00 25.56  ? 11  ASP A CG  1 
ATOM   50   O OD1 . ASP A 1 11 ? -18.150 0.589   0.163   1.00 29.41  ? 11  ASP A OD1 1 
ATOM   51   O OD2 . ASP A 1 11 ? -19.001 2.496   -0.532  1.00 26.62  ? 11  ASP A OD2 1 
ATOM   52   N N   . TYR A 1 12 ? -14.459 3.371   0.005   1.00 18.78  ? 12  TYR A N   1 
ATOM   53   C CA  . TYR A 1 12 ? -13.537 3.608   -1.094  1.00 18.63  ? 12  TYR A CA  1 
ATOM   54   C C   . TYR A 1 12 ? -12.351 2.638   -1.002  1.00 17.27  ? 12  TYR A C   1 
ATOM   55   O O   . TYR A 1 12 ? -11.825 2.203   -2.016  1.00 16.23  ? 12  TYR A O   1 
ATOM   56   C CB  . TYR A 1 12 ? -12.920 5.026   -1.078  1.00 19.61  ? 12  TYR A CB  1 
ATOM   57   C CG  A TYR A 1 12 ? -13.901 6.191   -1.110  0.70 22.21  ? 12  TYR A CG  1 
ATOM   58   C CG  B TYR A 1 12 ? -13.727 6.139   -1.716  0.30 16.97  ? 12  TYR A CG  1 
ATOM   59   C CD1 A TYR A 1 12 ? -15.250 6.003   -1.425  0.70 23.80  ? 12  TYR A CD1 1 
ATOM   60   C CD1 B TYR A 1 12 ? -14.872 5.877   -2.470  0.30 15.57  ? 12  TYR A CD1 1 
ATOM   61   C CD2 A TYR A 1 12 ? -13.455 7.484   -0.855  0.70 24.60  ? 12  TYR A CD2 1 
ATOM   62   C CD2 B TYR A 1 12 ? -13.308 7.463   -1.594  0.30 15.35  ? 12  TYR A CD2 1 
ATOM   63   C CE1 A TYR A 1 12 ? -16.134 7.085   -1.473  0.70 23.70  ? 12  TYR A CE1 1 
ATOM   64   C CE1 B TYR A 1 12 ? -15.605 6.916   -3.042  0.30 15.59  ? 12  TYR A CE1 1 
ATOM   65   C CE2 A TYR A 1 12 ? -14.322 8.557   -0.893  0.70 26.01  ? 12  TYR A CE2 1 
ATOM   66   C CE2 B TYR A 1 12 ? -14.027 8.502   -2.167  0.30 13.26  ? 12  TYR A CE2 1 
ATOM   67   C CZ  A TYR A 1 12 ? -15.660 8.347   -1.197  0.70 23.90  ? 12  TYR A CZ  1 
ATOM   68   C CZ  B TYR A 1 12 ? -15.172 8.222   -2.894  0.30 16.62  ? 12  TYR A CZ  1 
ATOM   69   O OH  A TYR A 1 12 ? -16.518 9.412   -1.243  0.70 25.49  ? 12  TYR A OH  1 
ATOM   70   O OH  B TYR A 1 12 ? -15.882 9.258   -3.458  0.30 16.89  ? 12  TYR A OH  1 
ATOM   71   N N   . CYS A 1 13 ? -11.879 2.357   0.210   1.00 16.25  ? 13  CYS A N   1 
ATOM   72   C CA  . CYS A 1 13 ? -10.769 1.415   0.360   1.00 15.37  ? 13  CYS A CA  1 
ATOM   73   C C   . CYS A 1 13 ? -11.109 0.066   -0.236  1.00 15.61  ? 13  CYS A C   1 
ATOM   74   O O   . CYS A 1 13 ? -10.300 -0.532  -0.946  1.00 16.17  ? 13  CYS A O   1 
ATOM   75   C CB  . CYS A 1 13 ? -10.353 1.212   1.817   1.00 15.01  ? 13  CYS A CB  1 
ATOM   76   S SG  . CYS A 1 13 ? -9.537  2.628   2.607   1.00 14.29  ? 13  CYS A SG  1 
ATOM   77   N N   . GLN A 1 14 ? -12.327 -0.407  0.038   1.00 16.59  ? 14  GLN A N   1 
ATOM   78   C CA  . GLN A 1 14 ? -12.760 -1.693  -0.521  1.00 17.33  ? 14  GLN A CA  1 
ATOM   79   C C   . GLN A 1 14 ? -12.908 -1.650  -2.050  1.00 17.04  ? 14  GLN A C   1 
ATOM   80   O O   . GLN A 1 14 ? -12.617 -2.632  -2.719  1.00 14.98  ? 14  GLN A O   1 
ATOM   81   C CB  . GLN A 1 14 ? -14.073 -2.125  0.149   1.00 17.03  ? 14  GLN A CB  1 
ATOM   82   C CG  . GLN A 1 14 ? -14.617 -3.470  -0.344  1.00 18.58  ? 14  GLN A CG  1 
ATOM   83   C CD  . GLN A 1 14 ? -15.875 -3.855  0.401   1.00 20.35  ? 14  GLN A CD  1 
ATOM   84   O OE1 . GLN A 1 14 ? -16.527 -3.008  0.990   1.00 27.64  ? 14  GLN A OE1 1 
ATOM   85   N NE2 . GLN A 1 14 ? -16.196 -5.132  0.412   1.00 24.05  ? 14  GLN A NE2 1 
ATOM   86   N N   . LYS A 1 15 ? -13.322 -0.505  -2.594  1.00 16.81  ? 15  LYS A N   1 
ATOM   87   C CA  . LYS A 1 15 ? -13.391 -0.365  -4.047  1.00 18.51  ? 15  LYS A CA  1 
ATOM   88   C C   . LYS A 1 15 ? -12.019 -0.471  -4.669  1.00 17.65  ? 15  LYS A C   1 
ATOM   89   O O   . LYS A 1 15 ? -11.818 -1.110  -5.727  1.00 17.74  ? 15  LYS A O   1 
ATOM   90   C CB  . LYS A 1 15 ? -14.112 0.927   -4.490  1.00 18.87  ? 15  LYS A CB  1 
ATOM   91   C CG  . LYS A 1 15 ? -15.599 0.868   -4.318  1.00 23.54  ? 15  LYS A CG  1 
ATOM   92   C CD  A LYS A 1 15 ? -16.200 -0.373  -4.978  0.50 24.60  ? 15  LYS A CD  1 
ATOM   93   C CD  B LYS A 1 15 ? -16.255 2.154   -4.760  0.50 25.13  ? 15  LYS A CD  1 
ATOM   94   C CE  A LYS A 1 15 ? -17.712 -0.497  -4.764  0.50 25.86  ? 15  LYS A CE  1 
ATOM   95   C CE  B LYS A 1 15 ? -17.615 2.214   -4.114  0.50 25.65  ? 15  LYS A CE  1 
ATOM   96   N NZ  A LYS A 1 15 ? -18.224 -1.800  -5.259  0.50 26.10  ? 15  LYS A NZ  1 
ATOM   97   N NZ  B LYS A 1 15 ? -18.603 3.036   -4.849  0.50 27.42  ? 15  LYS A NZ  1 
ATOM   98   N N   . LEU A 1 16 ? -11.034 0.134   -4.002  1.00 16.96  ? 16  LEU A N   1 
ATOM   99   C CA  . LEU A 1 16 ? -9.691  0.122   -4.495  1.00 16.06  ? 16  LEU A CA  1 
ATOM   100  C C   . LEU A 1 16 ? -9.139  -1.289  -4.431  1.00 15.30  ? 16  LEU A C   1 
ATOM   101  O O   . LEU A 1 16 ? -8.527  -1.778  -5.368  1.00 16.27  ? 16  LEU A O   1 
ATOM   102  C CB  . LEU A 1 16 ? -8.831  1.064   -3.644  1.00 15.78  ? 16  LEU A CB  1 
ATOM   103  C CG  . LEU A 1 16 ? -7.462  1.445   -4.171  1.00 16.79  ? 16  LEU A CG  1 
ATOM   104  C CD1 . LEU A 1 16 ? -7.450  2.077   -5.596  1.00 15.07  ? 16  LEU A CD1 1 
ATOM   105  C CD2 . LEU A 1 16 ? -6.861  2.465   -3.171  1.00 16.06  ? 16  LEU A CD2 1 
ATOM   106  N N   . LEU A 1 17 ? -9.414  -1.962  -3.322  1.00 13.62  ? 17  LEU A N   1 
ATOM   107  C CA  . LEU A 1 17 ? -8.987  -3.324  -3.083  1.00 13.81  ? 17  LEU A CA  1 
ATOM   108  C C   . LEU A 1 17 ? -9.484  -4.238  -4.194  1.00 14.97  ? 17  LEU A C   1 
ATOM   109  O O   . LEU A 1 17 ? -8.735  -5.042  -4.730  1.00 15.29  ? 17  LEU A O   1 
ATOM   110  C CB  . LEU A 1 17 ? -9.578  -3.831  -1.762  1.00 12.77  ? 17  LEU A CB  1 
ATOM   111  C CG  . LEU A 1 17 ? -8.972  -5.138  -1.248  1.00 13.78  ? 17  LEU A CG  1 
ATOM   112  C CD1 . LEU A 1 17 ? -7.685  -4.950  -0.462  1.00 14.41  ? 17  LEU A CD1 1 
ATOM   113  C CD2 . LEU A 1 17 ? -10.007 -5.874  -0.400  1.00 13.20  ? 17  LEU A CD2 1 
ATOM   114  N N   . GLU A 1 18 ? -10.762 -4.080  -4.495  1.00 16.56  ? 18  GLU A N   1 
ATOM   115  C CA  . GLU A 1 18 ? -11.416 -4.940  -5.461  1.00 18.24  ? 18  GLU A CA  1 
ATOM   116  C C   . GLU A 1 18 ? -10.904 -4.674  -6.875  1.00 19.65  ? 18  GLU A C   1 
ATOM   117  O O   . GLU A 1 18 ? -10.712 -5.625  -7.646  1.00 20.78  ? 18  GLU A O   1 
ATOM   118  C CB  . GLU A 1 18 ? -12.943 -4.779  -5.328  1.00 18.23  ? 18  GLU A CB  1 
ATOM   119  C CG  . GLU A 1 18 ? -13.393 -5.490  -4.054  1.00 19.33  ? 18  GLU A CG  1 
ATOM   120  C CD  . GLU A 1 18 ? -14.836 -5.317  -3.682  1.00 23.44  ? 18  GLU A CD  1 
ATOM   121  O OE1 . GLU A 1 18 ? -15.544 -4.503  -4.292  1.00 24.70  ? 18  GLU A OE1 1 
ATOM   122  O OE2 . GLU A 1 18 ? -15.231 -5.996  -2.724  1.00 24.37  ? 18  GLU A OE2 1 
ATOM   123  N N   . LYS A 1 19 ? -10.632 -3.408  -7.202  1.00 20.34  ? 19  LYS A N   1 
ATOM   124  C CA  . LYS A 1 19 ? -10.133 -3.035  -8.555  1.00 21.39  ? 19  LYS A CA  1 
ATOM   125  C C   . LYS A 1 19 ? -8.857  -3.773  -8.875  1.00 21.41  ? 19  LYS A C   1 
ATOM   126  O O   . LYS A 1 19 ? -8.645  -4.233  -10.011 1.00 22.30  ? 19  LYS A O   1 
ATOM   127  C CB  . LYS A 1 19 ? -9.935  -1.503  -8.721  1.00 21.70  ? 19  LYS A CB  1 
ATOM   128  C CG  . LYS A 1 19 ? -9.270  -1.112  -10.085 1.00 21.47  ? 19  LYS A CG  1 
ATOM   129  C CD  . LYS A 1 19 ? -9.190  0.370   -10.352 1.00 23.88  ? 19  LYS A CD  1 
ATOM   130  C CE  . LYS A 1 19 ? -8.329  0.600   -11.588 1.00 25.31  ? 19  LYS A CE  1 
ATOM   131  N NZ  . LYS A 1 19 ? -8.084  2.038   -11.889 1.00 30.85  ? 19  LYS A NZ  1 
ATOM   132  N N   . PHE A 1 20 ? -7.983  -3.870  -7.878  1.00 19.87  ? 20  PHE A N   1 
ATOM   133  C CA  . PHE A 1 20 ? -6.680  -4.472  -8.059  1.00 19.89  ? 20  PHE A CA  1 
ATOM   134  C C   . PHE A 1 20 ? -6.623  -5.932  -7.620  1.00 20.83  ? 20  PHE A C   1 
ATOM   135  O O   . PHE A 1 20 ? -5.541  -6.545  -7.598  1.00 22.00  ? 20  PHE A O   1 
ATOM   136  C CB  . PHE A 1 20 ? -5.607  -3.622  -7.373  1.00 18.58  ? 20  PHE A CB  1 
ATOM   137  C CG  . PHE A 1 20 ? -5.361  -2.318  -8.058  1.00 16.03  ? 20  PHE A CG  1 
ATOM   138  C CD1 . PHE A 1 20 ? -4.518  -2.250  -9.171  1.00 18.56  ? 20  PHE A CD1 1 
ATOM   139  C CD2 . PHE A 1 20 ? -5.983  -1.160  -7.629  1.00 14.07  ? 20  PHE A CD2 1 
ATOM   140  C CE1 . PHE A 1 20 ? -4.297  -1.048  -9.816  1.00 17.65  ? 20  PHE A CE1 1 
ATOM   141  C CE2 . PHE A 1 20 ? -5.756  0.052   -8.266  1.00 16.26  ? 20  PHE A CE2 1 
ATOM   142  C CZ  . PHE A 1 20 ? -4.903  0.103   -9.371  1.00 17.84  ? 20  PHE A CZ  1 
ATOM   143  N N   . ARG A 1 21 ? -7.792  -6.491  -7.304  1.00 21.64  ? 21  ARG A N   1 
ATOM   144  C CA  . ARG A 1 21 ? -7.958  -7.920  -6.943  1.00 22.31  ? 21  ARG A CA  1 
ATOM   145  C C   . ARG A 1 21 ? -7.119  -8.362  -5.751  1.00 21.99  ? 21  ARG A C   1 
ATOM   146  O O   . ARG A 1 21 ? -6.558  -9.467  -5.706  1.00 22.33  ? 21  ARG A O   1 
ATOM   147  C CB  . ARG A 1 21 ? -7.691  -8.839  -8.144  1.00 22.80  ? 21  ARG A CB  1 
ATOM   148  C CG  . ARG A 1 21 ? -8.596  -8.568  -9.355  1.00 25.78  ? 21  ARG A CG  1 
ATOM   149  C CD  . ARG A 1 21 ? -10.054 -8.841  -9.012  1.00 31.02  ? 21  ARG A CD  1 
ATOM   150  N NE  . ARG A 1 21 ? -10.938 -8.828  -10.180 1.00 35.78  ? 21  ARG A NE  1 
ATOM   151  C CZ  . ARG A 1 21 ? -11.735 -7.814  -10.520 1.00 37.28  ? 21  ARG A CZ  1 
ATOM   152  N NH1 . ARG A 1 21 ? -11.775 -6.703  -9.787  1.00 38.20  ? 21  ARG A NH1 1 
ATOM   153  N NH2 . ARG A 1 21 ? -12.504 -7.915  -11.597 1.00 39.39  ? 21  ARG A NH2 1 
ATOM   154  N N   . TYR A 1 22 ? -7.039  -7.466  -4.777  1.00 19.09  ? 22  TYR A N   1 
ATOM   155  C CA  . TYR A 1 22 ? -6.325  -7.766  -3.552  1.00 18.25  ? 22  TYR A CA  1 
ATOM   156  C C   . TYR A 1 22 ? -7.220  -8.424  -2.519  1.00 16.75  ? 22  TYR A C   1 
ATOM   157  O O   . TYR A 1 22 ? -8.405  -8.128  -2.464  1.00 17.97  ? 22  TYR A O   1 
ATOM   158  C CB  . TYR A 1 22 ? -5.732  -6.473  -2.971  1.00 16.85  ? 22  TYR A CB  1 
ATOM   159  C CG  . TYR A 1 22 ? -4.593  -5.849  -3.759  1.00 16.99  ? 22  TYR A CG  1 
ATOM   160  C CD1 . TYR A 1 22 ? -3.503  -6.626  -4.184  1.00 16.38  ? 22  TYR A CD1 1 
ATOM   161  C CD2 . TYR A 1 22 ? -4.580  -4.477  -4.053  1.00 16.13  ? 22  TYR A CD2 1 
ATOM   162  C CE1 . TYR A 1 22 ? -2.432  -6.063  -4.921  1.00 17.25  ? 22  TYR A CE1 1 
ATOM   163  C CE2 . TYR A 1 22 ? -3.530  -3.916  -4.769  1.00 16.47  ? 22  TYR A CE2 1 
ATOM   164  C CZ  . TYR A 1 22 ? -2.447  -4.704  -5.192  1.00 14.91  ? 22  TYR A CZ  1 
ATOM   165  O OH  . TYR A 1 22 ? -1.381  -4.161  -5.926  1.00 18.07  ? 22  TYR A OH  1 
ATOM   166  N N   . PRO A 1 23 ? -6.635  -9.290  -1.654  1.00 16.70  ? 23  PRO A N   1 
ATOM   167  C CA  . PRO A 1 23 ? -7.393  -9.887  -0.555  1.00 15.87  ? 23  PRO A CA  1 
ATOM   168  C C   . PRO A 1 23 ? -7.592  -8.909  0.587   1.00 15.56  ? 23  PRO A C   1 
ATOM   169  O O   . PRO A 1 23 ? -6.792  -7.972  0.736   1.00 15.35  ? 23  PRO A O   1 
ATOM   170  C CB  . PRO A 1 23 ? -6.513  -11.045 -0.090  1.00 16.38  ? 23  PRO A CB  1 
ATOM   171  C CG  . PRO A 1 23 ? -5.081  -10.529 -0.422  1.00 16.10  ? 23  PRO A CG  1 
ATOM   172  C CD  . PRO A 1 23 ? -5.242  -9.788  -1.697  1.00 15.82  ? 23  PRO A CD  1 
ATOM   173  N N   . TRP A 1 24 ? -8.647  -9.142  1.389   1.00 13.98  ? 24  TRP A N   1 
ATOM   174  C CA  . TRP A 1 24 ? -9.023  -8.272  2.491   1.00 13.94  ? 24  TRP A CA  1 
ATOM   175  C C   . TRP A 1 24 ? -7.855  -7.906  3.459   1.00 15.16  ? 24  TRP A C   1 
ATOM   176  O O   . TRP A 1 24 ? -7.831  -6.794  4.015   1.00 14.13  ? 24  TRP A O   1 
ATOM   177  C CB  . TRP A 1 24 ? -10.166 -8.945  3.270   1.00 15.15  ? 24  TRP A CB  1 
ATOM   178  C CG  . TRP A 1 24 ? -10.700 -8.094  4.347   1.00 12.62  ? 24  TRP A CG  1 
ATOM   179  C CD1 . TRP A 1 24 ? -10.412 -8.177  5.704   1.00 17.80  ? 24  TRP A CD1 1 
ATOM   180  C CD2 . TRP A 1 24 ? -11.620 -7.016  4.196   1.00 15.34  ? 24  TRP A CD2 1 
ATOM   181  N NE1 . TRP A 1 24 ? -11.102 -7.198  6.378   1.00 17.41  ? 24  TRP A NE1 1 
ATOM   182  C CE2 . TRP A 1 24 ? -11.859 -6.486  5.481   1.00 17.74  ? 24  TRP A CE2 1 
ATOM   183  C CE3 . TRP A 1 24 ? -12.291 -6.460  3.088   1.00 16.46  ? 24  TRP A CE3 1 
ATOM   184  C CZ2 . TRP A 1 24 ? -12.739 -5.405  5.687   1.00 18.54  ? 24  TRP A CZ2 1 
ATOM   185  C CZ3 . TRP A 1 24 ? -13.139 -5.361  3.295   1.00 16.81  ? 24  TRP A CZ3 1 
ATOM   186  C CH2 . TRP A 1 24 ? -13.358 -4.868  4.589   1.00 16.22  ? 24  TRP A CH2 1 
ATOM   187  N N   . GLU A 1 25 ? -6.904  -8.835  3.612   1.00 14.68  ? 25  GLU A N   1 
ATOM   188  C CA  . GLU A 1 25 ? -5.756  -8.621  4.499   1.00 16.87  ? 25  GLU A CA  1 
ATOM   189  C C   . GLU A 1 25 ? -4.956  -7.369  4.111   1.00 15.60  ? 25  GLU A C   1 
ATOM   190  O O   . GLU A 1 25 ? -4.207  -6.836  4.936   1.00 16.57  ? 25  GLU A O   1 
ATOM   191  C CB  . GLU A 1 25 ? -4.835  -9.854  4.538   1.00 16.63  ? 25  GLU A CB  1 
ATOM   192  C CG  . GLU A 1 25 ? -3.663  -9.709  5.531   1.00 21.30  ? 25  GLU A CG  1 
ATOM   193  C CD  A GLU A 1 25 ? -2.918  -11.009 5.739   0.70 21.50  ? 25  GLU A CD  1 
ATOM   194  C CD  B GLU A 1 25 ? -4.026  -10.038 6.964   0.30 21.64  ? 25  GLU A CD  1 
ATOM   195  O OE1 A GLU A 1 25 ? -2.861  -11.824 4.778   0.70 27.18  ? 25  GLU A OE1 1 
ATOM   196  O OE1 B GLU A 1 25 ? -5.189  -10.409 7.229   0.30 22.69  ? 25  GLU A OE1 1 
ATOM   197  O OE2 A GLU A 1 25 ? -2.406  -11.231 6.866   0.70 29.02  ? 25  GLU A OE2 1 
ATOM   198  O OE2 B GLU A 1 25 ? -3.136  -9.928  7.831   0.30 22.47  ? 25  GLU A OE2 1 
ATOM   199  N N   . LEU A 1 26 ? -5.114  -6.923  2.870   1.00 13.86  ? 26  LEU A N   1 
ATOM   200  C CA  . LEU A 1 26 ? -4.416  -5.701  2.387   1.00 13.30  ? 26  LEU A CA  1 
ATOM   201  C C   . LEU A 1 26 ? -5.224  -4.407  2.516   1.00 12.36  ? 26  LEU A C   1 
ATOM   202  O O   . LEU A 1 26 ? -4.767  -3.339  2.134   1.00 11.21  ? 26  LEU A O   1 
ATOM   203  C CB  . LEU A 1 26 ? -3.902  -5.876  0.966   1.00 14.22  ? 26  LEU A CB  1 
ATOM   204  C CG  . LEU A 1 26 ? -3.129  -7.187  0.807   1.00 14.68  ? 26  LEU A CG  1 
ATOM   205  C CD1 . LEU A 1 26 ? -2.630  -7.149  -0.603  1.00 16.04  ? 26  LEU A CD1 1 
ATOM   206  C CD2 . LEU A 1 26 ? -2.029  -7.295  1.860   1.00 16.46  ? 26  LEU A CD2 1 
ATOM   207  N N   . MET A 1 27 ? -6.396  -4.497  3.127   1.00 11.90  ? 27  MET A N   1 
ATOM   208  C CA  . MET A 1 27 ? -7.138  -3.276  3.437   1.00 12.24  ? 27  MET A CA  1 
ATOM   209  C C   . MET A 1 27 ? -6.291  -2.215  4.146   1.00 11.69  ? 27  MET A C   1 
ATOM   210  O O   . MET A 1 27 ? -6.408  -1.041  3.788   1.00 10.45  ? 27  MET A O   1 
ATOM   211  C CB  . MET A 1 27 ? -8.445  -3.535  4.179   1.00 12.86  ? 27  MET A CB  1 
ATOM   212  C CG  . MET A 1 27 ? -9.598  -4.031  3.276   1.00 13.26  ? 27  MET A CG  1 
ATOM   213  S SD  . MET A 1 27 ? -10.300 -2.784  2.200   1.00 12.46  ? 27  MET A SD  1 
ATOM   214  C CE  . MET A 1 27 ? -11.210 -1.836  3.450   1.00 15.65  ? 27  MET A CE  1 
ATOM   215  N N   . PRO A 1 28 ? -5.468  -2.596  5.154   1.00 10.61  ? 28  PRO A N   1 
ATOM   216  C CA  . PRO A 1 28 ? -4.592  -1.555  5.775   1.00 10.03  ? 28  PRO A CA  1 
ATOM   217  C C   . PRO A 1 28 ? -3.786  -0.783  4.755   1.00 9.44   ? 28  PRO A C   1 
ATOM   218  O O   . PRO A 1 28 ? -3.543  0.436   4.982   1.00 9.79   ? 28  PRO A O   1 
ATOM   219  C CB  . PRO A 1 28 ? -3.633  -2.385  6.617   1.00 10.67  ? 28  PRO A CB  1 
ATOM   220  C CG  . PRO A 1 28 ? -4.588  -3.505  7.139   1.00 12.30  ? 28  PRO A CG  1 
ATOM   221  C CD  . PRO A 1 28 ? -5.305  -3.896  5.843   1.00 11.76  ? 28  PRO A CD  1 
ATOM   222  N N   . LEU A 1 29 ? -3.298  -1.445  3.699   1.00 8.83   ? 29  LEU A N   1 
ATOM   223  C CA  . LEU A 1 29 ? -2.450  -0.750  2.674   1.00 8.77   ? 29  LEU A CA  1 
ATOM   224  C C   . LEU A 1 29 ? -3.291  0.150   1.794   1.00 8.56   ? 29  LEU A C   1 
ATOM   225  O O   . LEU A 1 29 ? -2.858  1.242   1.380   1.00 9.58   ? 29  LEU A O   1 
ATOM   226  C CB  . LEU A 1 29 ? -1.683  -1.756  1.801   1.00 9.79   ? 29  LEU A CB  1 
ATOM   227  C CG  . LEU A 1 29 ? -0.824  -2.748  2.633   1.00 9.57   ? 29  LEU A CG  1 
ATOM   228  C CD1 . LEU A 1 29 ? -0.069  -3.725  1.734   1.00 11.90  ? 29  LEU A CD1 1 
ATOM   229  C CD2 . LEU A 1 29 ? 0.127   -1.978  3.597   1.00 10.24  ? 29  LEU A CD2 1 
ATOM   230  N N   . MET A 1 30 ? -4.529  -0.296  1.485   1.00 8.49   ? 30  MET A N   1 
ATOM   231  C CA  . MET A 1 30 ? -5.455  0.571   0.755   1.00 8.53   ? 30  MET A CA  1 
ATOM   232  C C   . MET A 1 30 ? -5.789  1.817   1.572   1.00 8.47   ? 30  MET A C   1 
ATOM   233  O O   . MET A 1 30 ? -5.816  2.921   1.050   1.00 9.79   ? 30  MET A O   1 
ATOM   234  C CB  . MET A 1 30 ? -6.749  -0.192  0.430   1.00 9.15   ? 30  MET A CB  1 
ATOM   235  C CG  . MET A 1 30 ? -6.552  -1.440  -0.362  1.00 9.32   ? 30  MET A CG  1 
ATOM   236  S SD  . MET A 1 30 ? -5.892  -1.188  -2.000  1.00 11.29  ? 30  MET A SD  1 
ATOM   237  C CE  . MET A 1 30 ? -4.148  -1.579  -1.711  1.00 14.37  ? 30  MET A CE  1 
ATOM   238  N N   . TYR A 1 31 ? -5.947  1.644   2.878   1.00 8.69   ? 31  TYR A N   1 
ATOM   239  C CA  . TYR A 1 31 ? -6.160  2.751   3.794   1.00 9.92   ? 31  TYR A CA  1 
ATOM   240  C C   . TYR A 1 31 ? -5.036  3.762   3.709   1.00 9.70   ? 31  TYR A C   1 
ATOM   241  O O   . TYR A 1 31 ? -5.246  4.957   3.542   1.00 10.49  ? 31  TYR A O   1 
ATOM   242  C CB  . TYR A 1 31 ? -6.346  2.205   5.240   1.00 10.45  ? 31  TYR A CB  1 
ATOM   243  C CG  . TYR A 1 31 ? -6.462  3.290   6.295   1.00 12.03  ? 31  TYR A CG  1 
ATOM   244  C CD1 . TYR A 1 31 ? -7.697  3.669   6.781   1.00 14.92  ? 31  TYR A CD1 1 
ATOM   245  C CD2 . TYR A 1 31 ? -5.312  3.937   6.785   1.00 12.52  ? 31  TYR A CD2 1 
ATOM   246  C CE1 . TYR A 1 31 ? -7.796  4.712   7.726   1.00 15.20  ? 31  TYR A CE1 1 
ATOM   247  C CE2 . TYR A 1 31 ? -5.403  4.952   7.732   1.00 14.14  ? 31  TYR A CE2 1 
ATOM   248  C CZ  . TYR A 1 31 ? -6.655  5.316   8.199   1.00 15.68  ? 31  TYR A CZ  1 
ATOM   249  O OH  . TYR A 1 31 ? -6.782  6.315   9.172   1.00 18.60  ? 31  TYR A OH  1 
ATOM   250  N N   . VAL A 1 32 ? -3.803  3.294   3.788   1.00 8.21   ? 32  VAL A N   1 
ATOM   251  C CA  . VAL A 1 32 ? -2.673  4.236   3.736   1.00 8.44   ? 32  VAL A CA  1 
ATOM   252  C C   . VAL A 1 32 ? -2.627  4.975   2.373   1.00 8.44   ? 32  VAL A C   1 
ATOM   253  O O   . VAL A 1 32 ? -2.514  6.204   2.315   1.00 9.10   ? 32  VAL A O   1 
ATOM   254  C CB  . VAL A 1 32 ? -1.322  3.531   3.985   1.00 8.30   ? 32  VAL A CB  1 
ATOM   255  C CG1 . VAL A 1 32 ? -0.162  4.572   3.852   1.00 9.56   ? 32  VAL A CG1 1 
ATOM   256  C CG2 . VAL A 1 32 ? -1.256  2.951   5.388   1.00 11.39  ? 32  VAL A CG2 1 
ATOM   257  N N   . ILE A 1 33 ? -2.720  4.228   1.269   1.00 8.70   ? 33  ILE A N   1 
ATOM   258  C CA  . ILE A 1 33 ? -2.605  4.845   -0.035  1.00 8.68   ? 33  ILE A CA  1 
ATOM   259  C C   . ILE A 1 33 ? -3.727  5.858   -0.270  1.00 9.26   ? 33  ILE A C   1 
ATOM   260  O O   . ILE A 1 33 ? -3.467  6.950   -0.746  1.00 10.15  ? 33  ILE A O   1 
ATOM   261  C CB  . ILE A 1 33 ? -2.545  3.716   -1.093  1.00 8.32   ? 33  ILE A CB  1 
ATOM   262  C CG1 . ILE A 1 33 ? -1.204  2.976   -0.924  1.00 8.77   ? 33  ILE A CG1 1 
ATOM   263  C CG2 . ILE A 1 33 ? -2.617  4.272   -2.530  1.00 10.16  ? 33  ILE A CG2 1 
ATOM   264  C CD1 . ILE A 1 33 ? -1.096  1.671   -1.793  1.00 10.27  ? 33  ILE A CD1 1 
ATOM   265  N N   . LEU A 1 34 ? -4.965  5.489   0.054   1.00 9.27   ? 34  LEU A N   1 
ATOM   266  C CA  . LEU A 1 34 ? -6.054  6.425   -0.132  1.00 10.04  ? 34  LEU A CA  1 
ATOM   267  C C   . LEU A 1 34 ? -5.959  7.613   0.830   1.00 11.26  ? 34  LEU A C   1 
ATOM   268  O O   . LEU A 1 34 ? -6.299  8.758   0.438   1.00 12.54  ? 34  LEU A O   1 
ATOM   269  C CB  . LEU A 1 34 ? -7.361  5.657   0.077   1.00 9.60   ? 34  LEU A CB  1 
ATOM   270  C CG  A LEU A 1 34 ? -8.606  6.383   -0.425  0.70 12.95  ? 34  LEU A CG  1 
ATOM   271  C CG  B LEU A 1 34 ? -7.967  4.992   -1.148  0.30 8.80   ? 34  LEU A CG  1 
ATOM   272  C CD1 A LEU A 1 34 ? -8.473  6.654   -1.934  0.70 12.17  ? 34  LEU A CD1 1 
ATOM   273  C CD1 B LEU A 1 34 ? -9.208  4.248   -0.768  0.30 9.16   ? 34  LEU A CD1 1 
ATOM   274  C CD2 A LEU A 1 34 ? -9.812  5.536   -0.134  0.70 15.91  ? 34  LEU A CD2 1 
ATOM   275  C CD2 B LEU A 1 34 ? -8.302  5.978   -2.258  0.30 6.85   ? 34  LEU A CD2 1 
ATOM   276  N N   . LYS A 1 35 ? -5.519  7.381   2.071   1.00 10.74  ? 35  LYS A N   1 
ATOM   277  C CA  . LYS A 1 35 ? -5.413  8.529   2.992   1.00 12.94  ? 35  LYS A CA  1 
ATOM   278  C C   . LYS A 1 35 ? -4.354  9.523   2.460   1.00 12.20  ? 35  LYS A C   1 
ATOM   279  O O   . LYS A 1 35 ? -4.545  10.742  2.444   1.00 12.94  ? 35  LYS A O   1 
ATOM   280  C CB  . LYS A 1 35 ? -5.076  8.056   4.429   1.00 12.82  ? 35  LYS A CB  1 
ATOM   281  C CG  . LYS A 1 35 ? -4.895  9.236   5.386   1.00 16.46  ? 35  LYS A CG  1 
ATOM   282  C CD  . LYS A 1 35 ? -4.798  8.811   6.884   1.00 19.15  ? 35  LYS A CD  1 
ATOM   283  C CE  . LYS A 1 35 ? -4.377  10.036  7.747   1.00 21.85  ? 35  LYS A CE  1 
ATOM   284  N NZ  . LYS A 1 35 ? -4.059  9.708   9.184   1.00 25.25  ? 35  LYS A NZ  1 
ATOM   285  N N   . ASP A 1 36 ? -3.236  8.995   1.983   1.00 11.57  ? 36  ASP A N   1 
ATOM   286  C CA  . ASP A 1 36 ? -2.168  9.809   1.432   1.00 11.62  ? 36  ASP A CA  1 
ATOM   287  C C   . ASP A 1 36 ? -2.677  10.632  0.232   1.00 12.83  ? 36  ASP A C   1 
ATOM   288  O O   . ASP A 1 36 ? -2.178  11.754  0.018   1.00 15.21  ? 36  ASP A O   1 
ATOM   289  C CB  . ASP A 1 36 ? -1.028  8.913   0.910   1.00 10.73  ? 36  ASP A CB  1 
ATOM   290  C CG  . ASP A 1 36 ? -0.248  8.163   2.013   1.00 11.16  ? 36  ASP A CG  1 
ATOM   291  O OD1 . ASP A 1 36 ? -0.466  8.432   3.186   1.00 13.92  ? 36  ASP A OD1 1 
ATOM   292  O OD2 . ASP A 1 36 ? 0.578   7.271   1.638   1.00 11.07  ? 36  ASP A OD2 1 
ATOM   293  N N   . ALA A 1 37 ? -3.624  10.079  -0.511  1.00 11.42  ? 37  ALA A N   1 
ATOM   294  C CA  . ALA A 1 37 ? -4.161  10.717  -1.718  1.00 13.20  ? 37  ALA A CA  1 
ATOM   295  C C   . ALA A 1 37 ? -5.425  11.512  -1.388  1.00 14.04  ? 37  ALA A C   1 
ATOM   296  O O   . ALA A 1 37 ? -6.217  11.845  -2.302  1.00 13.89  ? 37  ALA A O   1 
ATOM   297  C CB  . ALA A 1 37 ? -4.476  9.661   -2.745  1.00 14.09  ? 37  ALA A CB  1 
ATOM   298  N N   . ASP A 1 38 ? -5.654  11.768  -0.100  1.00 13.45  ? 38  ASP A N   1 
ATOM   299  C CA  . ASP A 1 38 ? -6.865  12.532  0.295   1.00 14.87  ? 38  ASP A CA  1 
ATOM   300  C C   . ASP A 1 38 ? -8.197  11.955  -0.158  1.00 15.46  ? 38  ASP A C   1 
ATOM   301  O O   . ASP A 1 38 ? -9.158  12.726  -0.465  1.00 16.76  ? 38  ASP A O   1 
ATOM   302  C CB  . ASP A 1 38 ? -6.765  13.973  -0.212  1.00 15.40  ? 38  ASP A CB  1 
ATOM   303  C CG  . ASP A 1 38 ? -5.712  14.739  0.498   1.00 19.09  ? 38  ASP A CG  1 
ATOM   304  O OD1 . ASP A 1 38 ? -5.894  14.953  1.701   1.00 22.40  ? 38  ASP A OD1 1 
ATOM   305  O OD2 . ASP A 1 38 ? -4.699  15.094  -0.148  1.00 26.48  ? 38  ASP A OD2 1 
ATOM   306  N N   . ALA A 1 39 ? -8.286  10.633  -0.240  1.00 13.99  ? 39  ALA A N   1 
ATOM   307  C CA  . ALA A 1 39 ? -9.469  9.930   -0.684  1.00 16.15  ? 39  ALA A CA  1 
ATOM   308  C C   . ALA A 1 39 ? -9.808  10.177  -2.168  1.00 16.65  ? 39  ALA A C   1 
ATOM   309  O O   . ALA A 1 39 ? -10.955 10.060  -2.576  1.00 18.38  ? 39  ALA A O   1 
ATOM   310  C CB  . ALA A 1 39 ? -10.670 10.217  0.219   1.00 15.69  ? 39  ALA A CB  1 
ATOM   311  N N   . ASN A 1 40 ? -8.769  10.475  -2.951  1.00 17.90  ? 40  ASN A N   1 
ATOM   312  C CA  . ASN A 1 40 ? -8.883  10.591  -4.405  1.00 18.40  ? 40  ASN A CA  1 
ATOM   313  C C   . ASN A 1 40 ? -8.605  9.207   -5.015  1.00 19.03  ? 40  ASN A C   1 
ATOM   314  O O   . ASN A 1 40 ? -7.448  8.827   -5.217  1.00 18.99  ? 40  ASN A O   1 
ATOM   315  C CB  . ASN A 1 40 ? -7.927  11.683  -4.901  1.00 18.04  ? 40  ASN A CB  1 
ATOM   316  C CG  . ASN A 1 40 ? -7.986  11.870  -6.412  1.00 16.58  ? 40  ASN A CG  1 
ATOM   317  O OD1 . ASN A 1 40 ? -8.524  11.013  -7.123  1.00 18.53  ? 40  ASN A OD1 1 
ATOM   318  N ND2 . ASN A 1 40 ? -7.408  12.964  -6.892  1.00 19.80  ? 40  ASN A ND2 1 
ATOM   319  N N   . ILE A 1 41 ? -9.656  8.431   -5.249  1.00 19.79  ? 41  ILE A N   1 
ATOM   320  C CA  . ILE A 1 41 ? -9.515  7.072   -5.752  1.00 20.84  ? 41  ILE A CA  1 
ATOM   321  C C   . ILE A 1 41 ? -8.800  7.018   -7.101  1.00 20.50  ? 41  ILE A C   1 
ATOM   322  O O   . ILE A 1 41 ? -7.984  6.148   -7.330  1.00 17.66  ? 41  ILE A O   1 
ATOM   323  C CB  . ILE A 1 41 ? -10.881 6.297   -5.725  1.00 22.70  ? 41  ILE A CB  1 
ATOM   324  C CG1 . ILE A 1 41 ? -10.718 4.820   -6.111  1.00 25.11  ? 41  ILE A CG1 1 
ATOM   325  C CG2 . ILE A 1 41 ? -11.941 7.039   -6.563  1.00 24.87  ? 41  ILE A CG2 1 
ATOM   326  C CD1 . ILE A 1 41 ? -11.725 3.900   -5.345  1.00 26.24  ? 41  ILE A CD1 1 
ATOM   327  N N   . GLU A 1 42 ? -9.086  7.973   -7.985  1.00 19.57  ? 42  GLU A N   1 
ATOM   328  C CA  . GLU A 1 42 ? -8.368  8.015   -9.261  1.00 19.59  ? 42  GLU A CA  1 
ATOM   329  C C   . GLU A 1 42 ? -6.859  8.188   -9.101  1.00 17.66  ? 42  GLU A C   1 
ATOM   330  O O   . GLU A 1 42 ? -6.083  7.479   -9.743  1.00 17.81  ? 42  GLU A O   1 
ATOM   331  C CB  . GLU A 1 42 ? -8.935  9.098   -10.173 1.00 20.12  ? 42  GLU A CB  1 
ATOM   332  C CG  . GLU A 1 42 ? -10.310 8.770   -10.711 1.00 25.40  ? 42  GLU A CG  1 
ATOM   333  C CD  . GLU A 1 42 ? -11.359 8.745   -9.644  1.00 31.20  ? 42  GLU A CD  1 
ATOM   334  O OE1 . GLU A 1 42 ? -11.272 9.559   -8.681  1.00 34.41  ? 42  GLU A OE1 1 
ATOM   335  O OE2 . GLU A 1 42 ? -12.265 7.883   -9.751  1.00 36.17  ? 42  GLU A OE2 1 
ATOM   336  N N   . GLU A 1 43 ? -6.439  9.125   -8.246  1.00 16.44  ? 43  GLU A N   1 
ATOM   337  C CA  . GLU A 1 43 ? -5.038  9.331   -8.016  1.00 15.23  ? 43  GLU A CA  1 
ATOM   338  C C   . GLU A 1 43 ? -4.402  8.126   -7.317  1.00 14.06  ? 43  GLU A C   1 
ATOM   339  O O   . GLU A 1 43 ? -3.270  7.756   -7.619  1.00 13.42  ? 43  GLU A O   1 
ATOM   340  C CB  . GLU A 1 43 ? -4.800  10.607  -7.195  1.00 15.68  ? 43  GLU A CB  1 
ATOM   341  C CG  . GLU A 1 43 ? -3.320  10.843  -6.873  1.00 15.30  ? 43  GLU A CG  1 
ATOM   342  C CD  . GLU A 1 43 ? -2.390  11.004  -8.098  1.00 20.80  ? 43  GLU A CD  1 
ATOM   343  O OE1 . GLU A 1 43 ? -2.888  11.196  -9.227  1.00 23.93  ? 43  GLU A OE1 1 
ATOM   344  O OE2 . GLU A 1 43 ? -1.161  10.959  -7.918  1.00 20.58  ? 43  GLU A OE2 1 
ATOM   345  N N   . ALA A 1 44 ? -5.126  7.550   -6.350  1.00 12.98  ? 44  ALA A N   1 
ATOM   346  C CA  . ALA A 1 44 ? -4.606  6.327   -5.684  1.00 12.62  ? 44  ALA A CA  1 
ATOM   347  C C   . ALA A 1 44 ? -4.370  5.228   -6.714  1.00 12.53  ? 44  ALA A C   1 
ATOM   348  O O   . ALA A 1 44 ? -3.367  4.555   -6.674  1.00 12.57  ? 44  ALA A O   1 
ATOM   349  C CB  . ALA A 1 44 ? -5.567  5.824   -4.639  1.00 11.98  ? 44  ALA A CB  1 
ATOM   350  N N   . SER A 1 45 ? -5.323  5.045   -7.620  1.00 13.94  ? 45  SER A N   1 
ATOM   351  C CA  . SER A 1 45 ? -5.157  4.043   -8.686  1.00 14.69  ? 45  SER A CA  1 
ATOM   352  C C   . SER A 1 45 ? -3.931  4.345   -9.580  1.00 14.80  ? 45  SER A C   1 
ATOM   353  O O   . SER A 1 45 ? -3.111  3.437   -9.864  1.00 14.14  ? 45  SER A O   1 
ATOM   354  C CB  . SER A 1 45 ? -6.447  3.943   -9.529  1.00 14.73  ? 45  SER A CB  1 
ATOM   355  O OG  . SER A 1 45 ? -7.539  3.455   -8.764  1.00 19.01  ? 45  SER A OG  1 
ATOM   356  N N   . ARG A 1 46 ? -3.773  5.614   -9.994  1.00 15.01  ? 46  ARG A N   1 
ATOM   357  C CA  . ARG A 1 46 ? -2.613  5.999   -10.805 1.00 15.58  ? 46  ARG A CA  1 
ATOM   358  C C   . ARG A 1 46 ? -1.276  5.705   -10.112 1.00 15.22  ? 46  ARG A C   1 
ATOM   359  O O   . ARG A 1 46 ? -0.314  5.222   -10.706 1.00 14.38  ? 46  ARG A O   1 
ATOM   360  C CB  . ARG A 1 46 ? -2.698  7.480   -11.167 1.00 15.98  ? 46  ARG A CB  1 
ATOM   361  C CG  . ARG A 1 46 ? -1.579  7.942   -12.100 1.00 21.98  ? 46  ARG A CG  1 
ATOM   362  C CD  . ARG A 1 46 ? -1.354  9.449   -11.999 1.00 30.02  ? 46  ARG A CD  1 
ATOM   363  N NE  . ARG A 1 46 ? -0.723  9.832   -10.728 1.00 33.56  ? 46  ARG A NE  1 
ATOM   364  C CZ  . ARG A 1 46 ? 0.433   10.483  -10.620 1.00 37.08  ? 46  ARG A CZ  1 
ATOM   365  N NH1 . ARG A 1 46 ? 1.100   10.865  -11.711 1.00 37.78  ? 46  ARG A NH1 1 
ATOM   366  N NH2 . ARG A 1 46 ? 0.926   10.767  -9.418  1.00 37.85  ? 46  ARG A NH2 1 
ATOM   367  N N   . ARG A 1 47 ? -1.249  5.975   -8.800  1.00 13.28  ? 47  ARG A N   1 
ATOM   368  C CA  . ARG A 1 47 ? -0.061  5.745   -8.022  1.00 12.99  ? 47  ARG A CA  1 
ATOM   369  C C   . ARG A 1 47 ? 0.276   4.249   -7.949  1.00 12.18  ? 47  ARG A C   1 
ATOM   370  O O   . ARG A 1 47 ? 1.445   3.894   -8.034  1.00 12.42  ? 47  ARG A O   1 
ATOM   371  C CB  . ARG A 1 47 ? -0.253  6.316   -6.614  1.00 12.37  ? 47  ARG A CB  1 
ATOM   372  C CG  . ARG A 1 47 ? -0.237  7.838   -6.659  1.00 10.52  ? 47  ARG A CG  1 
ATOM   373  C CD  . ARG A 1 47 ? -0.451  8.422   -5.283  1.00 11.61  ? 47  ARG A CD  1 
ATOM   374  N NE  . ARG A 1 47 ? -0.398  9.895   -5.339  1.00 12.77  ? 47  ARG A NE  1 
ATOM   375  C CZ  . ARG A 1 47 ? -0.427  10.681  -4.267  1.00 14.96  ? 47  ARG A CZ  1 
ATOM   376  N NH1 . ARG A 1 47 ? -0.596  10.170  -3.059  1.00 16.17  ? 47  ARG A NH1 1 
ATOM   377  N NH2 . ARG A 1 47 ? -0.353  11.994  -4.413  1.00 18.85  ? 47  ARG A NH2 1 
ATOM   378  N N   . ILE A 1 48 ? -0.749  3.415   -7.742  1.00 11.90  ? 48  ILE A N   1 
ATOM   379  C CA  . ILE A 1 48 ? -0.523  1.975   -7.673  1.00 11.89  ? 48  ILE A CA  1 
ATOM   380  C C   . ILE A 1 48 ? -0.018  1.493   -9.036  1.00 13.87  ? 48  ILE A C   1 
ATOM   381  O O   . ILE A 1 48 ? 0.931   0.730   -9.076  1.00 13.22  ? 48  ILE A O   1 
ATOM   382  C CB  . ILE A 1 48 ? -1.774  1.231   -7.240  1.00 12.08  ? 48  ILE A CB  1 
ATOM   383  C CG1 . ILE A 1 48 ? -2.033  1.534   -5.753  1.00 11.39  ? 48  ILE A CG1 1 
ATOM   384  C CG2 . ILE A 1 48 ? -1.667  -0.303  -7.476  1.00 13.14  ? 48  ILE A CG2 1 
ATOM   385  C CD1 . ILE A 1 48 ? -3.390  1.043   -5.347  1.00 10.48  ? 48  ILE A CD1 1 
ATOM   386  N N   . GLU A 1 49 ? -0.600  2.021   -10.109 1.00 14.21  ? 49  GLU A N   1 
ATOM   387  C CA  . GLU A 1 49 ? -0.132  1.671   -11.460 1.00 15.51  ? 49  GLU A CA  1 
ATOM   388  C C   . GLU A 1 49 ? 1.324   2.077   -11.689 1.00 14.87  ? 49  GLU A C   1 
ATOM   389  O O   . GLU A 1 49 ? 2.112   1.304   -12.251 1.00 15.41  ? 49  GLU A O   1 
ATOM   390  C CB  . GLU A 1 49 ? -1.107  2.267   -12.486 1.00 14.43  ? 49  GLU A CB  1 
ATOM   391  C CG  . GLU A 1 49 ? -2.454  1.593   -12.426 1.00 19.08  ? 49  GLU A CG  1 
ATOM   392  C CD  . GLU A 1 49 ? -3.548  2.382   -13.114 1.00 23.03  ? 49  GLU A CD  1 
ATOM   393  O OE1 . GLU A 1 49 ? -3.249  3.413   -13.745 1.00 24.32  ? 49  GLU A OE1 1 
ATOM   394  O OE2 . GLU A 1 49 ? -4.732  2.015   -12.968 1.00 28.01  ? 49  GLU A OE2 1 
ATOM   395  N N   . GLU A 1 50 ? 1.740   3.244   -11.193 1.00 15.26  ? 50  GLU A N   1 
ATOM   396  C CA  . GLU A 1 50 ? 3.152   3.638   -11.264 1.00 15.66  ? 50  GLU A CA  1 
ATOM   397  C C   . GLU A 1 50 ? 4.058   2.682   -10.497 1.00 16.15  ? 50  GLU A C   1 
ATOM   398  O O   . GLU A 1 50 ? 5.111   2.258   -10.968 1.00 15.96  ? 50  GLU A O   1 
ATOM   399  C CB  . GLU A 1 50 ? 3.330   5.072   -10.758 1.00 16.01  ? 50  GLU A CB  1 
ATOM   400  C CG  . GLU A 1 50 ? 4.745   5.512   -10.729 1.00 17.93  ? 50  GLU A CG  1 
ATOM   401  C CD  . GLU A 1 50 ? 4.922   6.934   -10.215 1.00 21.98  ? 50  GLU A CD  1 
ATOM   402  O OE1 . GLU A 1 50 ? 4.128   7.823   -10.617 1.00 23.94  ? 50  GLU A OE1 1 
ATOM   403  O OE2 . GLU A 1 50 ? 5.873   7.155   -9.405  1.00 23.11  ? 50  GLU A OE2 1 
ATOM   404  N N   . GLY A 1 51 ? 3.653   2.309   -9.293  1.00 14.90  ? 51  GLY A N   1 
ATOM   405  C CA  . GLY A 1 51 ? 4.416   1.316   -8.545  1.00 15.46  ? 51  GLY A CA  1 
ATOM   406  C C   . GLY A 1 51 ? 4.563   -0.003  -9.307  1.00 15.68  ? 51  GLY A C   1 
ATOM   407  O O   . GLY A 1 51 ? 5.610   -0.664  -9.233  1.00 16.34  ? 51  GLY A O   1 
ATOM   408  N N   . GLN A 1 52 ? 3.478   -0.408  -9.961  1.00 15.87  ? 52  GLN A N   1 
ATOM   409  C CA  . GLN A 1 52 ? 3.434   -1.719  -10.653 1.00 18.25  ? 52  GLN A CA  1 
ATOM   410  C C   . GLN A 1 52 ? 4.405   -1.638  -11.807 1.00 18.71  ? 52  GLN A C   1 
ATOM   411  O O   . GLN A 1 52 ? 5.215   -2.541  -12.019 1.00 19.51  ? 52  GLN A O   1 
ATOM   412  C CB  . GLN A 1 52 ? 2.020   -2.040  -11.129 1.00 17.04  ? 52  GLN A CB  1 
ATOM   413  C CG  . GLN A 1 52 ? 1.119   -2.529  -9.968  1.00 18.74  ? 52  GLN A CG  1 
ATOM   414  C CD  . GLN A 1 52 ? -0.343  -2.841  -10.331 1.00 20.35  ? 52  GLN A CD  1 
ATOM   415  O OE1 . GLN A 1 52 ? -0.870  -2.345  -11.322 1.00 27.44  ? 52  GLN A OE1 1 
ATOM   416  N NE2 . GLN A 1 52 ? -1.027  -3.563  -9.443  1.00 24.48  ? 52  GLN A NE2 1 
ATOM   417  N N   . TYR A 1 53 ? 4.373   -0.521  -12.511 1.00 20.40  ? 53  TYR A N   1 
ATOM   418  C CA  . TYR A 1 53 ? 5.338   -0.306  -13.585 1.00 22.65  ? 53  TYR A CA  1 
ATOM   419  C C   . TYR A 1 53 ? 6.800   -0.337  -13.112 1.00 23.79  ? 53  TYR A C   1 
ATOM   420  O O   . TYR A 1 53 ? 7.608   -1.121  -13.615 1.00 23.92  ? 53  TYR A O   1 
ATOM   421  C CB  . TYR A 1 53 ? 5.022   0.965   -14.379 1.00 23.77  ? 53  TYR A CB  1 
ATOM   422  C CG  . TYR A 1 53 ? 6.154   1.298   -15.304 1.00 23.88  ? 53  TYR A CG  1 
ATOM   423  C CD1 . TYR A 1 53 ? 6.269   0.668   -16.541 1.00 26.87  ? 53  TYR A CD1 1 
ATOM   424  C CD2 . TYR A 1 53 ? 7.141   2.186   -14.921 1.00 23.63  ? 53  TYR A CD2 1 
ATOM   425  C CE1 . TYR A 1 53 ? 7.350   0.938   -17.370 1.00 26.49  ? 53  TYR A CE1 1 
ATOM   426  C CE2 . TYR A 1 53 ? 8.235   2.452   -15.733 1.00 27.11  ? 53  TYR A CE2 1 
ATOM   427  C CZ  . TYR A 1 53 ? 8.327   1.831   -16.946 1.00 27.67  ? 53  TYR A CZ  1 
ATOM   428  O OH  . TYR A 1 53 ? 9.407   2.134   -17.734 1.00 29.98  ? 53  TYR A OH  1 
ATOM   429  N N   . VAL A 1 54 ? 7.140   0.519   -12.150 1.00 22.97  ? 54  VAL A N   1 
ATOM   430  C CA  . VAL A 1 54 ? 8.510   0.597   -11.636 1.00 23.42  ? 54  VAL A CA  1 
ATOM   431  C C   . VAL A 1 54 ? 9.039   -0.753  -11.167 1.00 24.67  ? 54  VAL A C   1 
ATOM   432  O O   . VAL A 1 54 ? 10.149  -1.133  -11.507 1.00 24.68  ? 54  VAL A O   1 
ATOM   433  C CB  . VAL A 1 54 ? 8.627   1.667   -10.515 1.00 22.28  ? 54  VAL A CB  1 
ATOM   434  C CG1 . VAL A 1 54 ? 10.036  1.698   -9.956  1.00 23.46  ? 54  VAL A CG1 1 
ATOM   435  C CG2 . VAL A 1 54 ? 8.247   3.023   -11.101 1.00 21.45  ? 54  VAL A CG2 1 
ATOM   436  N N   . VAL A 1 55 ? 8.238   -1.482  -10.398 1.00 24.82  ? 55  VAL A N   1 
ATOM   437  C CA  . VAL A 1 55 ? 8.665   -2.774  -9.862  1.00 27.46  ? 55  VAL A CA  1 
ATOM   438  C C   . VAL A 1 55 ? 8.893   -3.770  -10.996 1.00 30.19  ? 55  VAL A C   1 
ATOM   439  O O   . VAL A 1 55 ? 9.922   -4.456  -11.011 1.00 29.93  ? 55  VAL A O   1 
ATOM   440  C CB  . VAL A 1 55 ? 7.666   -3.300  -8.808  1.00 26.49  ? 55  VAL A CB  1 
ATOM   441  C CG1 . VAL A 1 55 ? 7.921   -4.755  -8.474  1.00 27.97  ? 55  VAL A CG1 1 
ATOM   442  C CG2 . VAL A 1 55 ? 7.783   -2.455  -7.534  1.00 25.37  ? 55  VAL A CG2 1 
ATOM   443  N N   . ASN A 1 56 ? 7.938   -3.825  -11.931 1.00 33.11  ? 56  ASN A N   1 
ATOM   444  C CA  . ASN A 1 56 ? 8.020   -4.711  -13.105 1.00 37.56  ? 56  ASN A CA  1 
ATOM   445  C C   . ASN A 1 56 ? 9.284   -4.495  -13.914 1.00 40.64  ? 56  ASN A C   1 
ATOM   446  O O   . ASN A 1 56 ? 9.925   -5.468  -14.327 1.00 41.04  ? 56  ASN A O   1 
ATOM   447  C CB  . ASN A 1 56 ? 6.817   -4.519  -14.040 1.00 37.19  ? 56  ASN A CB  1 
ATOM   448  C CG  . ASN A 1 56 ? 5.513   -4.960  -13.428 1.00 39.27  ? 56  ASN A CG  1 
ATOM   449  O OD1 . ASN A 1 56 ? 4.439   -4.666  -13.963 1.00 42.56  ? 56  ASN A OD1 1 
ATOM   450  N ND2 . ASN A 1 56 ? 5.584   -5.667  -12.301 1.00 41.73  ? 56  ASN A ND2 1 
ATOM   451  N N   . GLU A 1 57 ? 9.645   -3.231  -14.140 1.00 44.77  ? 57  GLU A N   1 
ATOM   452  C CA  . GLU A 1 57 ? 10.818  -2.892  -14.957 1.00 48.74  ? 57  GLU A CA  1 
ATOM   453  C C   . GLU A 1 57 ? 12.166  -3.063  -14.255 1.00 51.89  ? 57  GLU A C   1 
ATOM   454  O O   . GLU A 1 57 ? 13.165  -3.407  -14.895 1.00 52.27  ? 57  GLU A O   1 
ATOM   455  C CB  . GLU A 1 57 ? 10.694  -1.492  -15.555 1.00 48.50  ? 57  GLU A CB  1 
ATOM   456  C CG  . GLU A 1 57 ? 9.569   -1.362  -16.568 1.00 48.32  ? 57  GLU A CG  1 
ATOM   457  C CD  . GLU A 1 57 ? 9.595   -2.429  -17.652 1.00 49.23  ? 57  GLU A CD  1 
ATOM   458  O OE1 . GLU A 1 57 ? 10.687  -2.756  -18.165 1.00 49.46  ? 57  GLU A OE1 1 
ATOM   459  O OE2 . GLU A 1 57 ? 8.512   -2.939  -17.994 1.00 49.34  ? 57  GLU A OE2 1 
ATOM   460  N N   . TYR A 1 58 ? 12.188  -2.809  -12.950 1.00 55.48  ? 58  TYR A N   1 
ATOM   461  C CA  . TYR A 1 58 ? 13.344  -3.103  -12.110 1.00 58.95  ? 58  TYR A CA  1 
ATOM   462  C C   . TYR A 1 58 ? 13.652  -4.594  -12.177 1.00 61.41  ? 58  TYR A C   1 
ATOM   463  O O   . TYR A 1 58 ? 14.812  -4.995  -12.277 1.00 61.90  ? 58  TYR A O   1 
ATOM   464  C CB  . TYR A 1 58 ? 13.035  -2.695  -10.671 1.00 58.66  ? 58  TYR A CB  1 
ATOM   465  C CG  . TYR A 1 58 ? 14.046  -3.130  -9.636  1.00 58.69  ? 58  TYR A CG  1 
ATOM   466  C CD1 . TYR A 1 58 ? 13.766  -4.182  -8.763  1.00 58.77  ? 58  TYR A CD1 1 
ATOM   467  C CD2 . TYR A 1 58 ? 15.276  -2.476  -9.513  1.00 58.50  ? 58  TYR A CD2 1 
ATOM   468  C CE1 . TYR A 1 58 ? 14.689  -4.578  -7.796  1.00 59.07  ? 58  TYR A CE1 1 
ATOM   469  C CE2 . TYR A 1 58 ? 16.203  -2.859  -8.555  1.00 58.50  ? 58  TYR A CE2 1 
ATOM   470  C CZ  . TYR A 1 58 ? 15.906  -3.910  -7.701  1.00 58.94  ? 58  TYR A CZ  1 
ATOM   471  O OH  . TYR A 1 58 ? 16.822  -4.289  -6.749  1.00 59.08  ? 58  TYR A OH  1 
ATOM   472  N N   . SER A 1 59 ? 12.592  -5.401  -12.118 1.00 64.33  ? 59  SER A N   1 
ATOM   473  C CA  . SER A 1 59 ? 12.693  -6.850  -12.213 1.00 67.25  ? 59  SER A CA  1 
ATOM   474  C C   . SER A 1 59 ? 13.233  -7.280  -13.579 1.00 69.36  ? 59  SER A C   1 
ATOM   475  O O   . SER A 1 59 ? 14.266  -7.947  -13.656 1.00 69.75  ? 59  SER A O   1 
ATOM   476  C CB  . SER A 1 59 ? 11.328  -7.495  -11.943 1.00 67.02  ? 59  SER A CB  1 
ATOM   477  O OG  . SER A 1 59 ? 10.883  -7.219  -10.624 1.00 67.04  ? 59  SER A OG  1 
ATOM   478  N N   . ARG A 1 60 ? 12.542  -6.876  -14.644 1.00 71.95  ? 60  ARG A N   1 
ATOM   479  C CA  . ARG A 1 60 ? 12.937  -7.194  -16.021 1.00 74.36  ? 60  ARG A CA  1 
ATOM   480  C C   . ARG A 1 60 ? 14.372  -6.763  -16.353 1.00 75.99  ? 60  ARG A C   1 
ATOM   481  O O   . ARG A 1 60 ? 15.114  -7.513  -16.994 1.00 76.38  ? 60  ARG A O   1 
ATOM   482  C CB  . ARG A 1 60 ? 11.942  -6.593  -17.023 1.00 74.12  ? 60  ARG A CB  1 
ATOM   483  N N   . GLN A 1 61 ? 14.758  -5.569  -15.898 1.00 77.89  ? 61  GLN A N   1 
ATOM   484  C CA  . GLN A 1 61 ? 16.096  -5.027  -16.150 1.00 79.60  ? 61  GLN A CA  1 
ATOM   485  C C   . GLN A 1 61 ? 17.169  -5.564  -15.196 1.00 80.82  ? 61  GLN A C   1 
ATOM   486  O O   . GLN A 1 61 ? 18.302  -5.074  -15.196 1.00 81.18  ? 61  GLN A O   1 
ATOM   487  C CB  . GLN A 1 61 ? 16.069  -3.500  -16.120 1.00 79.43  ? 61  GLN A CB  1 
ATOM   488  N N   . HIS A 1 62 ? 16.816  -6.570  -14.394 1.00 82.04  ? 62  HIS A N   1 
ATOM   489  C CA  . HIS A 1 62 ? 17.754  -7.180  -13.449 1.00 83.05  ? 62  HIS A CA  1 
ATOM   490  C C   . HIS A 1 62 ? 17.651  -8.708  -13.394 1.00 83.67  ? 62  HIS A C   1 
ATOM   491  O O   . HIS A 1 62 ? 18.132  -9.331  -12.441 1.00 83.89  ? 62  HIS A O   1 
ATOM   492  C CB  . HIS A 1 62 ? 17.578  -6.572  -12.053 1.00 82.93  ? 62  HIS A CB  1 
ATOM   493  N N   . ASN A 1 63 ? 17.036  -9.298  -14.421 1.00 84.23  ? 63  ASN A N   1 
ATOM   494  C CA  . ASN A 1 63 ? 16.846  -10.753 -14.530 1.00 84.65  ? 63  ASN A CA  1 
ATOM   495  C C   . ASN A 1 63 ? 16.016  -11.352 -13.387 1.00 84.77  ? 63  ASN A C   1 
ATOM   496  O O   . ASN A 1 63 ? 16.552  -12.039 -12.517 1.00 85.02  ? 63  ASN A O   1 
ATOM   497  C CB  . ASN A 1 63 ? 18.199  -11.469 -14.654 1.00 84.51  ? 63  ASN A CB  1 
ATOM   498  N N   . LEU A 1 64 ? 14.709  -11.095 -13.398 1.00 84.64  ? 64  LEU A N   1 
ATOM   499  C CA  . LEU A 1 64 ? 13.828  -11.581 -12.335 1.00 84.51  ? 64  LEU A CA  1 
ATOM   500  C C   . LEU A 1 64 ? 12.586  -12.286 -12.873 1.00 84.53  ? 64  LEU A C   1 
ATOM   501  O O   . LEU A 1 64 ? 12.217  -13.362 -12.395 1.00 84.45  ? 64  LEU A O   1 
ATOM   502  C CB  . LEU A 1 64 ? 13.438  -10.444 -11.399 1.00 84.47  ? 64  LEU A CB  1 
ATOM   503  N N   . GLN B 1 6  ? 17.195  5.638   -7.258  1.00 38.62  ? 6   GLN B N   1 
ATOM   504  C CA  . GLN B 1 6  ? 16.046  4.734   -7.552  1.00 38.34  ? 6   GLN B CA  1 
ATOM   505  C C   . GLN B 1 6  ? 16.322  3.299   -7.076  1.00 37.57  ? 6   GLN B C   1 
ATOM   506  O O   . GLN B 1 6  ? 15.443  2.645   -6.513  1.00 37.02  ? 6   GLN B O   1 
ATOM   507  C CB  . GLN B 1 6  ? 15.695  4.781   -9.044  1.00 38.65  ? 6   GLN B CB  1 
ATOM   508  C CG  . GLN B 1 6  ? 14.648  3.766   -9.506  1.00 40.97  ? 6   GLN B CG  1 
ATOM   509  C CD  . GLN B 1 6  ? 13.219  4.256   -9.338  1.00 44.01  ? 6   GLN B CD  1 
ATOM   510  O OE1 . GLN B 1 6  ? 12.665  4.251   -8.236  1.00 44.48  ? 6   GLN B OE1 1 
ATOM   511  N NE2 . GLN B 1 6  ? 12.605  4.661   -10.443 1.00 45.27  ? 6   GLN B NE2 1 
ATOM   512  N N   . ASP B 1 7  ? 17.542  2.827   -7.306  1.00 36.11  ? 7   ASP B N   1 
ATOM   513  C CA  . ASP B 1 7  ? 17.977  1.497   -6.908  1.00 35.03  ? 7   ASP B CA  1 
ATOM   514  C C   . ASP B 1 7  ? 17.931  1.337   -5.394  1.00 33.11  ? 7   ASP B C   1 
ATOM   515  O O   . ASP B 1 7  ? 17.460  0.312   -4.880  1.00 33.25  ? 7   ASP B O   1 
ATOM   516  C CB  . ASP B 1 7  ? 19.407  1.286   -7.404  1.00 35.73  ? 7   ASP B CB  1 
ATOM   517  C CG  . ASP B 1 7  ? 19.714  -0.156  -7.705  1.00 38.76  ? 7   ASP B CG  1 
ATOM   518  O OD1 . ASP B 1 7  ? 19.228  -0.651  -8.746  1.00 43.20  ? 7   ASP B OD1 1 
ATOM   519  O OD2 . ASP B 1 7  ? 20.473  -0.791  -6.931  1.00 41.08  ? 7   ASP B OD2 1 
ATOM   520  N N   . VAL B 1 8  ? 18.400  2.360   -4.688  1.00 30.96  ? 8   VAL B N   1 
ATOM   521  C CA  . VAL B 1 8  ? 18.387  2.360   -3.227  1.00 28.39  ? 8   VAL B CA  1 
ATOM   522  C C   . VAL B 1 8  ? 16.954  2.479   -2.694  1.00 26.10  ? 8   VAL B C   1 
ATOM   523  O O   . VAL B 1 8  ? 16.600  1.818   -1.710  1.00 25.28  ? 8   VAL B O   1 
ATOM   524  C CB  . VAL B 1 8  ? 19.293  3.462   -2.638  1.00 29.14  ? 8   VAL B CB  1 
ATOM   525  C CG1 . VAL B 1 8  ? 19.360  3.331   -1.128  1.00 27.78  ? 8   VAL B CG1 1 
ATOM   526  C CG2 . VAL B 1 8  ? 20.698  3.363   -3.220  1.00 30.25  ? 8   VAL B CG2 1 
ATOM   527  N N   . PHE B 1 9  ? 16.144  3.302   -3.363  1.00 24.02  ? 9   PHE B N   1 
ATOM   528  C CA  . PHE B 1 9  ? 14.727  3.427   -3.017  1.00 21.57  ? 9   PHE B CA  1 
ATOM   529  C C   . PHE B 1 9  ? 14.041  2.059   -3.054  1.00 20.43  ? 9   PHE B C   1 
ATOM   530  O O   . PHE B 1 9  ? 13.330  1.686   -2.123  1.00 19.32  ? 9   PHE B O   1 
ATOM   531  C CB  . PHE B 1 9  ? 13.993  4.366   -3.974  1.00 20.67  ? 9   PHE B CB  1 
ATOM   532  C CG  . PHE B 1 9  ? 12.579  4.634   -3.551  1.00 19.31  ? 9   PHE B CG  1 
ATOM   533  C CD1 . PHE B 1 9  ? 12.323  5.411   -2.433  1.00 19.34  ? 9   PHE B CD1 1 
ATOM   534  C CD2 . PHE B 1 9  ? 11.512  4.030   -4.204  1.00 20.99  ? 9   PHE B CD2 1 
ATOM   535  C CE1 . PHE B 1 9  ? 11.032  5.641   -2.040  1.00 20.75  ? 9   PHE B CE1 1 
ATOM   536  C CE2 . PHE B 1 9  ? 10.209  4.268   -3.800  1.00 18.34  ? 9   PHE B CE2 1 
ATOM   537  C CZ  . PHE B 1 9  ? 9.985   5.057   -2.709  1.00 20.21  ? 9   PHE B CZ  1 
ATOM   538  N N   . LEU B 1 10 ? 14.290  1.296   -4.108  1.00 19.75  ? 10  LEU B N   1 
ATOM   539  C CA  . LEU B 1 10 ? 13.661  -0.038  -4.179  1.00 19.67  ? 10  LEU B CA  1 
ATOM   540  C C   . LEU B 1 10 ? 14.209  -0.987  -3.117  1.00 19.65  ? 10  LEU B C   1 
ATOM   541  O O   . LEU B 1 10 ? 13.509  -1.877  -2.678  1.00 18.02  ? 10  LEU B O   1 
ATOM   542  C CB  . LEU B 1 10 ? 13.744  -0.644  -5.576  1.00 20.09  ? 10  LEU B CB  1 
ATOM   543  C CG  . LEU B 1 10 ? 12.699  -0.079  -6.542  1.00 22.78  ? 10  LEU B CG  1 
ATOM   544  C CD1 . LEU B 1 10 ? 13.056  -0.453  -7.942  1.00 25.06  ? 10  LEU B CD1 1 
ATOM   545  C CD2 . LEU B 1 10 ? 11.252  -0.500  -6.216  1.00 23.06  ? 10  LEU B CD2 1 
ATOM   546  N N   . ASP B 1 11 ? 15.470  -0.801  -2.699  1.00 19.91  ? 11  ASP B N   1 
ATOM   547  C CA  . ASP B 1 11 ? 15.977  -1.579  -1.566  1.00 21.13  ? 11  ASP B CA  1 
ATOM   548  C C   . ASP B 1 11 ? 15.208  -1.249  -0.284  1.00 20.44  ? 11  ASP B C   1 
ATOM   549  O O   . ASP B 1 11 ? 14.930  -2.139  0.508   1.00 20.70  ? 11  ASP B O   1 
ATOM   550  C CB  . ASP B 1 11 ? 17.491  -1.344  -1.345  1.00 21.27  ? 11  ASP B CB  1 
ATOM   551  C CG  . ASP B 1 11 ? 18.349  -1.821  -2.506  1.00 25.08  ? 11  ASP B CG  1 
ATOM   552  O OD1 . ASP B 1 11 ? 17.936  -2.737  -3.266  1.00 25.62  ? 11  ASP B OD1 1 
ATOM   553  O OD2 . ASP B 1 11 ? 19.486  -1.281  -2.645  1.00 27.97  ? 11  ASP B OD2 1 
ATOM   554  N N   . TYR B 1 12 ? 14.877  0.029   -0.090  1.00 19.85  ? 12  TYR B N   1 
ATOM   555  C CA  . TYR B 1 12 ? 14.102  0.448   1.079   1.00 19.67  ? 12  TYR B CA  1 
ATOM   556  C C   . TYR B 1 12 ? 12.675  -0.137  0.990   1.00 17.27  ? 12  TYR B C   1 
ATOM   557  O O   . TYR B 1 12 ? 12.090  -0.552  1.994   1.00 15.65  ? 12  TYR B O   1 
ATOM   558  C CB  . TYR B 1 12 ? 14.024  1.955   1.092   1.00 22.59  ? 12  TYR B CB  1 
ATOM   559  C CG  . TYR B 1 12 ? 14.995  2.667   1.981   1.00 27.86  ? 12  TYR B CG  1 
ATOM   560  C CD1 . TYR B 1 12 ? 15.590  3.856   1.555   1.00 32.23  ? 12  TYR B CD1 1 
ATOM   561  C CD2 . TYR B 1 12 ? 15.312  2.171   3.254   1.00 30.95  ? 12  TYR B CD2 1 
ATOM   562  C CE1 . TYR B 1 12 ? 16.485  4.541   2.365   1.00 32.64  ? 12  TYR B CE1 1 
ATOM   563  C CE2 . TYR B 1 12 ? 16.197  2.849   4.078   1.00 32.57  ? 12  TYR B CE2 1 
ATOM   564  C CZ  . TYR B 1 12 ? 16.779  4.027   3.620   1.00 30.26  ? 12  TYR B CZ  1 
ATOM   565  O OH  . TYR B 1 12 ? 17.654  4.709   4.422   1.00 32.74  ? 12  TYR B OH  1 
ATOM   566  N N   . CYS B 1 13 ? 12.145  -0.199  -0.227  1.00 16.54  ? 13  CYS B N   1 
ATOM   567  C CA  . CYS B 1 13 ? 10.806  -0.778  -0.420  1.00 15.70  ? 13  CYS B CA  1 
ATOM   568  C C   . CYS B 1 13 ? 10.830  -2.226  -0.013  1.00 15.97  ? 13  CYS B C   1 
ATOM   569  O O   . CYS B 1 13 ? 9.910   -2.699  0.640   1.00 15.89  ? 13  CYS B O   1 
ATOM   570  C CB  . CYS B 1 13 ? 10.369  -0.695  -1.883  1.00 15.27  ? 13  CYS B CB  1 
ATOM   571  S SG  . CYS B 1 13 ? 9.954   0.964   -2.463  1.00 16.00  ? 13  CYS B SG  1 
ATOM   572  N N   . GLN B 1 14 ? 11.903  -2.935  -0.410  1.00 16.20  ? 14  GLN B N   1 
ATOM   573  C CA  . GLN B 1 14 ? 12.063  -4.338  -0.015  1.00 17.15  ? 14  GLN B CA  1 
ATOM   574  C C   . GLN B 1 14 ? 12.276  -4.524  1.488   1.00 16.89  ? 14  GLN B C   1 
ATOM   575  O O   . GLN B 1 14 ? 11.794  -5.477  2.041   1.00 15.62  ? 14  GLN B O   1 
ATOM   576  C CB  . GLN B 1 14 ? 13.200  -4.984  -0.820  1.00 16.54  ? 14  GLN B CB  1 
ATOM   577  C CG  . GLN B 1 14 ? 13.394  -6.476  -0.564  1.00 16.97  ? 14  GLN B CG  1 
ATOM   578  C CD  . GLN B 1 14 ? 14.655  -7.022  -1.204  1.00 20.87  ? 14  GLN B CD  1 
ATOM   579  O OE1 . GLN B 1 14 ? 15.641  -6.308  -1.382  1.00 25.55  ? 14  GLN B OE1 1 
ATOM   580  N NE2 . GLN B 1 14 ? 14.622  -8.288  -1.565  1.00 24.49  ? 14  GLN B NE2 1 
ATOM   581  N N   . LYS B 1 15 ? 12.977  -3.598  2.136   1.00 17.22  ? 15  LYS B N   1 
ATOM   582  C CA  . LYS B 1 15 ? 13.110  -3.631  3.587   1.00 18.79  ? 15  LYS B CA  1 
ATOM   583  C C   . LYS B 1 15 ? 11.737  -3.469  4.264   1.00 17.67  ? 15  LYS B C   1 
ATOM   584  O O   . LYS B 1 15 ? 11.426  -4.158  5.231   1.00 18.29  ? 15  LYS B O   1 
ATOM   585  C CB  . LYS B 1 15 ? 14.111  -2.550  4.025   1.00 19.25  ? 15  LYS B CB  1 
ATOM   586  C CG  . LYS B 1 15 ? 14.338  -2.405  5.517   1.00 23.47  ? 15  LYS B CG  1 
ATOM   587  C CD  . LYS B 1 15 ? 15.639  -1.666  5.801   1.00 29.56  ? 15  LYS B CD  1 
ATOM   588  C CE  . LYS B 1 15 ? 15.565  -0.922  7.136   1.00 33.20  ? 15  LYS B CE  1 
ATOM   589  N NZ  . LYS B 1 15 ? 15.234  -1.839  8.268   1.00 35.05  ? 15  LYS B NZ  1 
ATOM   590  N N   . LEU B 1 16 ? 10.904  -2.561  3.729   1.00 17.11  ? 16  LEU B N   1 
ATOM   591  C CA  . LEU B 1 16 ? 9.557   -2.367  4.288   1.00 16.09  ? 16  LEU B CA  1 
ATOM   592  C C   . LEU B 1 16 ? 8.678   -3.610  4.065   1.00 15.57  ? 16  LEU B C   1 
ATOM   593  O O   . LEU B 1 16 ? 7.959   -4.073  4.976   1.00 16.27  ? 16  LEU B O   1 
ATOM   594  C CB  . LEU B 1 16 ? 8.926   -1.117  3.644   1.00 15.37  ? 16  LEU B CB  1 
ATOM   595  C CG  . LEU B 1 16 ? 7.584   -0.642  4.192   1.00 15.34  ? 16  LEU B CG  1 
ATOM   596  C CD1 . LEU B 1 16 ? 7.692   -0.286  5.675   1.00 17.02  ? 16  LEU B CD1 1 
ATOM   597  C CD2 . LEU B 1 16 ? 7.117   0.565   3.433   1.00 14.77  ? 16  LEU B CD2 1 
ATOM   598  N N   . LEU B 1 17 ? 8.761   -4.159  2.858   1.00 13.87  ? 17  LEU B N   1 
ATOM   599  C CA  . LEU B 1 17 ? 8.057   -5.392  2.484   1.00 14.54  ? 17  LEU B CA  1 
ATOM   600  C C   . LEU B 1 17 ? 8.365   -6.509  3.505   1.00 15.05  ? 17  LEU B C   1 
ATOM   601  O O   . LEU B 1 17 ? 7.477   -7.162  4.030   1.00 15.98  ? 17  LEU B O   1 
ATOM   602  C CB  . LEU B 1 17 ? 8.499   -5.841  1.097   1.00 14.60  ? 17  LEU B CB  1 
ATOM   603  C CG  . LEU B 1 17 ? 7.721   -6.996  0.498   1.00 15.44  ? 17  LEU B CG  1 
ATOM   604  C CD1 . LEU B 1 17 ? 6.452   -6.527  -0.255  1.00 13.13  ? 17  LEU B CD1 1 
ATOM   605  C CD2 . LEU B 1 17 ? 8.565   -7.849  -0.474  1.00 14.66  ? 17  LEU B CD2 1 
ATOM   606  N N   . GLU B 1 18 ? 9.652   -6.674  3.777   1.00 17.55  ? 18  GLU B N   1 
ATOM   607  C CA  . GLU B 1 18 ? 10.123  -7.762  4.630   1.00 18.84  ? 18  GLU B CA  1 
ATOM   608  C C   . GLU B 1 18 ? 9.737   -7.543  6.093   1.00 19.98  ? 18  GLU B C   1 
ATOM   609  O O   . GLU B 1 18 ? 9.370   -8.484  6.788   1.00 20.79  ? 18  GLU B O   1 
ATOM   610  C CB  . GLU B 1 18 ? 11.632  -7.955  4.378   1.00 19.39  ? 18  GLU B CB  1 
ATOM   611  C CG  . GLU B 1 18 ? 11.874  -8.668  3.025   1.00 19.21  ? 18  GLU B CG  1 
ATOM   612  C CD  . GLU B 1 18 ? 13.305  -8.633  2.471   1.00 20.38  ? 18  GLU B CD  1 
ATOM   613  O OE1 . GLU B 1 18 ? 14.204  -8.002  3.078   1.00 24.38  ? 18  GLU B OE1 1 
ATOM   614  O OE2 . GLU B 1 18 ? 13.507  -9.235  1.403   1.00 22.33  ? 18  GLU B OE2 1 
ATOM   615  N N   . LYS B 1 19 ? 9.751   -6.292  6.541   1.00 20.77  ? 19  LYS B N   1 
ATOM   616  C CA  . LYS B 1 19 ? 9.351   -5.949  7.899   1.00 21.71  ? 19  LYS B CA  1 
ATOM   617  C C   . LYS B 1 19 ? 7.927   -6.414  8.213   1.00 21.79  ? 19  LYS B C   1 
ATOM   618  O O   . LYS B 1 19 ? 7.644   -6.952  9.291   1.00 22.72  ? 19  LYS B O   1 
ATOM   619  C CB  . LYS B 1 19 ? 9.487   -4.436  8.082   1.00 22.02  ? 19  LYS B CB  1 
ATOM   620  C CG  . LYS B 1 19 ? 8.953   -3.916  9.384   1.00 22.42  ? 19  LYS B CG  1 
ATOM   621  C CD  . LYS B 1 19 ? 9.340   -2.470  9.557   1.00 26.05  ? 19  LYS B CD  1 
ATOM   622  C CE  . LYS B 1 19 ? 8.720   -1.912  10.815  1.00 26.44  ? 19  LYS B CE  1 
ATOM   623  N NZ  . LYS B 1 19 ? 9.381   -0.634  11.140  1.00 29.01  ? 19  LYS B NZ  1 
ATOM   624  N N   . PHE B 1 20 ? 7.035   -6.249  7.234   1.00 20.98  ? 20  PHE B N   1 
ATOM   625  C CA  . PHE B 1 20 ? 5.626   -6.583  7.402   1.00 20.70  ? 20  PHE B CA  1 
ATOM   626  C C   . PHE B 1 20 ? 5.242   -7.933  6.805   1.00 21.40  ? 20  PHE B C   1 
ATOM   627  O O   . PHE B 1 20 ? 4.048   -8.267  6.728   1.00 22.99  ? 20  PHE B O   1 
ATOM   628  C CB  . PHE B 1 20 ? 4.757   -5.454  6.825   1.00 20.74  ? 20  PHE B CB  1 
ATOM   629  C CG  . PHE B 1 20 ? 4.790   -4.209  7.644   1.00 18.15  ? 20  PHE B CG  1 
ATOM   630  C CD1 . PHE B 1 20 ? 3.933   -4.088  8.731   1.00 18.02  ? 20  PHE B CD1 1 
ATOM   631  C CD2 . PHE B 1 20 ? 5.700   -3.188  7.374   1.00 16.82  ? 20  PHE B CD2 1 
ATOM   632  C CE1 . PHE B 1 20 ? 3.963   -2.950  9.521   1.00 20.19  ? 20  PHE B CE1 1 
ATOM   633  C CE2 . PHE B 1 20 ? 5.750   -2.059  8.173   1.00 17.77  ? 20  PHE B CE2 1 
ATOM   634  C CZ  . PHE B 1 20 ? 4.866   -1.940  9.251   1.00 20.11  ? 20  PHE B CZ  1 
ATOM   635  N N   . ARG B 1 21 ? 6.270   -8.677  6.402   1.00 22.11  ? 21  ARG B N   1 
ATOM   636  C CA  . ARG B 1 21 ? 6.179   -10.082 5.947   1.00 22.85  ? 21  ARG B CA  1 
ATOM   637  C C   . ARG B 1 21 ? 5.291   -10.258 4.724   1.00 22.25  ? 21  ARG B C   1 
ATOM   638  O O   . ARG B 1 21 ? 4.531   -11.212 4.620   1.00 23.21  ? 21  ARG B O   1 
ATOM   639  C CB  . ARG B 1 21 ? 5.721   -10.978 7.115   1.00 23.57  ? 21  ARG B CB  1 
ATOM   640  C CG  . ARG B 1 21 ? 6.568   -10.859 8.369   1.00 26.77  ? 21  ARG B CG  1 
ATOM   641  C CD  . ARG B 1 21 ? 7.998   -11.290 8.101   1.00 31.79  ? 21  ARG B CD  1 
ATOM   642  N NE  . ARG B 1 21 ? 8.694   -11.598 9.351   1.00 36.40  ? 21  ARG B NE  1 
ATOM   643  C CZ  . ARG B 1 21 ? 9.410   -10.735 10.069  1.00 38.06  ? 21  ARG B CZ  1 
ATOM   644  N NH1 . ARG B 1 21 ? 9.555   -9.470  9.673   1.00 39.10  ? 21  ARG B NH1 1 
ATOM   645  N NH2 . ARG B 1 21 ? 9.988   -11.146 11.200  1.00 38.38  ? 21  ARG B NH2 1 
ATOM   646  N N   . TYR B 1 22 ? 5.382   -9.308  3.795   1.00 19.66  ? 22  TYR B N   1 
ATOM   647  C CA  . TYR B 1 22 ? 4.612   -9.364  2.574   1.00 18.92  ? 22  TYR B CA  1 
ATOM   648  C C   . TYR B 1 22 ? 5.370   -10.046 1.450   1.00 17.99  ? 22  TYR B C   1 
ATOM   649  O O   . TYR B 1 22 ? 6.608   -9.983  1.404   1.00 18.26  ? 22  TYR B O   1 
ATOM   650  C CB  . TYR B 1 22 ? 4.238   -7.940  2.114   1.00 18.98  ? 22  TYR B CB  1 
ATOM   651  C CG  . TYR B 1 22 ? 3.273   -7.168  3.017   1.00 18.99  ? 22  TYR B CG  1 
ATOM   652  C CD1 . TYR B 1 22 ? 2.090   -7.753  3.470   1.00 22.55  ? 22  TYR B CD1 1 
ATOM   653  C CD2 . TYR B 1 22 ? 3.527   -5.831  3.374   1.00 18.99  ? 22  TYR B CD2 1 
ATOM   654  C CE1 . TYR B 1 22 ? 1.189   -7.038  4.292   1.00 20.90  ? 22  TYR B CE1 1 
ATOM   655  C CE2 . TYR B 1 22 ? 2.625   -5.112  4.208   1.00 19.62  ? 22  TYR B CE2 1 
ATOM   656  C CZ  . TYR B 1 22 ? 1.460   -5.727  4.643   1.00 20.72  ? 22  TYR B CZ  1 
ATOM   657  O OH  . TYR B 1 22 ? 0.567   -5.035  5.456   1.00 23.71  ? 22  TYR B OH  1 
ATOM   658  N N   . PRO B 1 23 ? 4.647   -10.699 0.532   1.00 17.51  ? 23  PRO B N   1 
ATOM   659  C CA  . PRO B 1 23 ? 5.285   -11.257 -0.633  1.00 16.68  ? 23  PRO B CA  1 
ATOM   660  C C   . PRO B 1 23 ? 5.606   -10.228 -1.703  1.00 16.10  ? 23  PRO B C   1 
ATOM   661  O O   . PRO B 1 23 ? 5.015   -9.129  -1.724  1.00 15.80  ? 23  PRO B O   1 
ATOM   662  C CB  . PRO B 1 23 ? 4.261   -12.256 -1.149  1.00 18.53  ? 23  PRO B CB  1 
ATOM   663  C CG  . PRO B 1 23 ? 2.976   -11.588 -0.844  1.00 16.98  ? 23  PRO B CG  1 
ATOM   664  C CD  . PRO B 1 23 ? 3.196   -11.001 0.535   1.00 17.71  ? 23  PRO B CD  1 
ATOM   665  N N   . TRP B 1 24 ? 6.571   -10.593 -2.551  1.00 15.20  ? 24  TRP B N   1 
ATOM   666  C CA  . TRP B 1 24 ? 7.121   -9.713  -3.609  1.00 15.11  ? 24  TRP B CA  1 
ATOM   667  C C   . TRP B 1 24 ? 6.030   -8.988  -4.441  1.00 15.83  ? 24  TRP B C   1 
ATOM   668  O O   . TRP B 1 24 ? 6.263   -7.845  -4.876  1.00 14.80  ? 24  TRP B O   1 
ATOM   669  C CB  . TRP B 1 24 ? 8.085   -10.476 -4.566  1.00 16.86  ? 24  TRP B CB  1 
ATOM   670  C CG  . TRP B 1 24 ? 8.791   -9.581  -5.558  1.00 17.36  ? 24  TRP B CG  1 
ATOM   671  C CD1 . TRP B 1 24 ? 8.493   -9.445  -6.896  1.00 18.77  ? 24  TRP B CD1 1 
ATOM   672  C CD2 . TRP B 1 24 ? 9.897   -8.704  -5.308  1.00 17.21  ? 24  TRP B CD2 1 
ATOM   673  N NE1 . TRP B 1 24 ? 9.347   -8.535  -7.482  1.00 20.66  ? 24  TRP B NE1 1 
ATOM   674  C CE2 . TRP B 1 24 ? 10.208  -8.055  -6.529  1.00 18.02  ? 24  TRP B CE2 1 
ATOM   675  C CE3 . TRP B 1 24 ? 10.664  -8.404  -4.168  1.00 17.66  ? 24  TRP B CE3 1 
ATOM   676  C CZ2 . TRP B 1 24 ? 11.270  -7.122  -6.644  1.00 17.29  ? 24  TRP B CZ2 1 
ATOM   677  C CZ3 . TRP B 1 24 ? 11.719  -7.462  -4.285  1.00 18.41  ? 24  TRP B CZ3 1 
ATOM   678  C CH2 . TRP B 1 24 ? 11.989  -6.835  -5.515  1.00 18.12  ? 24  TRP B CH2 1 
ATOM   679  N N   . GLU B 1 25 ? 4.897   -9.670  -4.667  1.00 15.72  ? 25  GLU B N   1 
ATOM   680  C CA  . GLU B 1 25 ? 3.799   -9.142  -5.476  1.00 16.88  ? 25  GLU B CA  1 
ATOM   681  C C   . GLU B 1 25 ? 3.316   -7.781  -4.961  1.00 15.69  ? 25  GLU B C   1 
ATOM   682  O O   . GLU B 1 25 ? 2.671   -7.018  -5.711  1.00 16.06  ? 25  GLU B O   1 
ATOM   683  C CB  . GLU B 1 25 ? 2.634   -10.152 -5.473  1.00 17.82  ? 25  GLU B CB  1 
ATOM   684  C CG  . GLU B 1 25 ? 1.450   -9.745  -6.333  1.00 22.65  ? 25  GLU B CG  1 
ATOM   685  C CD  A GLU B 1 25 ? 1.483   -10.387 -7.708  0.70 27.39  ? 25  GLU B CD  1 
ATOM   686  C CD  B GLU B 1 25 ? 0.539   -10.902 -6.697  0.30 20.07  ? 25  GLU B CD  1 
ATOM   687  O OE1 A GLU B 1 25 ? 2.399   -11.199 -7.970  0.70 29.78  ? 25  GLU B OE1 1 
ATOM   688  O OE1 B GLU B 1 25 ? 1.028   -12.048 -6.776  0.30 23.09  ? 25  GLU B OE1 1 
ATOM   689  O OE2 A GLU B 1 25 ? 0.585   -10.080 -8.520  0.70 30.65  ? 25  GLU B OE2 1 
ATOM   690  O OE2 B GLU B 1 25 ? -0.677  -10.663 -6.905  0.30 23.15  ? 25  GLU B OE2 1 
ATOM   691  N N   . LEU B 1 26 ? 3.580   -7.511  -3.685  1.00 13.29  ? 26  LEU B N   1 
ATOM   692  C CA  . LEU B 1 26 ? 3.111   -6.263  -3.053  1.00 13.28  ? 26  LEU B CA  1 
ATOM   693  C C   . LEU B 1 26 ? 4.165   -5.153  -3.050  1.00 13.18  ? 26  LEU B C   1 
ATOM   694  O O   . LEU B 1 26 ? 3.937   -4.049  -2.518  1.00 11.43  ? 26  LEU B O   1 
ATOM   695  C CB  . LEU B 1 26 ? 2.634   -6.521  -1.637  1.00 13.25  ? 26  LEU B CB  1 
ATOM   696  C CG  . LEU B 1 26 ? 1.555   -7.622  -1.530  1.00 14.08  ? 26  LEU B CG  1 
ATOM   697  C CD1 . LEU B 1 26 ? 1.109   -7.625  -0.093  1.00 17.35  ? 26  LEU B CD1 1 
ATOM   698  C CD2 . LEU B 1 26 ? 0.422   -7.390  -2.537  1.00 15.54  ? 26  LEU B CD2 1 
ATOM   699  N N   . MET B 1 27 ? 5.300   -5.436  -3.656  1.00 11.55  ? 27  MET B N   1 
ATOM   700  C CA  . MET B 1 27 ? 6.275   -4.343  -3.869  1.00 12.30  ? 27  MET B CA  1 
ATOM   701  C C   . MET B 1 27 ? 5.677   -3.017  -4.446  1.00 12.33  ? 27  MET B C   1 
ATOM   702  O O   . MET B 1 27 ? 6.065   -1.942  -3.993  1.00 11.22  ? 27  MET B O   1 
ATOM   703  C CB  . MET B 1 27 ? 7.472   -4.838  -4.673  1.00 13.82  ? 27  MET B CB  1 
ATOM   704  C CG  . MET B 1 27 ? 8.477   -5.621  -3.876  1.00 15.99  ? 27  MET B CG  1 
ATOM   705  S SD  . MET B 1 27 ? 9.450   -4.601  -2.743  1.00 14.79  ? 27  MET B SD  1 
ATOM   706  C CE  . MET B 1 27 ? 10.469  -3.703  -3.917  1.00 18.67  ? 27  MET B CE  1 
ATOM   707  N N   . PRO B 1 28 ? 4.757   -3.095  -5.421  1.00 11.71  ? 28  PRO B N   1 
ATOM   708  C CA  . PRO B 1 28 ? 4.108   -1.864  -5.926  1.00 11.21  ? 28  PRO B CA  1 
ATOM   709  C C   . PRO B 1 28 ? 3.480   -1.070  -4.811  1.00 10.15  ? 28  PRO B C   1 
ATOM   710  O O   . PRO B 1 28 ? 3.492   0.170   -4.866  1.00 10.27  ? 28  PRO B O   1 
ATOM   711  C CB  . PRO B 1 28 ? 2.985   -2.388  -6.818  1.00 10.21  ? 28  PRO B CB  1 
ATOM   712  C CG  . PRO B 1 28 ? 3.601   -3.650  -7.393  1.00 13.87  ? 28  PRO B CG  1 
ATOM   713  C CD  . PRO B 1 28 ? 4.287   -4.276  -6.178  1.00 12.10  ? 28  PRO B CD  1 
ATOM   714  N N   . LEU B 1 29 ? 2.893   -1.754  -3.818  1.00 8.99   ? 29  LEU B N   1 
ATOM   715  C CA  . LEU B 1 29 ? 2.205   -1.023  -2.720  1.00 8.84   ? 29  LEU B CA  1 
ATOM   716  C C   . LEU B 1 29 ? 3.249   -0.394  -1.783  1.00 9.15   ? 29  LEU B C   1 
ATOM   717  O O   . LEU B 1 29 ? 3.044   0.720   -1.266  1.00 10.14  ? 29  LEU B O   1 
ATOM   718  C CB  . LEU B 1 29 ? 1.207   -1.928  -1.953  1.00 9.40   ? 29  LEU B CB  1 
ATOM   719  C CG  . LEU B 1 29 ? 0.151   -2.594  -2.869  1.00 8.90   ? 29  LEU B CG  1 
ATOM   720  C CD1 . LEU B 1 29 ? -0.825  -3.491  -2.125  1.00 11.16  ? 29  LEU B CD1 1 
ATOM   721  C CD2 . LEU B 1 29 ? -0.631  -1.512  -3.634  1.00 10.49  ? 29  LEU B CD2 1 
ATOM   722  N N   . MET B 1 30 ? 4.358   -1.117  -1.529  1.00 9.36   ? 30  MET B N   1 
ATOM   723  C CA  . MET B 1 30 ? 5.456   -0.528  -0.728  1.00 9.42   ? 30  MET B CA  1 
ATOM   724  C C   . MET B 1 30 ? 6.047   0.679   -1.441  1.00 9.64   ? 30  MET B C   1 
ATOM   725  O O   . MET B 1 30 ? 6.345   1.683   -0.813  1.00 10.00  ? 30  MET B O   1 
ATOM   726  C CB  . MET B 1 30 ? 6.576   -1.564  -0.520  1.00 9.72   ? 30  MET B CB  1 
ATOM   727  C CG  . MET B 1 30 ? 6.070   -2.851  0.191   1.00 10.03  ? 30  MET B CG  1 
ATOM   728  S SD  . MET B 1 30 ? 5.429   -2.652  1.849   1.00 12.58  ? 30  MET B SD  1 
ATOM   729  C CE  . MET B 1 30 ? 3.620   -2.575  1.539   1.00 13.10  ? 30  MET B CE  1 
ATOM   730  N N   . TYR B 1 31 ? 6.158   0.631   -2.758  1.00 10.27  ? 31  TYR B N   1 
ATOM   731  C CA  . TYR B 1 31 ? 6.626   1.768   -3.512  1.00 10.13  ? 31  TYR B CA  1 
ATOM   732  C C   . TYR B 1 31 ? 5.751   2.987   -3.302  1.00 10.75  ? 31  TYR B C   1 
ATOM   733  O O   . TYR B 1 31 ? 6.242   4.064   -2.967  1.00 11.65  ? 31  TYR B O   1 
ATOM   734  C CB  . TYR B 1 31 ? 6.715   1.379   -4.987  1.00 12.06  ? 31  TYR B CB  1 
ATOM   735  C CG  . TYR B 1 31 ? 7.051   2.514   -5.906  1.00 13.59  ? 31  TYR B CG  1 
ATOM   736  C CD1 . TYR B 1 31 ? 8.362   2.696   -6.359  1.00 18.22  ? 31  TYR B CD1 1 
ATOM   737  C CD2 . TYR B 1 31 ? 6.042   3.354   -6.392  1.00 14.74  ? 31  TYR B CD2 1 
ATOM   738  C CE1 . TYR B 1 31 ? 8.662   3.747   -7.222  1.00 19.52  ? 31  TYR B CE1 1 
ATOM   739  C CE2 . TYR B 1 31 ? 6.330   4.396   -7.233  1.00 17.25  ? 31  TYR B CE2 1 
ATOM   740  C CZ  . TYR B 1 31 ? 7.655   4.582   -7.652  1.00 16.57  ? 31  TYR B CZ  1 
ATOM   741  O OH  . TYR B 1 31 ? 7.949   5.630   -8.531  1.00 19.88  ? 31  TYR B OH  1 
ATOM   742  N N   . VAL B 1 32 ? 4.446   2.804   -3.418  1.00 9.60   ? 32  VAL B N   1 
ATOM   743  C CA  . VAL B 1 32 ? 3.537   3.946   -3.216  1.00 8.81   ? 32  VAL B CA  1 
ATOM   744  C C   . VAL B 1 32 ? 3.638   4.528   -1.810  1.00 9.01   ? 32  VAL B C   1 
ATOM   745  O O   . VAL B 1 32 ? 3.734   5.729   -1.628  1.00 9.55   ? 32  VAL B O   1 
ATOM   746  C CB  . VAL B 1 32 ? 2.073   3.599   -3.497  1.00 8.30   ? 32  VAL B CB  1 
ATOM   747  C CG1 . VAL B 1 32 ? 1.180   4.839   -3.251  1.00 11.43  ? 32  VAL B CG1 1 
ATOM   748  C CG2 . VAL B 1 32 ? 1.873   3.149   -4.938  1.00 10.29  ? 32  VAL B CG2 1 
ATOM   749  N N   . ILE B 1 33 ? 3.550   3.655   -0.814  1.00 8.55   ? 33  ILE B N   1 
ATOM   750  C CA  . ILE B 1 33 ? 3.514   4.107   0.572   1.00 9.08   ? 33  ILE B CA  1 
ATOM   751  C C   . ILE B 1 33 ? 4.843   4.796   0.890   1.00 9.90   ? 33  ILE B C   1 
ATOM   752  O O   . ILE B 1 33 ? 4.851   5.868   1.521   1.00 11.06  ? 33  ILE B O   1 
ATOM   753  C CB  . ILE B 1 33 ? 3.234   2.890   1.494   1.00 9.94   ? 33  ILE B CB  1 
ATOM   754  C CG1 . ILE B 1 33 ? 1.784   2.464   1.223   1.00 10.55  ? 33  ILE B CG1 1 
ATOM   755  C CG2 . ILE B 1 33 ? 3.408   3.287   2.995   1.00 10.14  ? 33  ILE B CG2 1 
ATOM   756  C CD1 . ILE B 1 33 ? 1.320   1.177   1.944   1.00 10.01  ? 33  ILE B CD1 1 
ATOM   757  N N   . LEU B 1 34 ? 5.949   4.182   0.495   1.00 10.00  ? 34  LEU B N   1 
ATOM   758  C CA  . LEU B 1 34 ? 7.248   4.791   0.834   1.00 11.00  ? 34  LEU B CA  1 
ATOM   759  C C   . LEU B 1 34 ? 7.493   6.080   0.013   1.00 12.22  ? 34  LEU B C   1 
ATOM   760  O O   . LEU B 1 34 ? 8.053   7.054   0.549   1.00 13.13  ? 34  LEU B O   1 
ATOM   761  C CB  . LEU B 1 34 ? 8.382   3.740   0.728   1.00 11.66  ? 34  LEU B CB  1 
ATOM   762  C CG  . LEU B 1 34 ? 9.758   4.152   1.261   1.00 13.90  ? 34  LEU B CG  1 
ATOM   763  C CD1 . LEU B 1 34 ? 9.704   4.205   2.814   1.00 16.93  ? 34  LEU B CD1 1 
ATOM   764  C CD2 . LEU B 1 34 ? 10.774  3.104   0.788   1.00 15.74  ? 34  LEU B CD2 1 
ATOM   765  N N   . LYS B 1 35 ? 7.035   6.123   -1.233  1.00 11.68  ? 35  LYS B N   1 
ATOM   766  C CA  . LYS B 1 35 ? 7.162   7.343   -2.041  1.00 13.72  ? 35  LYS B CA  1 
ATOM   767  C C   . LYS B 1 35 ? 6.353   8.463   -1.376  1.00 12.71  ? 35  LYS B C   1 
ATOM   768  O O   . LYS B 1 35 ? 6.869   9.579   -1.185  1.00 14.25  ? 35  LYS B O   1 
ATOM   769  C CB  . LYS B 1 35 ? 6.759   7.111   -3.494  1.00 14.88  ? 35  LYS B CB  1 
ATOM   770  C CG  . LYS B 1 35 ? 6.781   8.364   -4.302  1.00 17.76  ? 35  LYS B CG  1 
ATOM   771  C CD  . LYS B 1 35 ? 6.525   8.097   -5.779  1.00 21.24  ? 35  LYS B CD  1 
ATOM   772  C CE  . LYS B 1 35 ? 6.520   9.416   -6.534  1.00 24.83  ? 35  LYS B CE  1 
ATOM   773  N NZ  . LYS B 1 35 ? 6.494   9.289   -8.009  1.00 28.51  ? 35  LYS B NZ  1 
ATOM   774  N N   . ASP B 1 36 ? 5.121   8.153   -0.956  1.00 11.21  ? 36  ASP B N   1 
ATOM   775  C CA  . ASP B 1 36 ? 4.229   9.140   -0.315  1.00 11.80  ? 36  ASP B CA  1 
ATOM   776  C C   . ASP B 1 36 ? 4.902   9.673   0.948   1.00 12.35  ? 36  ASP B C   1 
ATOM   777  O O   . ASP B 1 36 ? 4.716   10.843  1.298   1.00 14.32  ? 36  ASP B O   1 
ATOM   778  C CB  . ASP B 1 36 ? 2.903   8.473   0.061   1.00 11.27  ? 36  ASP B CB  1 
ATOM   779  C CG  . ASP B 1 36 ? 2.008   8.109   -1.144  1.00 11.94  ? 36  ASP B CG  1 
ATOM   780  O OD1 . ASP B 1 36 ? 2.350   8.413   -2.320  1.00 13.22  ? 36  ASP B OD1 1 
ATOM   781  O OD2 . ASP B 1 36 ? 0.972   7.433   -0.849  1.00 11.98  ? 36  ASP B OD2 1 
ATOM   782  N N   . ALA B 1 37 ? 5.683   8.810   1.593   1.00 11.38  ? 37  ALA B N   1 
ATOM   783  C CA  . ALA B 1 37 ? 6.344   9.180   2.858   1.00 12.96  ? 37  ALA B CA  1 
ATOM   784  C C   . ALA B 1 37 ? 7.728   9.755   2.607   1.00 13.66  ? 37  ALA B C   1 
ATOM   785  O O   . ALA B 1 37 ? 8.509   9.838   3.554   1.00 14.69  ? 37  ALA B O   1 
ATOM   786  C CB  . ALA B 1 37 ? 6.428   7.971   3.814   1.00 13.68  ? 37  ALA B CB  1 
ATOM   787  N N   . ASP B 1 38 ? 8.037   10.098  1.363   1.00 13.71  ? 38  ASP B N   1 
ATOM   788  C CA  . ASP B 1 38 ? 9.353   10.685  1.054   1.00 15.72  ? 38  ASP B CA  1 
ATOM   789  C C   . ASP B 1 38 ? 10.500  9.791   1.504   1.00 16.08  ? 38  ASP B C   1 
ATOM   790  O O   . ASP B 1 38 ? 11.560  10.267  1.992   1.00 17.92  ? 38  ASP B O   1 
ATOM   791  C CB  . ASP B 1 38 ? 9.446   12.063  1.747   1.00 16.27  ? 38  ASP B CB  1 
ATOM   792  C CG  . ASP B 1 38 ? 8.498   13.069  1.149   1.00 17.90  ? 38  ASP B CG  1 
ATOM   793  O OD1 . ASP B 1 38 ? 8.495   13.204  -0.074  1.00 18.41  ? 38  ASP B OD1 1 
ATOM   794  O OD2 . ASP B 1 38 ? 7.759   13.727  1.906   1.00 25.24  ? 38  ASP B OD2 1 
ATOM   795  N N   . ALA B 1 39 ? 10.332  8.478   1.357   1.00 14.89  ? 39  ALA B N   1 
ATOM   796  C CA  . ALA B 1 39 ? 11.385  7.514   1.696   1.00 17.21  ? 39  ALA B CA  1 
ATOM   797  C C   . ALA B 1 39 ? 11.706  7.489   3.197   1.00 17.66  ? 39  ALA B C   1 
ATOM   798  O O   . ALA B 1 39 ? 12.769  7.024   3.602   1.00 20.56  ? 39  ALA B O   1 
ATOM   799  C CB  . ALA B 1 39 ? 12.674  7.722   0.819   1.00 16.79  ? 39  ALA B CB  1 
ATOM   800  N N   . ASN B 1 40 ? 10.775  7.963   4.018   1.00 18.37  ? 40  ASN B N   1 
ATOM   801  C CA  . ASN B 1 40 ? 10.904  7.866   5.457   1.00 19.18  ? 40  ASN B CA  1 
ATOM   802  C C   . ASN B 1 40 ? 10.296  6.551   5.930   1.00 19.43  ? 40  ASN B C   1 
ATOM   803  O O   . ASN B 1 40 ? 9.064   6.448   6.117   1.00 19.37  ? 40  ASN B O   1 
ATOM   804  C CB  . ASN B 1 40 ? 10.225  9.060   6.126   1.00 19.57  ? 40  ASN B CB  1 
ATOM   805  C CG  . ASN B 1 40 ? 10.392  9.080   7.624   1.00 20.13  ? 40  ASN B CG  1 
ATOM   806  O OD1 . ASN B 1 40 ? 10.606  8.061   8.264   1.00 22.87  ? 40  ASN B OD1 1 
ATOM   807  N ND2 . ASN B 1 40 ? 10.231  10.250  8.198   1.00 25.29  ? 40  ASN B ND2 1 
ATOM   808  N N   . ILE B 1 41 ? 11.150  5.553   6.134   1.00 20.44  ? 41  ILE B N   1 
ATOM   809  C CA  . ILE B 1 41 ? 10.676  4.219   6.460   1.00 21.10  ? 41  ILE B CA  1 
ATOM   810  C C   . ILE B 1 41 ? 9.962   4.115   7.807   1.00 20.90  ? 41  ILE B C   1 
ATOM   811  O O   . ILE B 1 41 ? 8.987   3.385   7.934   1.00 19.42  ? 41  ILE B O   1 
ATOM   812  C CB  . ILE B 1 41 ? 11.800  3.142   6.273   1.00 22.67  ? 41  ILE B CB  1 
ATOM   813  C CG1 . ILE B 1 41 ? 11.205  1.734   6.190   1.00 25.09  ? 41  ILE B CG1 1 
ATOM   814  C CG2 . ILE B 1 41 ? 12.890  3.290   7.336   1.00 23.69  ? 41  ILE B CG2 1 
ATOM   815  C CD1 . ILE B 1 41 ? 12.016  0.787   5.343   1.00 27.22  ? 41  ILE B CD1 1 
ATOM   816  N N   . GLU B 1 42 ? 10.417  4.873   8.814   1.00 19.83  ? 42  GLU B N   1 
ATOM   817  C CA  . GLU B 1 42 ? 9.711   4.924   10.090  1.00 20.16  ? 42  GLU B CA  1 
ATOM   818  C C   . GLU B 1 42 ? 8.282   5.434   9.947   1.00 18.49  ? 42  GLU B C   1 
ATOM   819  O O   . GLU B 1 42 ? 7.373   4.929   10.585  1.00 18.88  ? 42  GLU B O   1 
ATOM   820  C CB  . GLU B 1 42 ? 10.476  5.831   11.074  1.00 21.63  ? 42  GLU B CB  1 
ATOM   821  C CG  . GLU B 1 42 ? 11.768  5.210   11.597  1.00 27.41  ? 42  GLU B CG  1 
ATOM   822  C CD  . GLU B 1 42 ? 12.921  5.210   10.605  1.00 31.89  ? 42  GLU B CD  1 
ATOM   823  O OE1 . GLU B 1 42 ? 12.834  5.810   9.501   1.00 34.87  ? 42  GLU B OE1 1 
ATOM   824  O OE2 . GLU B 1 42 ? 13.954  4.613   10.954  1.00 37.30  ? 42  GLU B OE2 1 
ATOM   825  N N   . GLU B 1 43 ? 8.103   6.471   9.130   1.00 16.70  ? 43  GLU B N   1 
ATOM   826  C CA  . GLU B 1 43 ? 6.800   7.071   8.934   1.00 15.83  ? 43  GLU B CA  1 
ATOM   827  C C   . GLU B 1 43 ? 5.908   6.113   8.111   1.00 13.85  ? 43  GLU B C   1 
ATOM   828  O O   . GLU B 1 43 ? 4.716   5.976   8.411   1.00 13.74  ? 43  GLU B O   1 
ATOM   829  C CB  . GLU B 1 43 ? 6.955   8.449   8.255   1.00 16.50  ? 43  GLU B CB  1 
ATOM   830  C CG  . GLU B 1 43 ? 5.637   9.141   7.917   1.00 18.29  ? 43  GLU B CG  1 
ATOM   831  C CD  . GLU B 1 43 ? 4.725   9.376   9.116   1.00 21.18  ? 43  GLU B CD  1 
ATOM   832  O OE1 . GLU B 1 43 ? 5.216   9.318   10.279  1.00 22.91  ? 43  GLU B OE1 1 
ATOM   833  O OE2 . GLU B 1 43 ? 3.507   9.619   8.947   1.00 21.09  ? 43  GLU B OE2 1 
ATOM   834  N N   . ALA B 1 44 ? 6.498   5.474   7.105   1.00 13.99  ? 44  ALA B N   1 
ATOM   835  C CA  . ALA B 1 44 ? 5.754   4.487   6.298   1.00 12.70  ? 44  ALA B CA  1 
ATOM   836  C C   . ALA B 1 44 ? 5.223   3.371   7.221   1.00 13.34  ? 44  ALA B C   1 
ATOM   837  O O   . ALA B 1 44 ? 4.046   2.967   7.170   1.00 12.53  ? 44  ALA B O   1 
ATOM   838  C CB  . ALA B 1 44 ? 6.645   3.932   5.204   1.00 12.55  ? 44  ALA B CB  1 
ATOM   839  N N   . SER B 1 45 ? 6.082   2.926   8.138   1.00 15.24  ? 45  SER B N   1 
ATOM   840  C CA  . SER B 1 45 ? 5.697   1.908   9.118   1.00 15.43  ? 45  SER B CA  1 
ATOM   841  C C   . SER B 1 45 ? 4.556   2.381   10.031  1.00 15.72  ? 45  SER B C   1 
ATOM   842  O O   . SER B 1 45 ? 3.550   1.695   10.207  1.00 15.51  ? 45  SER B O   1 
ATOM   843  C CB  . SER B 1 45 ? 6.937   1.532   9.928   1.00 16.90  ? 45  SER B CB  1 
ATOM   844  O OG  . SER B 1 45 ? 7.873   0.884   9.107   1.00 18.96  ? 45  SER B OG  1 
ATOM   845  N N   . ARG B 1 46 ? 4.691   3.574   10.593  1.00 15.22  ? 46  ARG B N   1 
ATOM   846  C CA  . ARG B 1 46 ? 3.652   4.120   11.419  1.00 16.48  ? 46  ARG B CA  1 
ATOM   847  C C   . ARG B 1 46 ? 2.320   4.184   10.667  1.00 15.47  ? 46  ARG B C   1 
ATOM   848  O O   . ARG B 1 46 ? 1.245   3.872   11.204  1.00 16.30  ? 46  ARG B O   1 
ATOM   849  C CB  . ARG B 1 46 ? 4.058   5.519   11.928  1.00 18.28  ? 46  ARG B CB  1 
ATOM   850  C CG  . ARG B 1 46 ? 2.980   6.122   12.863  1.00 22.66  ? 46  ARG B CG  1 
ATOM   851  C CD  . ARG B 1 46 ? 2.952   7.660   12.859  1.00 30.47  ? 46  ARG B CD  1 
ATOM   852  N NE  . ARG B 1 46 ? 2.467   8.154   11.566  1.00 35.16  ? 46  ARG B NE  1 
ATOM   853  C CZ  . ARG B 1 46 ? 1.281   8.724   11.340  1.00 37.92  ? 46  ARG B CZ  1 
ATOM   854  N NH1 . ARG B 1 46 ? 0.412   8.934   12.330  1.00 38.83  ? 46  ARG B NH1 1 
ATOM   855  N NH2 . ARG B 1 46 ? 0.970   9.106   10.105  1.00 38.87  ? 46  ARG B NH2 1 
ATOM   856  N N   . ARG B 1 47 ? 2.385   4.542   9.377   1.00 13.43  ? 47  ARG B N   1 
ATOM   857  C CA  . ARG B 1 47 ? 1.142   4.712   8.656   1.00 13.30  ? 47  ARG B CA  1 
ATOM   858  C C   . ARG B 1 47 ? 0.461   3.356   8.410   1.00 11.70  ? 47  ARG B C   1 
ATOM   859  O O   . ARG B 1 47 ? -0.760  3.257   8.485   1.00 13.55  ? 47  ARG B O   1 
ATOM   860  C CB  . ARG B 1 47 ? 1.392   5.406   7.327   1.00 13.15  ? 47  ARG B CB  1 
ATOM   861  C CG  . ARG B 1 47 ? 1.659   6.901   7.486   1.00 12.23  ? 47  ARG B CG  1 
ATOM   862  C CD  . ARG B 1 47 ? 2.156   7.507   6.169   1.00 11.90  ? 47  ARG B CD  1 
ATOM   863  N NE  . ARG B 1 47 ? 2.429   8.930   6.369   1.00 16.01  ? 47  ARG B NE  1 
ATOM   864  C CZ  . ARG B 1 47 ? 2.679   9.789   5.386   1.00 15.30  ? 47  ARG B CZ  1 
ATOM   865  N NH1 . ARG B 1 47 ? 2.682   9.391   4.112   1.00 15.02  ? 47  ARG B NH1 1 
ATOM   866  N NH2 . ARG B 1 47 ? 2.879   11.075  5.694   1.00 17.90  ? 47  ARG B NH2 1 
ATOM   867  N N   . ILE B 1 48 ? 1.265   2.353   8.106   1.00 12.24  ? 48  ILE B N   1 
ATOM   868  C CA  . ILE B 1 48 ? 0.736   0.983   7.898   1.00 12.47  ? 48  ILE B CA  1 
ATOM   869  C C   . ILE B 1 48 ? 0.156   0.484   9.222   1.00 13.89  ? 48  ILE B C   1 
ATOM   870  O O   . ILE B 1 48 ? -0.929  -0.048  9.242   1.00 13.57  ? 48  ILE B O   1 
ATOM   871  C CB  . ILE B 1 48 ? 1.797   0.025   7.385   1.00 13.64  ? 48  ILE B CB  1 
ATOM   872  C CG1 . ILE B 1 48 ? 2.249   0.433   5.975   1.00 12.97  ? 48  ILE B CG1 1 
ATOM   873  C CG2 . ILE B 1 48 ? 1.295   -1.452  7.404   1.00 13.99  ? 48  ILE B CG2 1 
ATOM   874  C CD1 . ILE B 1 48 ? 3.470   -0.354  5.442   1.00 13.63  ? 48  ILE B CD1 1 
ATOM   875  N N   . GLU B 1 49 ? 0.845   0.742   10.322  1.00 14.92  ? 49  GLU B N   1 
ATOM   876  C CA  . GLU B 1 49 ? 0.270   0.414   11.637  1.00 15.97  ? 49  GLU B CA  1 
ATOM   877  C C   . GLU B 1 49 ? -1.072  1.099   11.926  1.00 15.20  ? 49  GLU B C   1 
ATOM   878  O O   . GLU B 1 49 ? -2.024  0.494   12.441  1.00 15.98  ? 49  GLU B O   1 
ATOM   879  C CB  . GLU B 1 49 ? 1.284   0.749   12.713  1.00 15.31  ? 49  GLU B CB  1 
ATOM   880  C CG  . GLU B 1 49 ? 2.499   -0.119  12.599  1.00 19.21  ? 49  GLU B CG  1 
ATOM   881  C CD  . GLU B 1 49 ? 3.681   0.325   13.434  1.00 24.57  ? 49  GLU B CD  1 
ATOM   882  O OE1 . GLU B 1 49 ? 3.657   1.393   14.078  1.00 24.13  ? 49  GLU B OE1 1 
ATOM   883  O OE2 . GLU B 1 49 ? 4.643   -0.445  13.455  1.00 27.04  ? 49  GLU B OE2 1 
ATOM   884  N N   . GLU B 1 50 ? -1.221  2.365   11.545  1.00 15.61  ? 50  GLU B N   1 
ATOM   885  C CA  . GLU B 1 50 ? -2.503  3.024   11.658  1.00 16.22  ? 50  GLU B CA  1 
ATOM   886  C C   . GLU B 1 50 ? -3.592  2.318   10.808  1.00 16.28  ? 50  GLU B C   1 
ATOM   887  O O   . GLU B 1 50 ? -4.749  2.141   11.226  1.00 17.27  ? 50  GLU B O   1 
ATOM   888  C CB  . GLU B 1 50 ? -2.377  4.514   11.242  1.00 16.61  ? 50  GLU B CB  1 
ATOM   889  C CG  . GLU B 1 50 ? -3.699  5.263   11.259  1.00 18.53  ? 50  GLU B CG  1 
ATOM   890  C CD  . GLU B 1 50 ? -3.556  6.755   10.911  1.00 19.56  ? 50  GLU B CD  1 
ATOM   891  O OE1 . GLU B 1 50 ? -2.644  7.419   11.458  1.00 22.00  ? 50  GLU B OE1 1 
ATOM   892  O OE2 . GLU B 1 50 ? -4.383  7.248   10.117  1.00 22.02  ? 50  GLU B OE2 1 
ATOM   893  N N   . GLY B 1 51 ? -3.248  1.974   9.583   1.00 15.38  ? 51  GLY B N   1 
ATOM   894  C CA  . GLY B 1 51 ? -4.204  1.299   8.732   1.00 15.62  ? 51  GLY B CA  1 
ATOM   895  C C   . GLY B 1 51 ? -4.638  -0.036  9.333   1.00 15.71  ? 51  GLY B C   1 
ATOM   896  O O   . GLY B 1 51 ? -5.817  -0.399  9.222   1.00 16.80  ? 51  GLY B O   1 
ATOM   897  N N   . GLN B 1 52 ? -3.666  -0.735  9.903   1.00 16.29  ? 52  GLN B N   1 
ATOM   898  C CA  . GLN B 1 52 ? -3.897  -2.044  10.539  1.00 19.07  ? 52  GLN B CA  1 
ATOM   899  C C   . GLN B 1 52 ? -4.852  -1.844  11.717  1.00 19.73  ? 52  GLN B C   1 
ATOM   900  O O   . GLN B 1 52 ? -5.844  -2.569  11.860  1.00 20.09  ? 52  GLN B O   1 
ATOM   901  C CB  . GLN B 1 52 ? -2.571  -2.671  10.954  1.00 18.70  ? 52  GLN B CB  1 
ATOM   902  C CG  . GLN B 1 52 ? -1.765  -3.250  9.804   1.00 20.57  ? 52  GLN B CG  1 
ATOM   903  C CD  . GLN B 1 52 ? -0.370  -3.740  10.205  1.00 22.81  ? 52  GLN B CD  1 
ATOM   904  O OE1 . GLN B 1 52 ? 0.212   -3.251  11.189  1.00 27.86  ? 52  GLN B OE1 1 
ATOM   905  N NE2 . GLN B 1 52 ? 0.214   -4.610  9.379   1.00 27.76  ? 52  GLN B NE2 1 
ATOM   906  N N   . TYR B 1 53 ? -4.584  -0.851  12.567  1.00 21.58  ? 53  TYR B N   1 
ATOM   907  C CA  . TYR B 1 53 ? -5.548  -0.522  13.643  1.00 23.23  ? 53  TYR B CA  1 
ATOM   908  C C   . TYR B 1 53 ? -6.945  -0.223  13.150  1.00 23.99  ? 53  TYR B C   1 
ATOM   909  O O   . TYR B 1 53 ? -7.912  -0.799  13.624  1.00 24.69  ? 53  TYR B O   1 
ATOM   910  C CB  . TYR B 1 53 ? -5.127  0.672   14.550  1.00 24.39  ? 53  TYR B CB  1 
ATOM   911  C CG  . TYR B 1 53 ? -6.278  1.146   15.459  1.00 24.13  ? 53  TYR B CG  1 
ATOM   912  C CD1 . TYR B 1 53 ? -6.646  0.409   16.592  1.00 27.44  ? 53  TYR B CD1 1 
ATOM   913  C CD2 . TYR B 1 53 ? -7.001  2.308   15.184  1.00 25.16  ? 53  TYR B CD2 1 
ATOM   914  C CE1 . TYR B 1 53 ? -7.697  0.815   17.397  1.00 28.18  ? 53  TYR B CE1 1 
ATOM   915  C CE2 . TYR B 1 53 ? -8.078  2.720   15.996  1.00 28.03  ? 53  TYR B CE2 1 
ATOM   916  C CZ  . TYR B 1 53 ? -8.408  1.965   17.100  1.00 27.98  ? 53  TYR B CZ  1 
ATOM   917  O OH  . TYR B 1 53 ? -9.444  2.361   17.928  1.00 30.60  ? 53  TYR B OH  1 
ATOM   918  N N   . VAL B 1 54 ? -7.070  0.716   12.212  1.00 23.62  ? 54  VAL B N   1 
ATOM   919  C CA  . VAL B 1 54 ? -8.373  1.178   11.775  1.00 24.16  ? 54  VAL B CA  1 
ATOM   920  C C   . VAL B 1 54 ? -9.184  0.035   11.181  1.00 24.76  ? 54  VAL B C   1 
ATOM   921  O O   . VAL B 1 54 ? -10.353 -0.126  11.505  1.00 25.24  ? 54  VAL B O   1 
ATOM   922  C CB  . VAL B 1 54 ? -8.273  2.372   10.790  1.00 23.88  ? 54  VAL B CB  1 
ATOM   923  C CG1 . VAL B 1 54 ? -9.633  2.703   10.182  1.00 24.70  ? 54  VAL B CG1 1 
ATOM   924  C CG2 . VAL B 1 54 ? -7.670  3.566   11.498  1.00 21.88  ? 54  VAL B CG2 1 
ATOM   925  N N   . VAL B 1 55 ? -8.564  -0.751  10.306  1.00 25.35  ? 55  VAL B N   1 
ATOM   926  C CA  . VAL B 1 55 ? -9.264  -1.857  9.663   1.00 27.78  ? 55  VAL B CA  1 
ATOM   927  C C   . VAL B 1 55 ? -9.671  -2.906  10.703  1.00 30.15  ? 55  VAL B C   1 
ATOM   928  O O   . VAL B 1 55 ? -10.815 -3.357  10.689  1.00 29.43  ? 55  VAL B O   1 
ATOM   929  C CB  . VAL B 1 55 ? -8.434  -2.463  8.512   1.00 27.00  ? 55  VAL B CB  1 
ATOM   930  C CG1 . VAL B 1 55 ? -9.049  -3.768  8.030   1.00 28.28  ? 55  VAL B CG1 1 
ATOM   931  C CG2 . VAL B 1 55 ? -8.334  -1.444  7.361   1.00 26.49  ? 55  VAL B CG2 1 
ATOM   932  N N   . ASN B 1 56 ? -8.747  -3.267  11.598  1.00 32.95  ? 56  ASN B N   1 
ATOM   933  C CA  . ASN B 1 56 ? -9.028  -4.259  12.649  1.00 37.44  ? 56  ASN B CA  1 
ATOM   934  C C   . ASN B 1 56 ? -10.197 -3.829  13.527  1.00 40.61  ? 56  ASN B C   1 
ATOM   935  O O   . ASN B 1 56 ? -11.072 -4.640  13.858  1.00 41.01  ? 56  ASN B O   1 
ATOM   936  C CB  . ASN B 1 56 ? -7.791  -4.484  13.517  1.00 36.76  ? 56  ASN B CB  1 
ATOM   937  C CG  A ASN B 1 56 ? -6.708  -5.250  12.807  0.70 37.69  ? 56  ASN B CG  1 
ATOM   938  C CG  B ASN B 1 56 ? -7.844  -5.782  14.306  0.30 36.30  ? 56  ASN B CG  1 
ATOM   939  O OD1 A ASN B 1 56 ? -6.939  -5.874  11.766  0.70 38.09  ? 56  ASN B OD1 1 
ATOM   940  O OD1 B ASN B 1 56 ? -8.200  -6.836  13.780  0.30 35.34  ? 56  ASN B OD1 1 
ATOM   941  N ND2 A ASN B 1 56 ? -5.504  -5.204  13.363  0.70 39.16  ? 56  ASN B ND2 1 
ATOM   942  N ND2 B ASN B 1 56 ? -7.466  -5.711  15.575  0.30 35.83  ? 56  ASN B ND2 1 
ATOM   943  N N   . GLU B 1 57 ? -10.213 -2.547  13.891  1.00 44.63  ? 57  GLU B N   1 
ATOM   944  C CA  . GLU B 1 57 ? -11.260 -1.954  14.730  1.00 48.74  ? 57  GLU B CA  1 
ATOM   945  C C   . GLU B 1 57 ? -12.630 -1.868  14.055  1.00 51.82  ? 57  GLU B C   1 
ATOM   946  O O   . GLU B 1 57 ? -13.656 -2.118  14.693  1.00 52.10  ? 57  GLU B O   1 
ATOM   947  C CB  . GLU B 1 57 ? -10.810 -0.571  15.247  1.00 48.52  ? 57  GLU B CB  1 
ATOM   948  C CG  . GLU B 1 57 ? -11.850 0.554   15.179  1.00 49.31  ? 57  GLU B CG  1 
ATOM   949  C CD  . GLU B 1 57 ? -11.649 1.483   13.978  1.00 49.79  ? 57  GLU B CD  1 
ATOM   950  O OE1 . GLU B 1 57 ? -12.360 1.330   12.962  1.00 50.04  ? 57  GLU B OE1 1 
ATOM   951  O OE2 . GLU B 1 57 ? -10.776 2.372   14.050  1.00 49.14  ? 57  GLU B OE2 1 
ATOM   952  N N   . TYR B 1 58 ? -12.643 -1.499  12.775  1.00 55.40  ? 58  TYR B N   1 
ATOM   953  C CA  . TYR B 1 58 ? -13.878 -1.475  11.996  1.00 58.93  ? 58  TYR B CA  1 
ATOM   954  C C   . TYR B 1 58 ? -14.458 -2.880  11.876  1.00 61.33  ? 58  TYR B C   1 
ATOM   955  O O   . TYR B 1 58 ? -15.675 -3.058  11.922  1.00 61.79  ? 58  TYR B O   1 
ATOM   956  C CB  . TYR B 1 58 ? -13.659 -0.870  10.604  1.00 58.67  ? 58  TYR B CB  1 
ATOM   957  C CG  . TYR B 1 58 ? -14.905 -0.884  9.749   1.00 58.86  ? 58  TYR B CG  1 
ATOM   958  C CD1 . TYR B 1 58 ? -15.878 0.110   9.882   1.00 59.38  ? 58  TYR B CD1 1 
ATOM   959  C CD2 . TYR B 1 58 ? -15.124 -1.900  8.816   1.00 58.96  ? 58  TYR B CD2 1 
ATOM   960  C CE1 . TYR B 1 58 ? -17.029 0.096   9.104   1.00 59.38  ? 58  TYR B CE1 1 
ATOM   961  C CE2 . TYR B 1 58 ? -16.277 -1.925  8.036   1.00 59.01  ? 58  TYR B CE2 1 
ATOM   962  C CZ  . TYR B 1 58 ? -17.221 -0.921  8.182   1.00 59.20  ? 58  TYR B CZ  1 
ATOM   963  O OH  . TYR B 1 58 ? -18.361 -0.941  7.413   1.00 59.33  ? 58  TYR B OH  1 
ATOM   964  N N   . SER B 1 59 ? -13.580 -3.867  11.722  1.00 64.25  ? 59  SER B N   1 
ATOM   965  C CA  . SER B 1 59 ? -13.986 -5.259  11.640  1.00 67.13  ? 59  SER B CA  1 
ATOM   966  C C   . SER B 1 59 ? -14.598 -5.727  12.960  1.00 69.31  ? 59  SER B C   1 
ATOM   967  O O   . SER B 1 59 ? -15.744 -6.181  12.984  1.00 69.64  ? 59  SER B O   1 
ATOM   968  C CB  . SER B 1 59 ? -12.797 -6.127  11.237  1.00 66.83  ? 59  SER B CB  1 
ATOM   969  O OG  . SER B 1 59 ? -12.267 -5.687  10.000  1.00 66.39  ? 59  SER B OG  1 
ATOM   970  N N   . ARG B 1 60 ? -13.842 -5.585  14.051  1.00 71.88  ? 60  ARG B N   1 
ATOM   971  C CA  . ARG B 1 60 ? -14.295 -5.977  15.392  1.00 74.31  ? 60  ARG B CA  1 
ATOM   972  C C   . ARG B 1 60 ? -15.607 -5.296  15.793  1.00 75.94  ? 60  ARG B C   1 
ATOM   973  O O   . ARG B 1 60 ? -16.490 -5.932  16.366  1.00 76.35  ? 60  ARG B O   1 
ATOM   974  C CB  . ARG B 1 60 ? -13.204 -5.708  16.433  1.00 73.98  ? 60  ARG B CB  1 
ATOM   975  N N   . GLN B 1 61 ? -15.739 -4.013  15.467  1.00 77.86  ? 61  GLN B N   1 
ATOM   976  C CA  . GLN B 1 61 ? -16.937 -3.247  15.812  1.00 79.61  ? 61  GLN B CA  1 
ATOM   977  C C   . GLN B 1 61 ? -18.087 -3.423  14.812  1.00 80.80  ? 61  GLN B C   1 
ATOM   978  O O   . GLN B 1 61 ? -19.084 -2.696  14.876  1.00 81.12  ? 61  GLN B O   1 
ATOM   979  C CB  . GLN B 1 61 ? -16.590 -1.770  15.993  1.00 79.47  ? 61  GLN B CB  1 
ATOM   980  N N   . HIS B 1 62 ? -17.950 -4.387  13.900  1.00 82.04  ? 62  HIS B N   1 
ATOM   981  C CA  . HIS B 1 62 ? -18.991 -4.688  12.909  1.00 83.06  ? 62  HIS B CA  1 
ATOM   982  C C   . HIS B 1 62 ? -19.224 -6.187  12.702  1.00 83.68  ? 62  HIS B C   1 
ATOM   983  O O   . HIS B 1 62 ? -19.817 -6.590  11.695  1.00 83.94  ? 62  HIS B O   1 
ATOM   984  C CB  . HIS B 1 62 ? -18.679 -4.016  11.573  1.00 82.97  ? 62  HIS B CB  1 
ATOM   985  N N   . ASN B 1 63 ? -18.765 -6.998  13.657  1.00 84.27  ? 63  ASN B N   1 
ATOM   986  C CA  . ASN B 1 63 ? -18.877 -8.468  13.602  1.00 84.69  ? 63  ASN B CA  1 
ATOM   987  C C   . ASN B 1 63 ? -18.159 -9.090  12.401  1.00 84.82  ? 63  ASN B C   1 
ATOM   988  O O   . ASN B 1 63 ? -18.796 -9.547  11.448  1.00 85.04  ? 63  ASN B O   1 
ATOM   989  C CB  . ASN B 1 63 ? -20.353 -8.925  13.665  1.00 84.61  ? 63  ASN B CB  1 
ATOM   990  N N   . LEU B 1 64 ? -16.829 -9.106  12.467  1.00 84.73  ? 64  LEU B N   1 
ATOM   991  C CA  . LEU B 1 64 ? -16.001 -9.679  11.412  1.00 84.71  ? 64  LEU B CA  1 
ATOM   992  C C   . LEU B 1 64 ? -14.879 -10.528 11.991  1.00 84.70  ? 64  LEU B C   1 
ATOM   993  O O   . LEU B 1 64 ? -14.555 -11.587 11.454  1.00 84.67  ? 64  LEU B O   1 
ATOM   994  C CB  . LEU B 1 64 ? -15.433 -8.587  10.531  1.00 84.72  ? 64  LEU B CB  1 
HETATM 995  O O   . HOH C 2 .  ? -1.173  10.577  4.897   1.00 34.27  ? 124 HOH A O   1 
HETATM 996  O O   . HOH C 2 .  ? 0.812   11.611  -0.618  1.00 18.72  ? 125 HOH A O   1 
HETATM 997  O O   . HOH C 2 .  ? -12.526 12.192  -3.339  1.00 18.91  ? 126 HOH A O   1 
HETATM 998  O O   . HOH C 2 .  ? -16.996 -1.138  -1.753  1.00 42.24  ? 127 HOH A O   1 
HETATM 999  O O   . HOH C 2 .  ? 0.591   -5.715  -6.748  1.00 25.32  ? 128 HOH A O   1 
HETATM 1000 O O   . HOH C 2 .  ? -0.875  13.687  -1.979  1.00 23.46  ? 129 HOH A O   1 
HETATM 1001 O O   . HOH C 2 .  ? -3.676  13.959  -2.216  1.00 26.36  ? 130 HOH A O   1 
HETATM 1002 O O   . HOH C 2 .  ? -11.165 -8.349  -3.285  1.00 32.64  ? 131 HOH A O   1 
HETATM 1003 O O   . HOH C 2 .  ? 1.676   -0.329  -14.511 1.00 27.31  ? 132 HOH A O   1 
HETATM 1004 O O   . HOH C 2 .  ? -18.807 -5.926  1.675   1.00 33.00  ? 133 HOH A O   1 
HETATM 1005 O O   . HOH C 2 .  ? 3.391   5.911   -6.932  1.00 20.81  ? 134 HOH A O   1 
HETATM 1006 O O   . HOH C 2 .  ? -8.337  -11.341 5.874   1.00 23.79  ? 135 HOH A O   1 
HETATM 1007 O O   . HOH C 2 .  ? -11.309 8.136   7.904   1.00 45.34  ? 136 HOH A O   1 
HETATM 1008 O O   . HOH C 2 .  ? -3.499  -5.526  -9.310  1.00 30.53  ? 137 HOH A O   1 
HETATM 1009 O O   . HOH C 2 .  ? -15.031 10.024  -6.247  1.00 50.40  ? 138 HOH A O   1 
HETATM 1010 O O   . HOH C 2 .  ? -13.878 -1.715  -7.531  1.00 25.26  ? 139 HOH A O   1 
HETATM 1011 O O   . HOH C 2 .  ? -1.613  7.461   5.688   1.00 26.16  ? 140 HOH A O   1 
HETATM 1012 O O   . HOH C 2 .  ? -1.098  5.091   -14.710 1.00 24.67  ? 141 HOH A O   1 
HETATM 1013 O O   . HOH C 2 .  ? -15.285 11.572  -2.890  1.00 25.07  ? 142 HOH A O   1 
HETATM 1014 O O   . HOH C 2 .  ? -6.667  6.568   -12.487 1.00 25.78  ? 143 HOH A O   1 
HETATM 1015 O O   . HOH C 2 .  ? -4.826  -7.011  7.821   1.00 37.41  ? 144 HOH A O   1 
HETATM 1016 O O   . HOH C 2 .  ? 2.030   8.240   -12.611 1.00 32.14  ? 145 HOH A O   1 
HETATM 1017 O O   . HOH C 2 .  ? 9.695   -12.919 -11.351 1.00 40.44  ? 146 HOH A O   1 
HETATM 1018 O O   . HOH C 2 .  ? -14.038 6.838   -8.607  1.00 49.04  ? 147 HOH A O   1 
HETATM 1019 O O   . HOH C 2 .  ? -7.656  -6.514  6.944   1.00 30.23  ? 148 HOH A O   1 
HETATM 1020 O O   . HOH C 2 .  ? 18.527  -14.119 -16.173 1.00 42.55  ? 149 HOH A O   1 
HETATM 1021 O O   . HOH C 2 .  ? -13.340 -4.797  -10.789 1.00 47.10  ? 150 HOH A O   1 
HETATM 1022 O O   . HOH C 2 .  ? 1.159   12.386  -7.285  1.00 40.61  ? 151 HOH A O   1 
HETATM 1023 O O   . HOH C 2 .  ? -15.972 -3.331  -6.412  1.00 49.64  ? 152 HOH A O   1 
HETATM 1024 O O   . HOH C 2 .  ? 18.936  -2.166  -18.758 1.00 43.05  ? 153 HOH A O   1 
HETATM 1025 O O   . HOH C 2 .  ? -9.057  8.514   6.564   1.00 39.55  ? 154 HOH A O   1 
HETATM 1026 O O   . HOH C 2 .  ? -14.364 10.305  3.235   1.00 42.35  ? 155 HOH A O   1 
HETATM 1027 O O   . HOH C 2 .  ? -8.633  2.252   -14.621 1.00 44.32  ? 156 HOH A O   1 
HETATM 1028 O O   . HOH C 2 .  ? -7.721  -9.755  7.870   1.00 36.29  ? 157 HOH A O   1 
HETATM 1029 O O   . HOH C 2 .  ? -23.007 5.045   7.096   1.00 49.16  ? 158 HOH A O   1 
HETATM 1030 O O   . HOH C 2 .  ? -13.904 9.795   -8.448  1.00 40.73  ? 159 HOH A O   1 
HETATM 1031 O O   . HOH C 2 .  ? -10.965 7.954   -13.924 1.00 42.70  ? 160 HOH A O   1 
HETATM 1032 O O   . HOH C 2 .  ? -14.708 -8.304  7.444   1.00 62.01  ? 161 HOH A O   1 
HETATM 1033 O O   . HOH C 2 .  ? 1.431   -5.774  -9.159  1.00 47.28  ? 162 HOH A O   1 
HETATM 1034 O O   . HOH C 2 .  ? -7.829  -12.029 -4.344  1.00 46.88  ? 163 HOH A O   1 
HETATM 1035 O O   . HOH C 2 .  ? 2.716   6.696   3.175   1.00 12.83  ? 164 HOH A O   1 
HETATM 1036 O O   . HOH C 2 .  ? -5.242  13.609  -4.408  1.00 29.82  ? 165 HOH A O   1 
HETATM 1037 O O   . HOH C 2 .  ? -18.823 8.013   6.488   1.00 33.95  ? 166 HOH A O   1 
HETATM 1038 O O   . HOH C 2 .  ? -15.539 8.530   5.509   1.00 28.22  ? 167 HOH A O   1 
HETATM 1039 O O   . HOH C 2 .  ? 18.761  -9.394  -16.797 1.00 43.73  ? 168 HOH A O   1 
HETATM 1040 O O   . HOH C 2 .  ? 5.130   -8.346  -12.421 1.00 52.18  ? 169 HOH A O   1 
HETATM 1041 O O   . HOH C 2 .  ? -10.786 5.716   -9.798  1.00 59.40  ? 170 HOH A O   1 
HETATM 1042 O O   . HOH C 2 .  ? 0.949   5.861   -13.337 1.00 38.40  ? 171 HOH A O   1 
HETATM 1043 O O   . HOH C 2 .  ? -12.777 9.614   -5.008  1.00 63.55  ? 172 HOH A O   1 
HETATM 1044 O O   . HOH C 2 .  ? -14.984 0.891   -8.428  1.00 35.30  ? 173 HOH A O   1 
HETATM 1045 O O   . HOH C 2 .  ? 6.168   -2.780  -16.631 1.00 45.59  ? 174 HOH A O   1 
HETATM 1046 O O   . HOH C 2 .  ? -0.394  12.391  3.720   1.00 41.92  ? 175 HOH A O   1 
HETATM 1047 O O   . HOH C 2 .  ? -6.934  3.910   -12.885 1.00 59.61  ? 176 HOH A O   1 
HETATM 1048 O O   . HOH C 2 .  ? -15.282 -6.055  -11.679 1.00 43.19  ? 177 HOH A O   1 
HETATM 1049 O O   . HOH C 2 .  ? 6.932   -7.787  -14.115 1.00 67.38  ? 178 HOH A O   1 
HETATM 1050 O O   . HOH C 2 .  ? 11.343  -15.330 -13.647 1.00 46.65  ? 179 HOH A O   1 
HETATM 1051 O O   . HOH C 2 .  ? -11.221 9.651   5.780   1.00 146.88 ? 180 HOH A O   1 
HETATM 1052 O O   . HOH C 2 .  ? -18.341 9.979   7.400   1.00 51.33  ? 181 HOH A O   1 
HETATM 1053 O O   . HOH C 2 .  ? -20.259 8.882   8.480   1.00 60.19  ? 182 HOH A O   1 
HETATM 1054 O O   . HOH C 2 .  ? -0.046  9.100   5.418   1.00 253.79 ? 183 HOH A O   1 
HETATM 1055 O O   . HOH C 2 .  ? -1.390  11.439  9.695   1.00 82.56  ? 184 HOH A O   1 
HETATM 1056 O O   . HOH C 2 .  ? -0.180  9.688   -1.352  1.00 228.55 ? 185 HOH A O   1 
HETATM 1057 O O   . HOH C 2 .  ? 2.430   12.997  -10.526 1.00 94.02  ? 186 HOH A O   1 
HETATM 1058 O O   . HOH C 2 .  ? -3.298  15.417  -3.932  1.00 86.13  ? 187 HOH A O   1 
HETATM 1059 O O   . HOH C 2 .  ? -10.338 11.410  -12.575 1.00 90.32  ? 188 HOH A O   1 
HETATM 1060 O O   . HOH C 2 .  ? 1.872   7.907   -9.623  1.00 85.89  ? 189 HOH A O   1 
HETATM 1061 O O   . HOH C 2 .  ? -5.079  4.919   -12.315 1.00 114.79 ? 190 HOH A O   1 
HETATM 1062 O O   . HOH D 2 .  ? 1.501   11.425  2.044   1.00 19.63  ? 66  HOH B O   1 
HETATM 1063 O O   . HOH D 2 .  ? 3.098   7.435   -4.790  1.00 20.78  ? 67  HOH B O   1 
HETATM 1064 O O   . HOH D 2 .  ? 7.685   11.410  5.846   1.00 29.37  ? 68  HOH B O   1 
HETATM 1065 O O   . HOH D 2 .  ? 4.460   13.135  -0.122  1.00 29.97  ? 69  HOH B O   1 
HETATM 1066 O O   . HOH D 2 .  ? 13.234  -5.422  6.827   1.00 32.09  ? 70  HOH B O   1 
HETATM 1067 O O   . HOH D 2 .  ? 13.978  6.551   6.639   1.00 30.43  ? 71  HOH B O   1 
HETATM 1068 O O   . HOH D 2 .  ? 16.410  -4.519  0.762   1.00 33.69  ? 72  HOH B O   1 
HETATM 1069 O O   . HOH D 2 .  ? 6.777   3.477   13.259  1.00 37.64  ? 73  HOH B O   1 
HETATM 1070 O O   . HOH D 2 .  ? 15.057  -6.687  5.462   1.00 39.07  ? 74  HOH B O   1 
HETATM 1071 O O   . HOH D 2 .  ? -17.937 -1.315  12.358  1.00 37.59  ? 75  HOH B O   1 
HETATM 1072 O O   . HOH D 2 .  ? 16.552  -0.450  10.272  1.00 58.21  ? 76  HOH B O   1 
HETATM 1073 O O   . HOH D 2 .  ? -1.677  -6.394  6.183   1.00 34.97  ? 77  HOH B O   1 
HETATM 1074 O O   . HOH D 2 .  ? 3.294   10.660  -3.547  1.00 27.79  ? 78  HOH B O   1 
HETATM 1075 O O   . HOH D 2 .  ? -2.089  5.754   7.724   1.00 25.36  ? 79  HOH B O   1 
HETATM 1076 O O   . HOH D 2 .  ? -2.240  -1.173  14.561  1.00 25.48  ? 80  HOH B O   1 
HETATM 1077 O O   . HOH D 2 .  ? -12.616 -10.891 9.921   1.00 32.38  ? 81  HOH B O   1 
HETATM 1078 O O   . HOH D 2 .  ? 3.707   12.712  3.450   1.00 24.27  ? 82  HOH B O   1 
HETATM 1079 O O   . HOH D 2 .  ? 6.257   12.714  3.872   1.00 26.77  ? 83  HOH B O   1 
HETATM 1080 O O   . HOH D 2 .  ? 5.427   -12.653 -4.962  1.00 30.76  ? 84  HOH B O   1 
HETATM 1081 O O   . HOH D 2 .  ? 17.780  6.388   6.459   1.00 46.38  ? 85  HOH B O   1 
HETATM 1082 O O   . HOH D 2 .  ? -0.817  -12.142 -9.221  1.00 35.62  ? 86  HOH B O   1 
HETATM 1083 O O   . HOH D 2 .  ? 9.126   -10.587 1.792   1.00 28.84  ? 87  HOH B O   1 
HETATM 1084 O O   . HOH D 2 .  ? 5.887   -6.901  -7.965  1.00 47.76  ? 88  HOH B O   1 
HETATM 1085 O O   . HOH D 2 .  ? -2.523  10.187  11.833  1.00 34.04  ? 89  HOH B O   1 
HETATM 1086 O O   . HOH D 2 .  ? 10.608  -11.120 5.998   1.00 46.33  ? 90  HOH B O   1 
HETATM 1087 O O   . HOH D 2 .  ? -0.916  9.838   7.535   1.00 36.04  ? 91  HOH B O   1 
HETATM 1088 O O   . HOH D 2 .  ? -3.840  -3.628  14.799  1.00 51.39  ? 92  HOH B O   1 
HETATM 1089 O O   . HOH D 2 .  ? 16.245  -6.040  2.930   1.00 54.44  ? 93  HOH B O   1 
HETATM 1090 O O   . HOH D 2 .  ? 0.844   11.355  8.309   1.00 43.05  ? 94  HOH B O   1 
HETATM 1091 O O   . HOH D 2 .  ? -9.867  -6.809  9.183   1.00 45.89  ? 95  HOH B O   1 
HETATM 1092 O O   . HOH D 2 .  ? -0.003  -2.587  14.134  1.00 46.80  ? 96  HOH B O   1 
HETATM 1093 O O   . HOH D 2 .  ? 12.656  8.756   10.132  1.00 42.06  ? 97  HOH B O   1 
HETATM 1094 O O   . HOH D 2 .  ? 6.988   12.729  -5.221  1.00 40.72  ? 98  HOH B O   1 
HETATM 1095 O O   . HOH D 2 .  ? 11.088  -12.461 8.198   1.00 58.01  ? 99  HOH B O   1 
HETATM 1096 O O   . HOH D 2 .  ? 11.049  2.318   12.061  1.00 42.57  ? 100 HOH B O   1 
HETATM 1097 O O   . HOH D 2 .  ? -2.730  -5.946  9.148   1.00 42.21  ? 101 HOH B O   1 
HETATM 1098 O O   . HOH D 2 .  ? 11.366  4.033   14.645  1.00 61.41  ? 102 HOH B O   1 
HETATM 1099 O O   . HOH D 2 .  ? 11.933  7.099   -6.462  1.00 43.84  ? 103 HOH B O   1 
HETATM 1100 O O   . HOH D 2 .  ? -7.611  -2.617  16.197  1.00 34.25  ? 104 HOH B O   1 
HETATM 1101 O O   . HOH D 2 .  ? 11.070  6.567   14.103  1.00 46.20  ? 105 HOH B O   1 
HETATM 1102 O O   . HOH D 2 .  ? 16.736  -4.785  5.402   1.00 67.99  ? 106 HOH B O   1 
HETATM 1103 O O   . HOH D 2 .  ? 17.581  -9.253  -2.671  1.00 44.55  ? 107 HOH B O   1 
HETATM 1104 O O   . HOH D 2 .  ? 11.989  8.685   12.916  1.00 56.72  ? 108 HOH B O   1 
HETATM 1105 O O   . HOH D 2 .  ? -1.312  7.549   -2.413  1.00 10.70  ? 109 HOH B O   1 
HETATM 1106 O O   . HOH D 2 .  ? 16.985  5.612   -4.944  1.00 30.93  ? 110 HOH B O   1 
HETATM 1107 O O   . HOH D 2 .  ? -20.375 -7.647  16.294  1.00 42.94  ? 111 HOH B O   1 
HETATM 1108 O O   . HOH D 2 .  ? 7.945   12.433  8.097   1.00 39.92  ? 112 HOH B O   1 
HETATM 1109 O O   . HOH D 2 .  ? 22.072  -2.114  -8.586  1.00 47.91  ? 113 HOH B O   1 
HETATM 1110 O O   . HOH D 2 .  ? -18.565 0.047   14.463  1.00 41.91  ? 114 HOH B O   1 
HETATM 1111 O O   . HOH D 2 .  ? 15.021  1.583   9.182   1.00 54.36  ? 115 HOH B O   1 
HETATM 1112 O O   . HOH D 2 .  ? -16.158 1.624   16.305  1.00 48.39  ? 116 HOH B O   1 
HETATM 1113 O O   . HOH D 2 .  ? -2.701  3.869   8.080   1.00 448.28 ? 117 HOH B O   1 
HETATM 1114 O O   . HOH D 2 .  ? 0.302   13.362  6.673   1.00 68.12  ? 118 HOH B O   1 
HETATM 1115 O O   . HOH D 2 .  ? 3.024   12.511  7.880   1.00 82.31  ? 119 HOH B O   1 
HETATM 1116 O O   . HOH D 2 .  ? 2.482   13.982  5.541   1.00 65.04  ? 120 HOH B O   1 
HETATM 1117 O O   . HOH D 2 .  ? 5.137   14.988  4.569   1.00 74.22  ? 121 HOH B O   1 
HETATM 1118 O O   . HOH D 2 .  ? 3.467   7.978   2.834   1.00 340.45 ? 122 HOH B O   1 
HETATM 1119 O O   . HOH D 2 .  ? 5.177   2.732   15.354  1.00 62.13  ? 123 HOH B O   1 
HETATM 1120 O O   . HOH D 2 .  ? -2.010  8.157   13.574  1.00 148.65 ? 124 HOH B O   1 
# 
